data_2VLY
# 
_entry.id   2VLY 
# 
_audit_conform.dict_name       mmcif_pdbx.dic 
_audit_conform.dict_version    5.382 
_audit_conform.dict_location   http://mmcif.pdb.org/dictionaries/ascii/mmcif_pdbx.dic 
# 
loop_
_database_2.database_id 
_database_2.database_code 
_database_2.pdbx_database_accession 
_database_2.pdbx_DOI 
PDB   2VLY         pdb_00002vly 10.2210/pdb2vly/pdb 
PDBE  EBI-35072    ?            ?                   
WWPDB D_1290035072 ?            ?                   
# 
loop_
_pdbx_database_related.db_name 
_pdbx_database_related.db_id 
_pdbx_database_related.content_type 
_pdbx_database_related.details 
PDB 2IN4 unspecified 'CRYSTAL STRUCTURE OF MYOGLOBIN WITH CHARGE NEUTRALIZED HEME, ZNDMB-DME'                                    
PDB 1BJE unspecified 'H64T VARIANT OF MYOGLOBIN (HORSE HEART) RECOMBINANT WILD- TYPE COMPLEXED WITH AZIDE'                       
PDB 1HSY unspecified 'MYOGLOBIN MUTANT WITH HIS 64 REPLACED BY THR (H64T)'                                                       
PDB 1RSE unspecified 'MYOGLOBIN (HORSE HEART) MUTANT WITH SER 92 REPLACED BY ASP (S92D)'                                         
PDB 2VM0 unspecified 'CRYSTAL STRUCTURE OF RADIATION-INDUCED MYOGLOBIN COMPOUND II GENERATED AFTER ANNEALING OF PEROXYMYOGLOBIN' 
PDB 2FRJ unspecified 'NITROSYL HORSE HEART MYOGLOBIN, NITRITE/ DITHIONITE METHOD'                                                
PDB 1WLA unspecified 'MYOGLOBIN (HORSE HEART) RECOMBINANT WILD-TYPE'                                                             
PDB 1YMC unspecified 'CYANOMET-SULFMYOGLOBIN (HORSE HEART)'                                                                      
PDB 1NZ4 unspecified 'THE HORSE HEART MYOGLOBIN VARIANT K45E/K63E COMPLEXED WITHCADMIUM'                                         
PDB 1DWR unspecified 'MYOGLOBIN (HORSE HEART) WILD-TYPE COMPLEXED WITH CO'                                                       
PDB 1YMB unspecified 'METMYOGLOBIN (HORSE HEART)'                                                                                
PDB 2FRF unspecified 'HORSE HEART MYOGLOBIN, NITRITE ADDUCT, CRYSTAL SOAK'                                                       
PDB 2V1H unspecified 'CRYSTAL STRUCTURE OF RADIATION-INDUCED METMYOGLOBIN - AQUA FERROUS MYOGLOBIN AT PH 5.2'                    
PDB 2FRI unspecified 'HORSE HEART MYOGLOBIN, NITRITE ADDUCT, CO- CRYSTALLIZED'                                                   
PDB 1HRM unspecified 'MYOGLOBIN MUTANT WITH HIS 93 REPLACED BY TYR (H93Y)'                                                       
PDB 1AZI unspecified 'MYOGLOBIN (HORSE HEART) RECOMBINANT WILD-TYPE COMPLEXED WITH AZIDE'                                        
PDB 1NZ3 unspecified 'K45E-K63E VARIANT OF HORSE HEART MYOGLOBIN'                                                                
PDB 2VLX unspecified 'CRYSTAL STRUCTURE OF PEROXYMYOGLOBIN GENERATED BY CRYORADIOLYTIC REDUCTION OF MYOGLOBIN COMPOUND III'      
PDB 2V1F unspecified 'CRYSTAL STRUCTURE OF RADIATION-INDUCED MYOGLOBIN COMPOUND II - INTERMEDIATE H AT PH 8.7'                   
PDB 2V1I unspecified 'CRYSTAL STRUCTURE OF RADIATION-INDUCED METMYOGLOBIN - AQUA FERROUS MYOGLOBIN AT PH 6.8'                    
PDB 1DWS unspecified 'MYOGLOBIN (HORSE HEART) WILD-TYPE COMPLEXED WITH CO'                                                       
PDB 1NPG unspecified 'MYOGLOBIN (HORSE HEART) WILD-TYPE COMPLEXED WITHNITROSOETHANE'                                             
PDB 2V1G unspecified 'CRYSTAL STRUCTURE OF RADIATION-INDUCED MYOGLOBIN COMPOUND II - INTERMEDIATE H AT PH 5.2'                   
PDB 1NZ5 unspecified 'THE HORSE HEART MYOGLOBIN VARIANT K45E/K63E COMPLEXED WITHMANGANESE'                                       
PDB 2V1K unspecified 'CRYSTAL STRUCTURE OF FERROUS DEOXYMYOGLOBIN AT PH 6.8'                                                     
PDB 1NPF unspecified 'MYOGLOBIN (HORSE HEART) WILD-TYPE COMPLEXED WITH NITRICOXIDE'                                              
PDB 1NZ2 unspecified 'K45E VARIANT OF HORSE HEART MYOGLOBIN'                                                                     
PDB 1DWT unspecified 'PHOTORELAXED HORSE HEART MYOGLOBIN CO COMPLEX'                                                             
PDB 2FRK unspecified 'NITROSYL HORSE HEART MYOGLOBIN, NITRIC OXIDE GAS METHOD'                                                   
PDB 1XCH unspecified 'MYOGLOBIN (HORSE HEART) MUTANT WITH LEU 104 REPLACED BY ASN (L104N)'                                       
PDB 1YMA unspecified 'MYOGLOBIN (HORSE HEART) MUTANT WITH HIS 64 REPLACED BY TYR (H64Y)'                                         
PDB 1GJN unspecified 'HYDROGEN PEROXIDE DERIVED MYOGLOBIN COMPOUND II AT PH 5.2'                                                 
PDB 2VLZ unspecified 'CRYSTAL STRUCTURE OF PEROXYMYOGLOBIN GENERATED BY CRYORADIOLYTIC REDUCTION OF MYOGLOBIN COMPOUND III'      
PDB 2V1J unspecified 'CRYSTAL STRUCTURE OF RADIATION-INDUCED METMYOGLOBIN - AQUA FERROUS MYOGLOBIN AT PH 8.7'                    
PDB 2V1E unspecified 'CRYSTAL STRUCTURE OF RADIATION-INDUCED MYOGLOBIN COMPOUND II - INTERMEDIATE H AT PH 6.8'                   
# 
_pdbx_database_status.status_code                     REL 
_pdbx_database_status.entry_id                        2VLY 
_pdbx_database_status.deposit_site                    PDBE 
_pdbx_database_status.process_site                    PDBE 
_pdbx_database_status.SG_entry                        . 
_pdbx_database_status.recvd_initial_deposition_date   2008-01-20 
_pdbx_database_status.pdb_format_compatible           Y 
_pdbx_database_status.status_code_sf                  REL 
_pdbx_database_status.status_code_mr                  ? 
_pdbx_database_status.status_code_cs                  ? 
_pdbx_database_status.methods_development_category    ? 
_pdbx_database_status.status_code_nmr_data            ? 
# 
loop_
_audit_author.name 
_audit_author.pdbx_ordinal 
'Hersleth, H.-P.' 1 
'Gorbitz, C.H.'   2 
'Andersson, K.K.' 3 
# 
loop_
_citation.id 
_citation.title 
_citation.journal_abbrev 
_citation.journal_volume 
_citation.page_first 
_citation.page_last 
_citation.year 
_citation.journal_id_ASTM 
_citation.country 
_citation.journal_id_ISSN 
_citation.journal_id_CSD 
_citation.book_publisher 
_citation.pdbx_database_id_PubMed 
_citation.pdbx_database_id_DOI 
primary 
;The Crystal Structure of Peroxymyoglobin Generated Through Cryoradiolytic Reduction of Myoglobin Compound III During Data Collection.
;
Biochem.J.         412 257 ? 2008 BIJOAK UK 0264-6021 0043 ? 18215120 10.1042/BJ20070921    
1       'An Iron Hydroxide Moiety in the 1.35 A Resolution Structure of Hydrogen Peroxide Derived Myoglobin Compound II at Ph 5.2' 
J.Biol.Inorg.Chem. 7   299 ? 2002 JJBCFA GW 0949-8257 2154 ? 11935353 10.1007/S007750100296 
# 
loop_
_citation_author.citation_id 
_citation_author.name 
_citation_author.ordinal 
_citation_author.identifier_ORCID 
primary 'Hersleth, H.-P.' 1 ? 
primary 'Hsiao, Y.'       2 ? 
primary 'Ryde, U.'        3 ? 
primary 'Gorbitz, C.H.'   4 ? 
primary 'Andersson, K.K.' 5 ? 
1       'Hersleth, H.-P.' 6 ? 
1       'Dalhus, B.'      7 ? 
1       'Gorbitz, C.H.'   8 ? 
1       'Andersson, K.K.' 9 ? 
# 
_cell.entry_id           2VLY 
_cell.length_a           63.760 
_cell.length_b           28.730 
_cell.length_c           35.440 
_cell.angle_alpha        90.00 
_cell.angle_beta         105.83 
_cell.angle_gamma        90.00 
_cell.Z_PDB              2 
_cell.pdbx_unique_axis   ? 
# 
_symmetry.entry_id                         2VLY 
_symmetry.space_group_name_H-M             'P 1 21 1' 
_symmetry.pdbx_full_space_group_name_H-M   ? 
_symmetry.cell_setting                     ? 
_symmetry.Int_Tables_number                4 
# 
loop_
_entity.id 
_entity.type 
_entity.src_method 
_entity.pdbx_description 
_entity.formula_weight 
_entity.pdbx_number_of_molecules 
_entity.pdbx_ec 
_entity.pdbx_mutation 
_entity.pdbx_fragment 
_entity.details 
1 polymer     nat MYOGLOBIN                         16983.514 1   ? ? 'RESIDUES 2-154' 'FE(III)OO- / FE(II)OO' 
2 non-polymer syn 'PROTOPORPHYRIN IX CONTAINING FE' 616.487   1   ? ? ?                ?                       
3 non-polymer syn 'OXYGEN MOLECULE'                 31.999    1   ? ? ?                ?                       
4 non-polymer syn 'SULFATE ION'                     96.063    2   ? ? ?                ?                       
5 non-polymer syn GLYCEROL                          92.094    2   ? ? ?                ?                       
6 non-polymer syn 'HYDROGEN PEROXIDE'               34.015    2   ? ? ?                ?                       
7 water       nat water                             18.015    161 ? ? ?                ?                       
# 
_entity_poly.entity_id                      1 
_entity_poly.type                           'polypeptide(L)' 
_entity_poly.nstd_linkage                   no 
_entity_poly.nstd_monomer                   no 
_entity_poly.pdbx_seq_one_letter_code       
;GLSDGEWQQVLNVWGKVEADIAGHGQEVLIRLFTGHPETLEKFDKFKHLKTEAEMKASEDLKKHGTVVLTALGGILKKKG
HHEAELKPLAQSHATKHKIPIKYLEFISDAIIHVLHSKHPGDFGADAQGAMTKALELFRNDIAAKYKELGFQG
;
_entity_poly.pdbx_seq_one_letter_code_can   
;GLSDGEWQQVLNVWGKVEADIAGHGQEVLIRLFTGHPETLEKFDKFKHLKTEAEMKASEDLKKHGTVVLTALGGILKKKG
HHEAELKPLAQSHATKHKIPIKYLEFISDAIIHVLHSKHPGDFGADAQGAMTKALELFRNDIAAKYKELGFQG
;
_entity_poly.pdbx_strand_id                 A 
_entity_poly.pdbx_target_identifier         ? 
# 
loop_
_entity_poly_seq.entity_id 
_entity_poly_seq.num 
_entity_poly_seq.mon_id 
_entity_poly_seq.hetero 
1 1   GLY n 
1 2   LEU n 
1 3   SER n 
1 4   ASP n 
1 5   GLY n 
1 6   GLU n 
1 7   TRP n 
1 8   GLN n 
1 9   GLN n 
1 10  VAL n 
1 11  LEU n 
1 12  ASN n 
1 13  VAL n 
1 14  TRP n 
1 15  GLY n 
1 16  LYS n 
1 17  VAL n 
1 18  GLU n 
1 19  ALA n 
1 20  ASP n 
1 21  ILE n 
1 22  ALA n 
1 23  GLY n 
1 24  HIS n 
1 25  GLY n 
1 26  GLN n 
1 27  GLU n 
1 28  VAL n 
1 29  LEU n 
1 30  ILE n 
1 31  ARG n 
1 32  LEU n 
1 33  PHE n 
1 34  THR n 
1 35  GLY n 
1 36  HIS n 
1 37  PRO n 
1 38  GLU n 
1 39  THR n 
1 40  LEU n 
1 41  GLU n 
1 42  LYS n 
1 43  PHE n 
1 44  ASP n 
1 45  LYS n 
1 46  PHE n 
1 47  LYS n 
1 48  HIS n 
1 49  LEU n 
1 50  LYS n 
1 51  THR n 
1 52  GLU n 
1 53  ALA n 
1 54  GLU n 
1 55  MET n 
1 56  LYS n 
1 57  ALA n 
1 58  SER n 
1 59  GLU n 
1 60  ASP n 
1 61  LEU n 
1 62  LYS n 
1 63  LYS n 
1 64  HIS n 
1 65  GLY n 
1 66  THR n 
1 67  VAL n 
1 68  VAL n 
1 69  LEU n 
1 70  THR n 
1 71  ALA n 
1 72  LEU n 
1 73  GLY n 
1 74  GLY n 
1 75  ILE n 
1 76  LEU n 
1 77  LYS n 
1 78  LYS n 
1 79  LYS n 
1 80  GLY n 
1 81  HIS n 
1 82  HIS n 
1 83  GLU n 
1 84  ALA n 
1 85  GLU n 
1 86  LEU n 
1 87  LYS n 
1 88  PRO n 
1 89  LEU n 
1 90  ALA n 
1 91  GLN n 
1 92  SER n 
1 93  HIS n 
1 94  ALA n 
1 95  THR n 
1 96  LYS n 
1 97  HIS n 
1 98  LYS n 
1 99  ILE n 
1 100 PRO n 
1 101 ILE n 
1 102 LYS n 
1 103 TYR n 
1 104 LEU n 
1 105 GLU n 
1 106 PHE n 
1 107 ILE n 
1 108 SER n 
1 109 ASP n 
1 110 ALA n 
1 111 ILE n 
1 112 ILE n 
1 113 HIS n 
1 114 VAL n 
1 115 LEU n 
1 116 HIS n 
1 117 SER n 
1 118 LYS n 
1 119 HIS n 
1 120 PRO n 
1 121 GLY n 
1 122 ASP n 
1 123 PHE n 
1 124 GLY n 
1 125 ALA n 
1 126 ASP n 
1 127 ALA n 
1 128 GLN n 
1 129 GLY n 
1 130 ALA n 
1 131 MET n 
1 132 THR n 
1 133 LYS n 
1 134 ALA n 
1 135 LEU n 
1 136 GLU n 
1 137 LEU n 
1 138 PHE n 
1 139 ARG n 
1 140 ASN n 
1 141 ASP n 
1 142 ILE n 
1 143 ALA n 
1 144 ALA n 
1 145 LYS n 
1 146 TYR n 
1 147 LYS n 
1 148 GLU n 
1 149 LEU n 
1 150 GLY n 
1 151 PHE n 
1 152 GLN n 
1 153 GLY n 
# 
_entity_src_nat.entity_id                  1 
_entity_src_nat.pdbx_src_id                1 
_entity_src_nat.pdbx_alt_source_flag       sample 
_entity_src_nat.pdbx_beg_seq_num           ? 
_entity_src_nat.pdbx_end_seq_num           ? 
_entity_src_nat.common_name                HORSE 
_entity_src_nat.pdbx_organism_scientific   'EQUUS CABALLUS' 
_entity_src_nat.pdbx_ncbi_taxonomy_id      9796 
_entity_src_nat.genus                      ? 
_entity_src_nat.species                    ? 
_entity_src_nat.strain                     ? 
_entity_src_nat.tissue                     ? 
_entity_src_nat.tissue_fraction            ? 
_entity_src_nat.pdbx_secretion             ? 
_entity_src_nat.pdbx_fragment              ? 
_entity_src_nat.pdbx_variant               ? 
_entity_src_nat.pdbx_cell_line             ? 
_entity_src_nat.pdbx_atcc                  ? 
_entity_src_nat.pdbx_cellular_location     ? 
_entity_src_nat.pdbx_organ                 HEART 
_entity_src_nat.pdbx_organelle             ? 
_entity_src_nat.pdbx_cell                  ? 
_entity_src_nat.pdbx_plasmid_name          ? 
_entity_src_nat.pdbx_plasmid_details       ? 
_entity_src_nat.details                    ? 
# 
_struct_ref.id                         1 
_struct_ref.db_name                    UNP 
_struct_ref.db_code                    MYG_HORSE 
_struct_ref.entity_id                  1 
_struct_ref.pdbx_seq_one_letter_code   ? 
_struct_ref.pdbx_align_begin           ? 
_struct_ref.pdbx_db_accession          P68082 
_struct_ref.pdbx_db_isoform            ? 
# 
_struct_ref_seq.align_id                      1 
_struct_ref_seq.ref_id                        1 
_struct_ref_seq.pdbx_PDB_id_code              2VLY 
_struct_ref_seq.pdbx_strand_id                A 
_struct_ref_seq.seq_align_beg                 1 
_struct_ref_seq.pdbx_seq_align_beg_ins_code   ? 
_struct_ref_seq.seq_align_end                 153 
_struct_ref_seq.pdbx_seq_align_end_ins_code   ? 
_struct_ref_seq.pdbx_db_accession             P68082 
_struct_ref_seq.db_align_beg                  2 
_struct_ref_seq.pdbx_db_align_beg_ins_code    ? 
_struct_ref_seq.db_align_end                  154 
_struct_ref_seq.pdbx_db_align_end_ins_code    ? 
_struct_ref_seq.pdbx_auth_seq_align_beg       1 
_struct_ref_seq.pdbx_auth_seq_align_end       153 
# 
loop_
_chem_comp.id 
_chem_comp.type 
_chem_comp.mon_nstd_flag 
_chem_comp.name 
_chem_comp.pdbx_synonyms 
_chem_comp.formula 
_chem_comp.formula_weight 
ALA 'L-peptide linking' y ALANINE                           ?                               'C3 H7 N O2'       89.093  
ARG 'L-peptide linking' y ARGININE                          ?                               'C6 H15 N4 O2 1'   175.209 
ASN 'L-peptide linking' y ASPARAGINE                        ?                               'C4 H8 N2 O3'      132.118 
ASP 'L-peptide linking' y 'ASPARTIC ACID'                   ?                               'C4 H7 N O4'       133.103 
GLN 'L-peptide linking' y GLUTAMINE                         ?                               'C5 H10 N2 O3'     146.144 
GLU 'L-peptide linking' y 'GLUTAMIC ACID'                   ?                               'C5 H9 N O4'       147.129 
GLY 'peptide linking'   y GLYCINE                           ?                               'C2 H5 N O2'       75.067  
GOL non-polymer         . GLYCEROL                          'GLYCERIN; PROPANE-1,2,3-TRIOL' 'C3 H8 O3'         92.094  
HEM non-polymer         . 'PROTOPORPHYRIN IX CONTAINING FE' HEME                            'C34 H32 Fe N4 O4' 616.487 
HIS 'L-peptide linking' y HISTIDINE                         ?                               'C6 H10 N3 O2 1'   156.162 
HOH non-polymer         . WATER                             ?                               'H2 O'             18.015  
ILE 'L-peptide linking' y ISOLEUCINE                        ?                               'C6 H13 N O2'      131.173 
LEU 'L-peptide linking' y LEUCINE                           ?                               'C6 H13 N O2'      131.173 
LYS 'L-peptide linking' y LYSINE                            ?                               'C6 H15 N2 O2 1'   147.195 
MET 'L-peptide linking' y METHIONINE                        ?                               'C5 H11 N O2 S'    149.211 
OXY non-polymer         . 'OXYGEN MOLECULE'                 ?                               O2                 31.999  
PEO non-polymer         . 'HYDROGEN PEROXIDE'               ?                               'H2 O2'            34.015  
PHE 'L-peptide linking' y PHENYLALANINE                     ?                               'C9 H11 N O2'      165.189 
PRO 'L-peptide linking' y PROLINE                           ?                               'C5 H9 N O2'       115.130 
SER 'L-peptide linking' y SERINE                            ?                               'C3 H7 N O3'       105.093 
SO4 non-polymer         . 'SULFATE ION'                     ?                               'O4 S -2'          96.063  
THR 'L-peptide linking' y THREONINE                         ?                               'C4 H9 N O3'       119.119 
TRP 'L-peptide linking' y TRYPTOPHAN                        ?                               'C11 H12 N2 O2'    204.225 
TYR 'L-peptide linking' y TYROSINE                          ?                               'C9 H11 N O3'      181.189 
VAL 'L-peptide linking' y VALINE                            ?                               'C5 H11 N O2'      117.146 
# 
_exptl.entry_id          2VLY 
_exptl.method            'X-RAY DIFFRACTION' 
_exptl.crystals_number   1 
# 
_exptl_crystal.id                    1 
_exptl_crystal.density_meas          ? 
_exptl_crystal.density_Matthews      1.5 
_exptl_crystal.density_percent_sol   33.09 
_exptl_crystal.description           NONE 
# 
_exptl_crystal_grow.crystal_id      1 
_exptl_crystal_grow.method          ? 
_exptl_crystal_grow.temp            ? 
_exptl_crystal_grow.temp_details    ? 
_exptl_crystal_grow.pH              6.8 
_exptl_crystal_grow.pdbx_pH_range   ? 
_exptl_crystal_grow.pdbx_details    
;CRYSTALLIZATION CONDITIONS: BATCH METHOD: 6-12 MG/ML MYOGLOBIN, 80-85% OF THE CRYSTALLIZATION STOCK-SOLUTION (3.9 M AMMONIUM SULPHATE, 0.1 M MOPS, 5-10% OF GLYCEROL PH 6.8)
;
# 
_diffrn.id                     1 
_diffrn.ambient_temp           100 
_diffrn.ambient_temp_details   ? 
_diffrn.crystal_id             1 
# 
_diffrn_detector.diffrn_id              1 
_diffrn_detector.detector               'IMAGE PLATE' 
_diffrn_detector.type                   MARRESEARCH 
_diffrn_detector.pdbx_collection_date   2007-11-17 
_diffrn_detector.details                ? 
# 
_diffrn_radiation.diffrn_id                        1 
_diffrn_radiation.wavelength_id                    1 
_diffrn_radiation.pdbx_monochromatic_or_laue_m_l   M 
_diffrn_radiation.monochromator                    ? 
_diffrn_radiation.pdbx_diffrn_protocol             'SINGLE WAVELENGTH' 
_diffrn_radiation.pdbx_scattering_type             x-ray 
# 
_diffrn_radiation_wavelength.id           1 
_diffrn_radiation_wavelength.wavelength   0.8000 
_diffrn_radiation_wavelength.wt           1.0 
# 
_diffrn_source.diffrn_id                   1 
_diffrn_source.source                      SYNCHROTRON 
_diffrn_source.type                        'ESRF BEAMLINE BM1A' 
_diffrn_source.pdbx_synchrotron_site       ESRF 
_diffrn_source.pdbx_synchrotron_beamline   BM1A 
_diffrn_source.pdbx_wavelength             0.8000 
_diffrn_source.pdbx_wavelength_list        ? 
# 
_reflns.pdbx_diffrn_id               1 
_reflns.pdbx_ordinal                 1 
_reflns.entry_id                     2VLY 
_reflns.observed_criterion_sigma_I   0.0 
_reflns.observed_criterion_sigma_F   ? 
_reflns.d_resolution_low             21.97 
_reflns.d_resolution_high            1.50 
_reflns.number_obs                   16256 
_reflns.number_all                   ? 
_reflns.percent_possible_obs         98.1 
_reflns.pdbx_Rmerge_I_obs            0.08 
_reflns.pdbx_Rsym_value              ? 
_reflns.pdbx_netI_over_sigmaI        6.74 
_reflns.B_iso_Wilson_estimate        ? 
_reflns.pdbx_redundancy              2.74 
# 
_reflns_shell.pdbx_diffrn_id         1 
_reflns_shell.pdbx_ordinal           1 
_reflns_shell.d_res_high             1.60 
_reflns_shell.d_res_low              1.69 
_reflns_shell.percent_possible_all   99.5 
_reflns_shell.Rmerge_I_obs           0.45 
_reflns_shell.pdbx_Rsym_value        ? 
_reflns_shell.meanI_over_sigI_obs    1.14 
_reflns_shell.pdbx_redundancy        2.73 
# 
_refine.pdbx_refine_id                           'X-RAY DIFFRACTION' 
_refine.entry_id                                 2VLY 
_refine.pdbx_diffrn_id                           1 
_refine.pdbx_TLS_residual_ADP_flag               ? 
_refine.ls_number_reflns_obs                     15416 
_refine.ls_number_reflns_all                     ? 
_refine.pdbx_ls_sigma_I                          ? 
_refine.pdbx_ls_sigma_F                          ? 
_refine.pdbx_data_cutoff_high_absF               ? 
_refine.pdbx_data_cutoff_low_absF                ? 
_refine.pdbx_data_cutoff_high_rms_absF           ? 
_refine.ls_d_res_low                             21.94 
_refine.ls_d_res_high                            1.60 
_refine.ls_percent_reflns_obs                    97.5 
_refine.ls_R_factor_obs                          0.169 
_refine.ls_R_factor_all                          ? 
_refine.ls_R_factor_R_work                       0.167 
_refine.ls_R_factor_R_free                       0.209 
_refine.ls_R_factor_R_free_error                 ? 
_refine.ls_R_factor_R_free_error_details         ? 
_refine.ls_percent_reflns_R_free                 4.800 
_refine.ls_number_reflns_R_free                  785 
_refine.ls_number_parameters                     ? 
_refine.ls_number_restraints                     ? 
_refine.occupancy_min                            ? 
_refine.occupancy_max                            ? 
_refine.correlation_coeff_Fo_to_Fc               0.965 
_refine.correlation_coeff_Fo_to_Fc_free          0.940 
_refine.B_iso_mean                               16.96 
_refine.aniso_B[1][1]                            -0.17000 
_refine.aniso_B[2][2]                            0.23000 
_refine.aniso_B[3][3]                            -0.01000 
_refine.aniso_B[1][2]                            0.00000 
_refine.aniso_B[1][3]                            0.09000 
_refine.aniso_B[2][3]                            0.00000 
_refine.solvent_model_details                    MASK 
_refine.solvent_model_param_ksol                 ? 
_refine.solvent_model_param_bsol                 ? 
_refine.pdbx_solvent_vdw_probe_radii             1.40 
_refine.pdbx_solvent_ion_probe_radii             0.80 
_refine.pdbx_solvent_shrinkage_radii             0.80 
_refine.pdbx_ls_cross_valid_method               THROUGHOUT 
_refine.details                                  
;HYDROGENS HAVE BEEN ADDED IN THE RIDING POSITIONS. THIS STRUCTURE IS FIRST OF THREE DATASETS COLLECTED ON THE SAME CRYSTAL AS 2VLZ AND 2VM0.
;
_refine.pdbx_starting_model                      'PDB ENTRY 1GJN' 
_refine.pdbx_method_to_determine_struct          'MOLECULAR REPLACEMENT' 
_refine.pdbx_isotropic_thermal_model             ? 
_refine.pdbx_stereochemistry_target_values       'MAXIMUM LIKELIHOOD' 
_refine.pdbx_stereochem_target_val_spec_case     ? 
_refine.pdbx_R_Free_selection_details            RANDOM 
_refine.pdbx_overall_ESU_R                       0.108 
_refine.pdbx_overall_ESU_R_Free                  0.106 
_refine.overall_SU_ML                            0.071 
_refine.pdbx_overall_phase_error                 ? 
_refine.overall_SU_B                             4.394 
_refine.overall_SU_R_Cruickshank_DPI             ? 
_refine.pdbx_overall_SU_R_free_Cruickshank_DPI   ? 
_refine.pdbx_overall_SU_R_Blow_DPI               ? 
_refine.pdbx_overall_SU_R_free_Blow_DPI          ? 
# 
_refine_hist.pdbx_refine_id                   'X-RAY DIFFRACTION' 
_refine_hist.cycle_id                         LAST 
_refine_hist.pdbx_number_atoms_protein        1199 
_refine_hist.pdbx_number_atoms_nucleic_acid   0 
_refine_hist.pdbx_number_atoms_ligand         71 
_refine_hist.number_atoms_solvent             161 
_refine_hist.number_atoms_total               1431 
_refine_hist.d_res_high                       1.60 
_refine_hist.d_res_low                        21.94 
# 
loop_
_refine_ls_restr.type 
_refine_ls_restr.dev_ideal 
_refine_ls_restr.dev_ideal_target 
_refine_ls_restr.weight 
_refine_ls_restr.number 
_refine_ls_restr.pdbx_refine_id 
_refine_ls_restr.pdbx_restraint_function 
r_bond_refined_d             0.056  0.053  ? 1369 'X-RAY DIFFRACTION' ? 
r_bond_other_d               ?      ?      ? ?    'X-RAY DIFFRACTION' ? 
r_angle_refined_deg          1.248  2.009  ? 1823 'X-RAY DIFFRACTION' ? 
r_angle_other_deg            ?      ?      ? ?    'X-RAY DIFFRACTION' ? 
r_dihedral_angle_1_deg       4.443  5.000  ? 164  'X-RAY DIFFRACTION' ? 
r_dihedral_angle_2_deg       34.754 25.185 ? 54   'X-RAY DIFFRACTION' ? 
r_dihedral_angle_3_deg       12.623 15.000 ? 239  'X-RAY DIFFRACTION' ? 
r_dihedral_angle_4_deg       17.109 15.000 ? 2    'X-RAY DIFFRACTION' ? 
r_chiral_restr               0.080  0.200  ? 188  'X-RAY DIFFRACTION' ? 
r_gen_planes_refined         0.006  0.020  ? 1001 'X-RAY DIFFRACTION' ? 
r_gen_planes_other           ?      ?      ? ?    'X-RAY DIFFRACTION' ? 
r_nbd_refined                0.201  0.200  ? 717  'X-RAY DIFFRACTION' ? 
r_nbd_other                  ?      ?      ? ?    'X-RAY DIFFRACTION' ? 
r_nbtor_refined              0.302  0.200  ? 920  'X-RAY DIFFRACTION' ? 
r_nbtor_other                ?      ?      ? ?    'X-RAY DIFFRACTION' ? 
r_xyhbond_nbd_refined        0.169  0.200  ? 128  'X-RAY DIFFRACTION' ? 
r_xyhbond_nbd_other          ?      ?      ? ?    'X-RAY DIFFRACTION' ? 
r_metal_ion_refined          ?      ?      ? ?    'X-RAY DIFFRACTION' ? 
r_metal_ion_other            ?      ?      ? ?    'X-RAY DIFFRACTION' ? 
r_symmetry_vdw_refined       0.194  0.200  ? 78   'X-RAY DIFFRACTION' ? 
r_symmetry_vdw_other         ?      ?      ? ?    'X-RAY DIFFRACTION' ? 
r_symmetry_hbond_refined     0.161  0.200  ? 28   'X-RAY DIFFRACTION' ? 
r_symmetry_hbond_other       ?      ?      ? ?    'X-RAY DIFFRACTION' ? 
r_symmetry_metal_ion_refined ?      ?      ? ?    'X-RAY DIFFRACTION' ? 
r_symmetry_metal_ion_other   ?      ?      ? ?    'X-RAY DIFFRACTION' ? 
r_mcbond_it                  0.731  1.500  ? 812  'X-RAY DIFFRACTION' ? 
r_mcbond_other               ?      ?      ? ?    'X-RAY DIFFRACTION' ? 
r_mcangle_it                 1.164  2.000  ? 1266 'X-RAY DIFFRACTION' ? 
r_mcangle_other              ?      ?      ? ?    'X-RAY DIFFRACTION' ? 
r_scbond_it                  1.950  3.000  ? 608  'X-RAY DIFFRACTION' ? 
r_scbond_other               ?      ?      ? ?    'X-RAY DIFFRACTION' ? 
r_scangle_it                 2.985  4.500  ? 557  'X-RAY DIFFRACTION' ? 
r_scangle_other              ?      ?      ? ?    'X-RAY DIFFRACTION' ? 
r_long_range_B_refined       ?      ?      ? ?    'X-RAY DIFFRACTION' ? 
r_long_range_B_other         ?      ?      ? ?    'X-RAY DIFFRACTION' ? 
r_rigid_bond_restr           ?      ?      ? ?    'X-RAY DIFFRACTION' ? 
r_sphericity_free            ?      ?      ? ?    'X-RAY DIFFRACTION' ? 
r_sphericity_bonded          ?      ?      ? ?    'X-RAY DIFFRACTION' ? 
# 
_refine_ls_shell.pdbx_refine_id                   'X-RAY DIFFRACTION' 
_refine_ls_shell.pdbx_total_number_of_bins_used   20 
_refine_ls_shell.d_res_high                       1.60 
_refine_ls_shell.d_res_low                        1.64 
_refine_ls_shell.number_reflns_R_work             1117 
_refine_ls_shell.R_factor_R_work                  0.2180 
_refine_ls_shell.percent_reflns_obs               ? 
_refine_ls_shell.R_factor_R_free                  0.2860 
_refine_ls_shell.R_factor_R_free_error            ? 
_refine_ls_shell.percent_reflns_R_free            ? 
_refine_ls_shell.number_reflns_R_free             49 
_refine_ls_shell.number_reflns_all                ? 
_refine_ls_shell.R_factor_all                     ? 
# 
_struct.entry_id                  2VLY 
_struct.title                     'Crystal structure of myoglobin compound III (radiation-induced)' 
_struct.pdbx_model_details        ? 
_struct.pdbx_CASP_flag            ? 
_struct.pdbx_model_type_details   ? 
# 
_struct_keywords.entry_id        2VLY 
_struct_keywords.pdbx_keywords   'OXYGEN TRANSPORT' 
_struct_keywords.text            
;OXYGEN STORAGE-TRANSPORT COMPLEX, HAEM, IRON, HEME, FERRYL, TRANSPORT, PEROXIDASE, OXYGEN TRANSPORT, OXYGEN ACTIVATION, RADIOLYTIC- REDUCTION, REACTION INTERMEDIATE, MONOOXYGENASE, METAL-BINDING, MUSCLE PROTEIN, X-RAY-INDUCED-PHOTOREDUCTION
;
# 
loop_
_struct_asym.id 
_struct_asym.pdbx_blank_PDB_chainid_flag 
_struct_asym.pdbx_modified 
_struct_asym.entity_id 
_struct_asym.details 
A N N 1 ? 
B N N 2 ? 
C N N 3 ? 
D N N 4 ? 
E N N 4 ? 
F N N 5 ? 
G N N 5 ? 
H N N 6 ? 
I N N 6 ? 
J N N 7 ? 
# 
_struct_biol.id   1 
# 
loop_
_struct_conf.conf_type_id 
_struct_conf.id 
_struct_conf.pdbx_PDB_helix_id 
_struct_conf.beg_label_comp_id 
_struct_conf.beg_label_asym_id 
_struct_conf.beg_label_seq_id 
_struct_conf.pdbx_beg_PDB_ins_code 
_struct_conf.end_label_comp_id 
_struct_conf.end_label_asym_id 
_struct_conf.end_label_seq_id 
_struct_conf.pdbx_end_PDB_ins_code 
_struct_conf.beg_auth_comp_id 
_struct_conf.beg_auth_asym_id 
_struct_conf.beg_auth_seq_id 
_struct_conf.end_auth_comp_id 
_struct_conf.end_auth_asym_id 
_struct_conf.end_auth_seq_id 
_struct_conf.pdbx_PDB_helix_class 
_struct_conf.details 
_struct_conf.pdbx_PDB_helix_length 
HELX_P HELX_P1 1 SER A 3   ? ALA A 19  ? SER A 3   ALA A 19  1 ? 17 
HELX_P HELX_P2 2 ASP A 20  ? HIS A 36  ? ASP A 20  HIS A 36  1 ? 17 
HELX_P HELX_P3 3 PRO A 37  ? PHE A 43  ? PRO A 37  PHE A 43  5 ? 7  
HELX_P HELX_P4 4 THR A 51  ? SER A 58  ? THR A 51  SER A 58  1 ? 8  
HELX_P HELX_P5 5 SER A 58  ? LYS A 77  ? SER A 58  LYS A 77  1 ? 20 
HELX_P HELX_P6 6 HIS A 82  ? LYS A 96  ? HIS A 82  LYS A 96  1 ? 15 
HELX_P HELX_P7 7 PRO A 100 ? HIS A 119 ? PRO A 100 HIS A 119 1 ? 20 
HELX_P HELX_P8 8 GLY A 124 ? GLY A 150 ? GLY A 124 GLY A 150 1 ? 27 
# 
_struct_conf_type.id          HELX_P 
_struct_conf_type.criteria    ? 
_struct_conf_type.reference   ? 
# 
loop_
_struct_conn.id 
_struct_conn.conn_type_id 
_struct_conn.pdbx_leaving_atom_flag 
_struct_conn.pdbx_PDB_id 
_struct_conn.ptnr1_label_asym_id 
_struct_conn.ptnr1_label_comp_id 
_struct_conn.ptnr1_label_seq_id 
_struct_conn.ptnr1_label_atom_id 
_struct_conn.pdbx_ptnr1_label_alt_id 
_struct_conn.pdbx_ptnr1_PDB_ins_code 
_struct_conn.pdbx_ptnr1_standard_comp_id 
_struct_conn.ptnr1_symmetry 
_struct_conn.ptnr2_label_asym_id 
_struct_conn.ptnr2_label_comp_id 
_struct_conn.ptnr2_label_seq_id 
_struct_conn.ptnr2_label_atom_id 
_struct_conn.pdbx_ptnr2_label_alt_id 
_struct_conn.pdbx_ptnr2_PDB_ins_code 
_struct_conn.ptnr1_auth_asym_id 
_struct_conn.ptnr1_auth_comp_id 
_struct_conn.ptnr1_auth_seq_id 
_struct_conn.ptnr2_auth_asym_id 
_struct_conn.ptnr2_auth_comp_id 
_struct_conn.ptnr2_auth_seq_id 
_struct_conn.ptnr2_symmetry 
_struct_conn.pdbx_ptnr3_label_atom_id 
_struct_conn.pdbx_ptnr3_label_seq_id 
_struct_conn.pdbx_ptnr3_label_comp_id 
_struct_conn.pdbx_ptnr3_label_asym_id 
_struct_conn.pdbx_ptnr3_label_alt_id 
_struct_conn.pdbx_ptnr3_PDB_ins_code 
_struct_conn.details 
_struct_conn.pdbx_dist_value 
_struct_conn.pdbx_value_order 
_struct_conn.pdbx_role 
metalc1 metalc ? ? A HIS 93 NE2 ? ? ? 1_555 B HEM . FE ? ? A HIS 93   A HEM 1154 1_555 ? ? ? ? ? ? ? 2.074 ? ? 
metalc2 metalc ? ? B HEM .  FE  ? ? ? 1_555 C OXY . O1 ? ? A HEM 1154 A OXY 1155 1_555 ? ? ? ? ? ? ? 2.601 ? ? 
metalc3 metalc ? ? B HEM .  FE  ? ? ? 1_555 C OXY . O2 ? ? A HEM 1154 A OXY 1155 1_555 ? ? ? ? ? ? ? 1.825 ? ? 
# 
_struct_conn_type.id          metalc 
_struct_conn_type.criteria    ? 
_struct_conn_type.reference   ? 
# 
loop_
_struct_site.id 
_struct_site.pdbx_evidence_code 
_struct_site.pdbx_auth_asym_id 
_struct_site.pdbx_auth_comp_id 
_struct_site.pdbx_auth_seq_id 
_struct_site.pdbx_auth_ins_code 
_struct_site.pdbx_num_residues 
_struct_site.details 
AC1 Software A HEM 1154 ? 22 'BINDING SITE FOR RESIDUE HEM A 1154' 
AC2 Software A OXY 1155 ? 4  'BINDING SITE FOR RESIDUE OXY A 1155' 
AC3 Software A SO4 1156 ? 3  'BINDING SITE FOR RESIDUE SO4 A 1156' 
AC4 Software A SO4 1157 ? 3  'BINDING SITE FOR RESIDUE SO4 A 1157' 
AC5 Software A GOL 1158 ? 8  'BINDING SITE FOR RESIDUE GOL A 1158' 
AC6 Software A GOL 1159 ? 10 'BINDING SITE FOR RESIDUE GOL A 1159' 
AC7 Software A PEO 1160 ? 7  'BINDING SITE FOR RESIDUE PEO A 1160' 
AC8 Software A PEO 1161 ? 4  'BINDING SITE FOR RESIDUE PEO A 1161' 
# 
loop_
_struct_site_gen.id 
_struct_site_gen.site_id 
_struct_site_gen.pdbx_num_res 
_struct_site_gen.label_comp_id 
_struct_site_gen.label_asym_id 
_struct_site_gen.label_seq_id 
_struct_site_gen.pdbx_auth_ins_code 
_struct_site_gen.auth_comp_id 
_struct_site_gen.auth_asym_id 
_struct_site_gen.auth_seq_id 
_struct_site_gen.label_atom_id 
_struct_site_gen.label_alt_id 
_struct_site_gen.symmetry 
_struct_site_gen.details 
1  AC1 22 THR A 39  ? THR A 39   . ? 1_555 ? 
2  AC1 22 LYS A 42  ? LYS A 42   . ? 1_555 ? 
3  AC1 22 PHE A 43  ? PHE A 43   . ? 1_555 ? 
4  AC1 22 LYS A 45  ? LYS A 45   . ? 1_555 ? 
5  AC1 22 VAL A 68  ? VAL A 68   . ? 1_555 ? 
6  AC1 22 LEU A 89  ? LEU A 89   . ? 1_555 ? 
7  AC1 22 SER A 92  ? SER A 92   . ? 1_555 ? 
8  AC1 22 HIS A 93  ? HIS A 93   . ? 1_555 ? 
9  AC1 22 HIS A 97  ? HIS A 97   . ? 1_555 ? 
10 AC1 22 ILE A 99  ? ILE A 99   . ? 1_555 ? 
11 AC1 22 TYR A 103 ? TYR A 103  . ? 1_555 ? 
12 AC1 22 LEU A 104 ? LEU A 104  . ? 1_555 ? 
13 AC1 22 HIS A 113 ? HIS A 113  . ? 1_545 ? 
14 AC1 22 HIS A 116 ? HIS A 116  . ? 1_545 ? 
15 AC1 22 GLN A 128 ? GLN A 128  . ? 1_545 ? 
16 AC1 22 OXY C .   ? OXY A 1155 . ? 1_555 ? 
17 AC1 22 HOH J .   ? HOH A 2149 . ? 1_555 ? 
18 AC1 22 HOH J .   ? HOH A 2150 . ? 1_555 ? 
19 AC1 22 HOH J .   ? HOH A 2151 . ? 1_555 ? 
20 AC1 22 HOH J .   ? HOH A 2152 . ? 1_555 ? 
21 AC1 22 HOH J .   ? HOH A 2153 . ? 1_555 ? 
22 AC1 22 HOH J .   ? HOH A 2154 . ? 1_555 ? 
23 AC2 4  PHE A 43  ? PHE A 43   . ? 1_555 ? 
24 AC2 4  HIS A 64  ? HIS A 64   . ? 1_555 ? 
25 AC2 4  VAL A 68  ? VAL A 68   . ? 1_555 ? 
26 AC2 4  HEM B .   ? HEM A 1154 . ? 1_555 ? 
27 AC3 3  THR A 51  ? THR A 51   . ? 1_555 ? 
28 AC3 3  GLU A 52  ? GLU A 52   . ? 1_555 ? 
29 AC3 3  HOH J .   ? HOH A 2156 . ? 1_555 ? 
30 AC4 3  GLY A 1   ? GLY A 1    . ? 1_555 ? 
31 AC4 3  HOH J .   ? HOH A 2157 . ? 1_555 ? 
32 AC4 3  HOH J .   ? HOH A 2158 . ? 1_555 ? 
33 AC5 8  ARG A 31  ? ARG A 31   . ? 1_555 ? 
34 AC5 8  LYS A 45  ? LYS A 45   . ? 1_565 ? 
35 AC5 8  HIS A 113 ? HIS A 113  . ? 1_555 ? 
36 AC5 8  SER A 117 ? SER A 117  . ? 1_555 ? 
37 AC5 8  HOH J .   ? HOH A 2040 . ? 1_555 ? 
38 AC5 8  HOH J .   ? HOH A 2074 . ? 1_565 ? 
39 AC5 8  HOH J .   ? HOH A 2153 . ? 1_565 ? 
40 AC5 8  HOH J .   ? HOH A 2160 . ? 1_555 ? 
41 AC6 10 GLN A 8   ? GLN A 8    . ? 1_554 ? 
42 AC6 10 ARG A 31  ? ARG A 31   . ? 1_555 ? 
43 AC6 10 HIS A 36  ? HIS A 36   . ? 1_555 ? 
44 AC6 10 LYS A 96  ? LYS A 96   . ? 1_565 ? 
45 AC6 10 ASP A 109 ? ASP A 109  . ? 1_555 ? 
46 AC6 10 ALA A 110 ? ALA A 110  . ? 1_555 ? 
47 AC6 10 HIS A 113 ? HIS A 113  . ? 1_555 ? 
48 AC6 10 PEO H .   ? PEO A 1160 . ? 1_555 ? 
49 AC6 10 HOH J .   ? HOH A 2105 . ? 1_555 ? 
50 AC6 10 HOH J .   ? HOH A 2161 . ? 1_555 ? 
51 AC7 7  LEU A 32  ? LEU A 32   . ? 1_555 ? 
52 AC7 7  HIS A 36  ? HIS A 36   . ? 1_555 ? 
53 AC7 7  PHE A 106 ? PHE A 106  . ? 1_555 ? 
54 AC7 7  ASP A 109 ? ASP A 109  . ? 1_555 ? 
55 AC7 7  ALA A 110 ? ALA A 110  . ? 1_555 ? 
56 AC7 7  GOL G .   ? GOL A 1159 . ? 1_555 ? 
57 AC7 7  HOH J .   ? HOH A 2161 . ? 1_555 ? 
58 AC8 4  SER A 3   ? SER A 3    . ? 1_555 ? 
59 AC8 4  ASP A 4   ? ASP A 4    . ? 1_555 ? 
60 AC8 4  GLY A 5   ? GLY A 5    . ? 1_555 ? 
61 AC8 4  HOH J .   ? HOH A 2005 . ? 1_555 ? 
# 
_atom_sites.entry_id                    2VLY 
_atom_sites.fract_transf_matrix[1][1]   -0.00970063 
_atom_sites.fract_transf_matrix[1][2]   -0.01063536 
_atom_sites.fract_transf_matrix[1][3]   -0.00765183 
_atom_sites.fract_transf_matrix[2][1]   -0.02372399 
_atom_sites.fract_transf_matrix[2][2]   0.02502973 
_atom_sites.fract_transf_matrix[2][3]   -0.00471296 
_atom_sites.fract_transf_matrix[3][1]   0.00725571 
_atom_sites.fract_transf_matrix[3][2]   0.00153417 
_atom_sites.fract_transf_matrix[3][3]   -0.02837589 
_atom_sites.fract_transf_vector[1]      0.249450 
_atom_sites.fract_transf_vector[2]      -0.835668 
_atom_sites.fract_transf_vector[3]      -0.005146 
# 
loop_
_atom_type.symbol 
C  
FE 
N  
O  
S  
# 
loop_
_atom_site.group_PDB 
_atom_site.id 
_atom_site.type_symbol 
_atom_site.label_atom_id 
_atom_site.label_alt_id 
_atom_site.label_comp_id 
_atom_site.label_asym_id 
_atom_site.label_entity_id 
_atom_site.label_seq_id 
_atom_site.pdbx_PDB_ins_code 
_atom_site.Cartn_x 
_atom_site.Cartn_y 
_atom_site.Cartn_z 
_atom_site.occupancy 
_atom_site.B_iso_or_equiv 
_atom_site.pdbx_formal_charge 
_atom_site.auth_seq_id 
_atom_site.auth_comp_id 
_atom_site.auth_asym_id 
_atom_site.auth_atom_id 
_atom_site.pdbx_PDB_model_num 
ATOM   1    N  N   . GLY A 1 1   ? -8.445  -2.790  -17.930 1.00 22.84 ? 1    GLY A N   1 
ATOM   2    C  CA  . GLY A 1 1   ? -7.130  -2.244  -17.486 1.00 21.42 ? 1    GLY A CA  1 
ATOM   3    C  C   . GLY A 1 1   ? -7.133  -0.722  -17.433 1.00 21.06 ? 1    GLY A C   1 
ATOM   4    O  O   . GLY A 1 1   ? -8.196  -0.095  -17.404 1.00 22.43 ? 1    GLY A O   1 
ATOM   5    N  N   . LEU A 1 2   ? -5.942  -0.137  -17.403 1.00 18.73 ? 2    LEU A N   1 
ATOM   6    C  CA  . LEU A 1 2   ? -5.770  1.320   -17.448 1.00 16.97 ? 2    LEU A CA  1 
ATOM   7    C  C   . LEU A 1 2   ? -5.298  1.737   -18.816 1.00 17.51 ? 2    LEU A C   1 
ATOM   8    O  O   . LEU A 1 2   ? -4.526  1.009   -19.452 1.00 18.52 ? 2    LEU A O   1 
ATOM   9    C  CB  . LEU A 1 2   ? -4.728  1.765   -16.407 1.00 16.46 ? 2    LEU A CB  1 
ATOM   10   C  CG  . LEU A 1 2   ? -5.143  1.901   -14.941 1.00 15.63 ? 2    LEU A CG  1 
ATOM   11   C  CD1 . LEU A 1 2   ? -5.355  0.552   -14.232 1.00 14.31 ? 2    LEU A CD1 1 
ATOM   12   C  CD2 . LEU A 1 2   ? -4.070  2.696   -14.210 1.00 15.66 ? 2    LEU A CD2 1 
ATOM   13   N  N   . SER A 1 3   ? -5.752  2.904   -19.272 1.00 16.28 ? 3    SER A N   1 
ATOM   14   C  CA  . SER A 1 3   ? -5.302  3.477   -20.544 1.00 16.57 ? 3    SER A CA  1 
ATOM   15   C  C   . SER A 1 3   ? -3.891  4.021   -20.383 1.00 16.76 ? 3    SER A C   1 
ATOM   16   O  O   . SER A 1 3   ? -3.427  4.196   -19.262 1.00 15.65 ? 3    SER A O   1 
ATOM   17   C  CB  . SER A 1 3   ? -6.225  4.609   -20.949 1.00 16.27 ? 3    SER A CB  1 
ATOM   18   O  OG  . SER A 1 3   ? -6.082  5.689   -20.035 1.00 16.19 ? 3    SER A OG  1 
ATOM   19   N  N   . ASP A 1 4   ? -3.227  4.302   -21.511 1.00 17.86 ? 4    ASP A N   1 
ATOM   20   C  CA  . ASP A 1 4   ? -1.916  4.967   -21.493 1.00 18.06 ? 4    ASP A CA  1 
ATOM   21   C  C   . ASP A 1 4   ? -1.922  6.271   -20.675 1.00 17.27 ? 4    ASP A C   1 
ATOM   22   O  O   . ASP A 1 4   ? -1.041  6.478   -19.836 1.00 16.58 ? 4    ASP A O   1 
ATOM   23   C  CB  . ASP A 1 4   ? -1.453  5.216   -22.926 1.00 19.13 ? 4    ASP A CB  1 
ATOM   24   C  CG  . ASP A 1 4   ? -1.146  3.920   -23.661 1.00 22.23 ? 4    ASP A CG  1 
ATOM   25   O  OD1 . ASP A 1 4   ? -0.661  2.968   -23.014 1.00 26.35 ? 4    ASP A OD1 1 
ATOM   26   O  OD2 . ASP A 1 4   ? -1.393  3.847   -24.885 1.00 27.90 ? 4    ASP A OD2 1 
ATOM   27   N  N   . GLY A 1 5   ? -2.931  7.112   -20.914 1.00 16.78 ? 5    GLY A N   1 
ATOM   28   C  CA  . GLY A 1 5   ? -3.139  8.359   -20.186 1.00 15.62 ? 5    GLY A CA  1 
ATOM   29   C  C   . GLY A 1 5   ? -3.241  8.139   -18.689 1.00 15.02 ? 5    GLY A C   1 
ATOM   30   O  O   . GLY A 1 5   ? -2.626  8.875   -17.888 1.00 14.68 ? 5    GLY A O   1 
ATOM   31   N  N   . GLU A 1 6   ? -4.032  7.137   -18.305 1.00 13.57 ? 6    GLU A N   1 
ATOM   32   C  CA  . GLU A 1 6   ? -4.193  6.788   -16.899 1.00 13.04 ? 6    GLU A CA  1 
ATOM   33   C  C   . GLU A 1 6   ? -2.885  6.335   -16.252 1.00 12.40 ? 6    GLU A C   1 
ATOM   34   O  O   . GLU A 1 6   ? -2.553  6.821   -15.163 1.00 10.67 ? 6    GLU A O   1 
ATOM   35   C  CB  . GLU A 1 6   ? -5.314  5.754   -16.710 1.00 12.96 ? 6    GLU A CB  1 
ATOM   36   C  CG  . GLU A 1 6   ? -6.707  6.357   -16.917 1.00 14.54 ? 6    GLU A CG  1 
ATOM   37   C  CD  . GLU A 1 6   ? -7.822  5.330   -17.024 1.00 13.30 ? 6    GLU A CD  1 
ATOM   38   O  OE1 . GLU A 1 6   ? -7.569  4.152   -17.378 1.00 14.28 ? 6    GLU A OE1 1 
ATOM   39   O  OE2 . GLU A 1 6   ? -8.984  5.720   -16.787 1.00 13.35 ? 6    GLU A OE2 1 
ATOM   40   N  N   . TRP A 1 7   ? -2.140  5.434   -16.903 1.00 12.07 ? 7    TRP A N   1 
ATOM   41   C  CA  . TRP A 1 7   ? -0.813  5.062   -16.375 1.00 11.91 ? 7    TRP A CA  1 
ATOM   42   C  C   . TRP A 1 7   ? 0.106   6.281   -16.225 1.00 11.71 ? 7    TRP A C   1 
ATOM   43   O  O   . TRP A 1 7   ? 0.819   6.383   -15.231 1.00 10.94 ? 7    TRP A O   1 
ATOM   44   C  CB  . TRP A 1 7   ? -0.120  3.955   -17.191 1.00 11.97 ? 7    TRP A CB  1 
ATOM   45   C  CG  . TRP A 1 7   ? -0.706  2.599   -16.934 1.00 12.73 ? 7    TRP A CG  1 
ATOM   46   C  CD1 . TRP A 1 7   ? -1.355  1.800   -17.831 1.00 12.66 ? 7    TRP A CD1 1 
ATOM   47   C  CD2 . TRP A 1 7   ? -0.711  1.889   -15.681 1.00 12.17 ? 7    TRP A CD2 1 
ATOM   48   N  NE1 . TRP A 1 7   ? -1.743  0.614   -17.222 1.00 12.92 ? 7    TRP A NE1 1 
ATOM   49   C  CE2 . TRP A 1 7   ? -1.364  0.650   -15.905 1.00 12.38 ? 7    TRP A CE2 1 
ATOM   50   C  CE3 . TRP A 1 7   ? -0.207  2.170   -14.402 1.00 11.75 ? 7    TRP A CE3 1 
ATOM   51   C  CZ2 . TRP A 1 7   ? -1.551  -0.292  -14.884 1.00 12.92 ? 7    TRP A CZ2 1 
ATOM   52   C  CZ3 . TRP A 1 7   ? -0.378  1.226   -13.384 1.00 12.01 ? 7    TRP A CZ3 1 
ATOM   53   C  CH2 . TRP A 1 7   ? -1.062  0.013   -13.628 1.00 11.12 ? 7    TRP A CH2 1 
ATOM   54   N  N   . GLN A 1 8   ? 0.059   7.213   -17.169 1.00 11.44 ? 8    GLN A N   1 
ATOM   55   C  CA  . GLN A 1 8   ? 0.885   8.406   -17.058 1.00 12.02 ? 8    GLN A CA  1 
ATOM   56   C  C   . GLN A 1 8   ? 0.523   9.227   -15.815 1.00 11.35 ? 8    GLN A C   1 
ATOM   57   O  O   . GLN A 1 8   ? 1.412   9.702   -15.100 1.00 12.36 ? 8    GLN A O   1 
ATOM   58   C  CB  . GLN A 1 8   ? 0.797   9.259   -18.336 1.00 11.00 ? 8    GLN A CB  1 
ATOM   59   C  CG  . GLN A 1 8   ? 1.876   10.322  -18.447 1.00 13.78 ? 8    GLN A CG  1 
ATOM   60   C  CD  . GLN A 1 8   ? 1.773   11.097  -19.736 1.00 16.49 ? 8    GLN A CD  1 
ATOM   61   O  OE1 . GLN A 1 8   ? 0.680   11.277  -20.287 1.00 20.09 ? 8    GLN A OE1 1 
ATOM   62   N  NE2 . GLN A 1 8   ? 2.911   11.565  -20.231 1.00 17.16 ? 8    GLN A NE2 1 
ATOM   63   N  N   . GLN A 1 9   ? -0.769  9.370   -15.529 1.00 13.02 ? 9    GLN A N   1 
ATOM   64   C  CA  . GLN A 1 9   ? -1.205  10.044  -14.297 1.00 12.59 ? 9    GLN A CA  1 
ATOM   65   C  C   . GLN A 1 9   ? -0.713  9.310   -13.042 1.00 11.49 ? 9    GLN A C   1 
ATOM   66   O  O   . GLN A 1 9   ? -0.238  9.931   -12.077 1.00 11.19 ? 9    GLN A O   1 
ATOM   67   C  CB  . GLN A 1 9   ? -2.738  10.170  -14.247 1.00 13.42 ? 9    GLN A CB  1 
ATOM   68   C  CG  . GLN A 1 9   ? -3.323  11.379  -15.009 1.00 17.08 ? 9    GLN A CG  1 
ATOM   69   C  CD  . GLN A 1 9   ? -2.989  12.684  -14.288 1.00 20.54 ? 9    GLN A CD  1 
ATOM   70   O  OE1 . GLN A 1 9   ? -1.855  13.166  -14.345 1.00 27.83 ? 9    GLN A OE1 1 
ATOM   71   N  NE2 . GLN A 1 9   ? -3.953  13.231  -13.577 1.00 24.25 ? 9    GLN A NE2 1 
ATOM   72   N  N   . VAL A 1 10  ? -0.821  7.983   -13.065 1.00 11.08 ? 10   VAL A N   1 
ATOM   73   C  CA  . VAL A 1 10  ? -0.383  7.176   -11.944 1.00 10.85 ? 10   VAL A CA  1 
ATOM   74   C  C   . VAL A 1 10  ? 1.097   7.429   -11.646 1.00 9.94  ? 10   VAL A C   1 
ATOM   75   O  O   . VAL A 1 10  ? 1.475   7.650   -10.484 1.00 10.17 ? 10   VAL A O   1 
ATOM   76   C  CB  . VAL A 1 10  ? -0.640  5.662   -12.157 1.00 10.34 ? 10   VAL A CB  1 
ATOM   77   C  CG1 . VAL A 1 10  ? 0.037   4.853   -11.036 1.00 11.94 ? 10   VAL A CG1 1 
ATOM   78   C  CG2 . VAL A 1 10  ? -2.145  5.347   -12.224 1.00 11.11 ? 10   VAL A CG2 1 
ATOM   79   N  N   . LEU A 1 11  ? 1.941   7.358   -12.674 1.00 10.23 ? 11   LEU A N   1 
ATOM   80   C  CA  . LEU A 1 11  ? 3.372   7.513   -12.473 1.00 10.44 ? 11   LEU A CA  1 
ATOM   81   C  C   . LEU A 1 11  ? 3.787   8.974   -12.192 1.00 11.53 ? 11   LEU A C   1 
ATOM   82   O  O   . LEU A 1 11  ? 4.818   9.215   -11.557 1.00 12.26 ? 11   LEU A O   1 
ATOM   83   C  CB  . LEU A 1 11  ? 4.133   6.869   -13.643 1.00 11.06 ? 11   LEU A CB  1 
ATOM   84   C  CG  . LEU A 1 11  ? 3.879   5.354   -13.700 1.00 11.49 ? 11   LEU A CG  1 
ATOM   85   C  CD1 . LEU A 1 11  ? 4.722   4.689   -14.781 1.00 13.55 ? 11   LEU A CD1 1 
ATOM   86   C  CD2 . LEU A 1 11  ? 4.185   4.707   -12.328 1.00 12.07 ? 11   LEU A CD2 1 
ATOM   87   N  N   . ASN A 1 12  ? 2.948   9.928   -12.603 1.00 10.82 ? 12   ASN A N   1 
ATOM   88   C  CA  . ASN A 1 12  ? 3.177   11.322  -12.260 1.00 12.70 ? 12   ASN A CA  1 
ATOM   89   C  C   . ASN A 1 12  ? 2.945   11.544  -10.760 1.00 12.28 ? 12   ASN A C   1 
ATOM   90   O  O   . ASN A 1 12  ? 3.771   12.157  -10.089 1.00 14.08 ? 12   ASN A O   1 
ATOM   91   C  CB  . ASN A 1 12  ? 2.293   12.256  -13.082 1.00 12.18 ? 12   ASN A CB  1 
ATOM   92   C  CG  . ASN A 1 12  ? 2.601   13.704  -12.798 1.00 16.39 ? 12   ASN A CG  1 
ATOM   93   O  OD1 . ASN A 1 12  ? 3.725   14.148  -13.010 1.00 19.52 ? 12   ASN A OD1 1 
ATOM   94   N  ND2 . ASN A 1 12  ? 1.624   14.434  -12.262 1.00 17.79 ? 12   ASN A ND2 1 
ATOM   95   N  N   . VAL A 1 13  ? 1.823   11.033  -10.241 1.00 12.93 ? 13   VAL A N   1 
ATOM   96   C  CA  . VAL A 1 13  ? 1.557   11.069  -8.796  1.00 13.93 ? 13   VAL A CA  1 
ATOM   97   C  C   . VAL A 1 13  ? 2.686   10.348  -8.045  1.00 13.36 ? 13   VAL A C   1 
ATOM   98   O  O   . VAL A 1 13  ? 3.181   10.793  -6.989  1.00 14.05 ? 13   VAL A O   1 
ATOM   99   C  CB  . VAL A 1 13  ? 0.202   10.387  -8.444  1.00 14.18 ? 13   VAL A CB  1 
ATOM   100  C  CG1 . VAL A 1 13  ? 0.048   10.267  -6.927  1.00 14.03 ? 13   VAL A CG1 1 
ATOM   101  C  CG2 . VAL A 1 13  ? -0.965  11.160  -9.045  1.00 16.40 ? 13   VAL A CG2 1 
ATOM   102  N  N   . TRP A 1 14  ? 3.145   9.235   -8.596  1.00 13.87 ? 14   TRP A N   1 
ATOM   103  C  CA  . TRP A 1 14  ? 4.151   8.474   -7.889  1.00 13.69 ? 14   TRP A CA  1 
ATOM   104  C  C   . TRP A 1 14  ? 5.457   9.265   -7.716  1.00 14.42 ? 14   TRP A C   1 
ATOM   105  O  O   . TRP A 1 14  ? 6.191   9.097   -6.737  1.00 13.77 ? 14   TRP A O   1 
ATOM   106  C  CB  . TRP A 1 14  ? 4.390   7.129   -8.557  1.00 14.55 ? 14   TRP A CB  1 
ATOM   107  C  CG  . TRP A 1 14  ? 5.069   6.240   -7.632  1.00 15.41 ? 14   TRP A CG  1 
ATOM   108  C  CD1 . TRP A 1 14  ? 6.381   5.884   -7.662  1.00 17.12 ? 14   TRP A CD1 1 
ATOM   109  C  CD2 . TRP A 1 14  ? 4.507   5.640   -6.470  1.00 15.37 ? 14   TRP A CD2 1 
ATOM   110  N  NE1 . TRP A 1 14  ? 6.673   5.061   -6.598  1.00 16.42 ? 14   TRP A NE1 1 
ATOM   111  C  CE2 . TRP A 1 14  ? 5.539   4.899   -5.847  1.00 15.28 ? 14   TRP A CE2 1 
ATOM   112  C  CE3 . TRP A 1 14  ? 3.229   5.644   -5.896  1.00 16.19 ? 14   TRP A CE3 1 
ATOM   113  C  CZ2 . TRP A 1 14  ? 5.334   4.180   -4.683  1.00 14.87 ? 14   TRP A CZ2 1 
ATOM   114  C  CZ3 . TRP A 1 14  ? 3.023   4.911   -4.721  1.00 17.04 ? 14   TRP A CZ3 1 
ATOM   115  C  CH2 . TRP A 1 14  ? 4.073   4.194   -4.139  1.00 15.98 ? 14   TRP A CH2 1 
ATOM   116  N  N   . GLY A 1 15  ? 5.731   10.170  -8.645  1.00 13.50 ? 15   GLY A N   1 
ATOM   117  C  CA  . GLY A 1 15  ? 6.899   11.053  -8.515  1.00 14.38 ? 15   GLY A CA  1 
ATOM   118  C  C   . GLY A 1 15  ? 6.836   11.910  -7.256  1.00 14.56 ? 15   GLY A C   1 
ATOM   119  O  O   . GLY A 1 15  ? 7.867   12.200  -6.615  1.00 15.90 ? 15   GLY A O   1 
ATOM   120  N  N   . LYS A 1 16  ? 5.623   12.306  -6.878  1.00 14.67 ? 16   LYS A N   1 
ATOM   121  C  CA  . LYS A 1 16  ? 5.418   13.078  -5.655  1.00 14.88 ? 16   LYS A CA  1 
ATOM   122  C  C   . LYS A 1 16  ? 5.793   12.240  -4.435  1.00 14.14 ? 16   LYS A C   1 
ATOM   123  O  O   . LYS A 1 16  ? 6.457   12.730  -3.520  1.00 14.46 ? 16   LYS A O   1 
ATOM   124  C  CB  . LYS A 1 16  ? 3.957   13.542  -5.542  1.00 15.76 ? 16   LYS A CB  1 
ATOM   125  C  CG  . LYS A 1 16  ? 3.486   14.358  -6.728  1.00 17.99 ? 16   LYS A CG  1 
ATOM   126  C  CD  . LYS A 1 16  ? 2.092   14.904  -6.465  1.00 20.46 ? 16   LYS A CD  1 
ATOM   127  C  CE  . LYS A 1 16  ? 1.389   15.307  -7.747  1.00 22.65 ? 16   LYS A CE  1 
ATOM   128  N  NZ  . LYS A 1 16  ? 2.014   16.474  -8.412  1.00 24.08 ? 16   LYS A NZ  1 
ATOM   129  N  N   . VAL A 1 17  ? 5.360   10.975  -4.431  1.00 12.76 ? 17   VAL A N   1 
ATOM   130  C  CA  . VAL A 1 17  ? 5.725   10.028  -3.370  1.00 12.03 ? 17   VAL A CA  1 
ATOM   131  C  C   . VAL A 1 17  ? 7.240   9.844   -3.254  1.00 12.95 ? 17   VAL A C   1 
ATOM   132  O  O   . VAL A 1 17  ? 7.793   9.858   -2.138  1.00 13.94 ? 17   VAL A O   1 
ATOM   133  C  CB  . VAL A 1 17  ? 5.043   8.649   -3.600  1.00 11.91 ? 17   VAL A CB  1 
ATOM   134  C  CG1 . VAL A 1 17  ? 5.471   7.650   -2.528  1.00 10.53 ? 17   VAL A CG1 1 
ATOM   135  C  CG2 . VAL A 1 17  ? 3.513   8.814   -3.631  1.00 12.51 ? 17   VAL A CG2 1 
ATOM   136  N  N   . GLU A 1 18  ? 7.895   9.701   -4.400  1.00 13.03 ? 18   GLU A N   1 
ATOM   137  C  CA  . GLU A 1 18  ? 9.325   9.402   -4.456  1.00 13.98 ? 18   GLU A CA  1 
ATOM   138  C  C   . GLU A 1 18  ? 10.216  10.515  -3.900  1.00 14.16 ? 18   GLU A C   1 
ATOM   139  O  O   . GLU A 1 18  ? 11.369  10.267  -3.546  1.00 14.31 ? 18   GLU A O   1 
ATOM   140  C  CB  . GLU A 1 18  ? 9.729   9.014   -5.876  1.00 14.49 ? 18   GLU A CB  1 
ATOM   141  C  CG  . GLU A 1 18  ? 9.314   7.593   -6.200  1.00 15.15 ? 18   GLU A CG  1 
ATOM   142  C  CD  . GLU A 1 18  ? 9.648   7.161   -7.618  1.00 20.26 ? 18   GLU A CD  1 
ATOM   143  O  OE1 . GLU A 1 18  ? 9.980   8.013   -8.464  1.00 23.45 ? 18   GLU A OE1 1 
ATOM   144  O  OE2 . GLU A 1 18  ? 9.555   5.950   -7.879  1.00 20.92 ? 18   GLU A OE2 1 
ATOM   145  N  N   . ALA A 1 19  ? 9.677   11.732  -3.810  1.00 14.12 ? 19   ALA A N   1 
ATOM   146  C  CA  . ALA A 1 19  ? 10.438  12.851  -3.258  1.00 14.25 ? 19   ALA A CA  1 
ATOM   147  C  C   . ALA A 1 19  ? 10.638  12.697  -1.750  1.00 13.99 ? 19   ALA A C   1 
ATOM   148  O  O   . ALA A 1 19  ? 11.571  13.264  -1.188  1.00 14.20 ? 19   ALA A O   1 
ATOM   149  C  CB  . ALA A 1 19  ? 9.773   14.179  -3.595  1.00 14.37 ? 19   ALA A CB  1 
ATOM   150  N  N   . ASP A 1 20  ? 9.753   11.937  -1.096  1.00 13.26 ? 20   ASP A N   1 
ATOM   151  C  CA  . ASP A 1 20  ? 9.891   11.621  0.338   1.00 13.33 ? 20   ASP A CA  1 
ATOM   152  C  C   . ASP A 1 20  ? 9.189   10.280  0.602   1.00 12.70 ? 20   ASP A C   1 
ATOM   153  O  O   . ASP A 1 20  ? 8.077   10.238  1.137   1.00 12.95 ? 20   ASP A O   1 
ATOM   154  C  CB  . ASP A 1 20  ? 9.327   12.757  1.200   1.00 14.23 ? 20   ASP A CB  1 
ATOM   155  C  CG  . ASP A 1 20  ? 9.403   12.472  2.705   1.00 13.28 ? 20   ASP A CG  1 
ATOM   156  O  OD1 . ASP A 1 20  ? 10.142  11.557  3.141   1.00 14.20 ? 20   ASP A OD1 1 
ATOM   157  O  OD2 . ASP A 1 20  ? 8.696   13.173  3.459   1.00 17.09 ? 20   ASP A OD2 1 
ATOM   158  N  N   A ILE A 1 21  ? 9.843   9.193   0.205   0.50 12.87 ? 21   ILE A N   1 
ATOM   159  N  N   B ILE A 1 21  ? 9.850   9.194   0.222   0.50 12.60 ? 21   ILE A N   1 
ATOM   160  C  CA  A ILE A 1 21  ? 9.268   7.838   0.301   0.50 13.30 ? 21   ILE A CA  1 
ATOM   161  C  CA  B ILE A 1 21  ? 9.237   7.860   0.286   0.50 12.81 ? 21   ILE A CA  1 
ATOM   162  C  C   A ILE A 1 21  ? 8.994   7.457   1.760   0.50 13.25 ? 21   ILE A C   1 
ATOM   163  C  C   B ILE A 1 21  ? 9.019   7.401   1.745   0.50 12.97 ? 21   ILE A C   1 
ATOM   164  O  O   A ILE A 1 21  ? 7.917   6.949   2.095   0.50 13.17 ? 21   ILE A O   1 
ATOM   165  O  O   B ILE A 1 21  ? 7.991   6.797   2.066   0.50 12.89 ? 21   ILE A O   1 
ATOM   166  C  CB  A ILE A 1 21  ? 10.199  6.797   -0.384  0.50 13.42 ? 21   ILE A CB  1 
ATOM   167  C  CB  B ILE A 1 21  ? 10.033  6.827   -0.579  0.50 12.63 ? 21   ILE A CB  1 
ATOM   168  C  CG1 A ILE A 1 21  ? 10.018  6.848   -1.904  0.50 14.69 ? 21   ILE A CG1 1 
ATOM   169  C  CG1 B ILE A 1 21  ? 9.220   5.548   -0.807  0.50 12.95 ? 21   ILE A CG1 1 
ATOM   170  C  CG2 A ILE A 1 21  ? 9.987   5.371   0.194   0.50 12.77 ? 21   ILE A CG2 1 
ATOM   171  C  CG2 B ILE A 1 21  ? 11.404  6.524   0.029   0.50 12.22 ? 21   ILE A CG2 1 
ATOM   172  C  CD1 A ILE A 1 21  ? 9.167   5.714   -2.485  0.50 16.37 ? 21   ILE A CD1 1 
ATOM   173  C  CD1 B ILE A 1 21  ? 8.202   5.655   -1.870  0.50 16.17 ? 21   ILE A CD1 1 
ATOM   174  N  N   . ALA A 1 22  ? 9.968   7.719   2.622   1.00 13.44 ? 22   ALA A N   1 
ATOM   175  C  CA  . ALA A 1 22  ? 9.839   7.389   4.040   1.00 13.12 ? 22   ALA A CA  1 
ATOM   176  C  C   . ALA A 1 22  ? 8.711   8.174   4.735   1.00 13.02 ? 22   ALA A C   1 
ATOM   177  O  O   . ALA A 1 22  ? 7.953   7.601   5.494   1.00 13.79 ? 22   ALA A O   1 
ATOM   178  C  CB  . ALA A 1 22  ? 11.161  7.569   4.766   1.00 13.15 ? 22   ALA A CB  1 
ATOM   179  N  N   . GLY A 1 23  ? 8.584   9.466   4.445   1.00 13.36 ? 23   GLY A N   1 
ATOM   180  C  CA  . GLY A 1 23  ? 7.495   10.291  5.002   1.00 12.82 ? 23   GLY A CA  1 
ATOM   181  C  C   . GLY A 1 23  ? 6.127   9.809   4.562   1.00 12.71 ? 23   GLY A C   1 
ATOM   182  O  O   . GLY A 1 23  ? 5.210   9.641   5.381   1.00 12.76 ? 23   GLY A O   1 
ATOM   183  N  N   . HIS A 1 24  ? 5.976   9.571   3.259   1.00 11.88 ? 24   HIS A N   1 
ATOM   184  C  CA  . HIS A 1 24  ? 4.706   9.045   2.743   1.00 11.19 ? 24   HIS A CA  1 
ATOM   185  C  C   . HIS A 1 24  ? 4.413   7.652   3.348   1.00 12.19 ? 24   HIS A C   1 
ATOM   186  O  O   . HIS A 1 24  ? 3.276   7.364   3.736   1.00 12.35 ? 24   HIS A O   1 
ATOM   187  C  CB  . HIS A 1 24  ? 4.687   8.975   1.202   1.00 11.12 ? 24   HIS A CB  1 
ATOM   188  C  CG  . HIS A 1 24  ? 4.538   10.309  0.523   1.00 11.56 ? 24   HIS A CG  1 
ATOM   189  N  ND1 . HIS A 1 24  ? 5.583   11.200  0.401   1.00 12.18 ? 24   HIS A ND1 1 
ATOM   190  C  CD2 . HIS A 1 24  ? 3.478   10.885  -0.102  1.00 10.79 ? 24   HIS A CD2 1 
ATOM   191  C  CE1 . HIS A 1 24  ? 5.168   12.278  -0.249  1.00 12.03 ? 24   HIS A CE1 1 
ATOM   192  N  NE2 . HIS A 1 24  ? 3.897   12.107  -0.571  1.00 12.18 ? 24   HIS A NE2 1 
ATOM   193  N  N   . GLY A 1 25  ? 5.442   6.810   3.427   1.00 11.19 ? 25   GLY A N   1 
ATOM   194  C  CA  . GLY A 1 25  ? 5.299   5.449   3.969   1.00 11.56 ? 25   GLY A CA  1 
ATOM   195  C  C   . GLY A 1 25  ? 4.873   5.454   5.427   1.00 11.47 ? 25   GLY A C   1 
ATOM   196  O  O   . GLY A 1 25  ? 3.905   4.768   5.799   1.00 12.31 ? 25   GLY A O   1 
ATOM   197  N  N   . GLN A 1 26  ? 5.593   6.237   6.234   1.00 12.28 ? 26   GLN A N   1 
ATOM   198  C  CA  . GLN A 1 26  ? 5.240   6.436   7.648   1.00 13.09 ? 26   GLN A CA  1 
ATOM   199  C  C   . GLN A 1 26  ? 3.770   6.846   7.746   1.00 12.67 ? 26   GLN A C   1 
ATOM   200  O  O   . GLN A 1 26  ? 3.008   6.250   8.527   1.00 12.95 ? 26   GLN A O   1 
ATOM   201  C  CB  . GLN A 1 26  ? 6.115   7.531   8.265   1.00 14.22 ? 26   GLN A CB  1 
ATOM   202  C  CG  . GLN A 1 26  ? 5.807   7.824   9.738   1.00 17.37 ? 26   GLN A CG  1 
ATOM   203  C  CD  . GLN A 1 26  ? 6.312   9.193   10.178  1.00 19.33 ? 26   GLN A CD  1 
ATOM   204  O  OE1 . GLN A 1 26  ? 6.119   10.197  9.482   1.00 23.56 ? 26   GLN A OE1 1 
ATOM   205  N  NE2 . GLN A 1 26  ? 6.954   9.245   11.327  1.00 22.42 ? 26   GLN A NE2 1 
ATOM   206  N  N   . GLU A 1 27  ? 3.364   7.864   6.980   1.00 12.36 ? 27   GLU A N   1 
ATOM   207  C  CA  . GLU A 1 27  ? 1.996   8.394   7.152   1.00 13.38 ? 27   GLU A CA  1 
ATOM   208  C  C   . GLU A 1 27  ? 0.938   7.378   6.707   1.00 11.51 ? 27   GLU A C   1 
ATOM   209  O  O   . GLU A 1 27  ? -0.154  7.290   7.302   1.00 11.99 ? 27   GLU A O   1 
ATOM   210  C  CB  . GLU A 1 27  ? 1.811   9.738   6.433   1.00 12.86 ? 27   GLU A CB  1 
ATOM   211  C  CG  . GLU A 1 27  ? 2.543   10.902  7.103   1.00 13.16 ? 27   GLU A CG  1 
ATOM   212  C  CD  . GLU A 1 27  ? 2.115   12.276  6.562   1.00 16.78 ? 27   GLU A CD  1 
ATOM   213  O  OE1 . GLU A 1 27  ? 0.887   12.507  6.360   1.00 20.12 ? 27   GLU A OE1 1 
ATOM   214  O  OE2 . GLU A 1 27  ? 3.017   13.148  6.386   1.00 20.38 ? 27   GLU A OE2 1 
ATOM   215  N  N   . VAL A 1 28  ? 1.266   6.597   5.673   1.00 10.62 ? 28   VAL A N   1 
ATOM   216  C  CA  . VAL A 1 28  ? 0.348   5.559   5.197   1.00 10.07 ? 28   VAL A CA  1 
ATOM   217  C  C   . VAL A 1 28  ? 0.135   4.537   6.310   1.00 11.02 ? 28   VAL A C   1 
ATOM   218  O  O   . VAL A 1 28  ? -1.001  4.220   6.637   1.00 11.90 ? 28   VAL A O   1 
ATOM   219  C  CB  . VAL A 1 28  ? 0.839   4.869   3.868   1.00 10.18 ? 28   VAL A CB  1 
ATOM   220  C  CG1 . VAL A 1 28  ? 0.063   3.616   3.603   1.00 10.61 ? 28   VAL A CG1 1 
ATOM   221  C  CG2 . VAL A 1 28  ? 0.642   5.814   2.664   1.00 9.69  ? 28   VAL A CG2 1 
ATOM   222  N  N   . LEU A 1 29  ? 1.217   4.044   6.903   1.00 10.20 ? 29   LEU A N   1 
ATOM   223  C  CA  . LEU A 1 29  ? 1.076   3.046   7.989   1.00 10.96 ? 29   LEU A CA  1 
ATOM   224  C  C   . LEU A 1 29  ? 0.375   3.616   9.225   1.00 11.21 ? 29   LEU A C   1 
ATOM   225  O  O   . LEU A 1 29  ? -0.477  2.943   9.822   1.00 12.39 ? 29   LEU A O   1 
ATOM   226  C  CB  . LEU A 1 29  ? 2.438   2.449   8.361   1.00 11.32 ? 29   LEU A CB  1 
ATOM   227  C  CG  . LEU A 1 29  ? 3.104   1.633   7.252   1.00 11.14 ? 29   LEU A CG  1 
ATOM   228  C  CD1 . LEU A 1 29  ? 4.519   1.305   7.675   1.00 11.89 ? 29   LEU A CD1 1 
ATOM   229  C  CD2 . LEU A 1 29  ? 2.280   0.380   7.012   1.00 10.69 ? 29   LEU A CD2 1 
ATOM   230  N  N   . ILE A 1 30  ? 0.708   4.841   9.617   1.00 11.80 ? 30   ILE A N   1 
ATOM   231  C  CA  . ILE A 1 30  ? 0.012   5.449   10.766  1.00 12.53 ? 30   ILE A CA  1 
ATOM   232  C  C   . ILE A 1 30  ? -1.492  5.558   10.505  1.00 13.35 ? 30   ILE A C   1 
ATOM   233  O  O   . ILE A 1 30  ? -2.301  5.255   11.387  1.00 12.49 ? 30   ILE A O   1 
ATOM   234  C  CB  . ILE A 1 30  ? 0.627   6.804   11.159  1.00 13.17 ? 30   ILE A CB  1 
ATOM   235  C  CG1 . ILE A 1 30  ? 2.041   6.559   11.690  1.00 12.73 ? 30   ILE A CG1 1 
ATOM   236  C  CG2 . ILE A 1 30  ? -0.230  7.512   12.248  1.00 13.29 ? 30   ILE A CG2 1 
ATOM   237  C  CD1 . ILE A 1 30  ? 2.825   7.804   12.131  1.00 12.62 ? 30   ILE A CD1 1 
ATOM   238  N  N   . ARG A 1 31  ? -1.876  6.003   9.308   1.00 13.35 ? 31   ARG A N   1 
ATOM   239  C  CA  . ARG A 1 31  ? -3.307  6.106   8.968   1.00 13.15 ? 31   ARG A CA  1 
ATOM   240  C  C   . ARG A 1 31  ? -3.979  4.733   9.065   1.00 13.70 ? 31   ARG A C   1 
ATOM   241  O  O   . ARG A 1 31  ? -5.083  4.597   9.597   1.00 13.49 ? 31   ARG A O   1 
ATOM   242  C  CB  . ARG A 1 31  ? -3.489  6.745   7.583   1.00 13.65 ? 31   ARG A CB  1 
ATOM   243  C  CG  . ARG A 1 31  ? -4.939  6.833   7.070   1.00 14.01 ? 31   ARG A CG  1 
ATOM   244  C  CD  . ARG A 1 31  ? -5.777  7.864   7.784   1.00 15.53 ? 31   ARG A CD  1 
ATOM   245  N  NE  . ARG A 1 31  ? -7.077  7.979   7.128   1.00 17.52 ? 31   ARG A NE  1 
ATOM   246  C  CZ  . ARG A 1 31  ? -8.012  8.875   7.442   1.00 19.61 ? 31   ARG A CZ  1 
ATOM   247  N  NH1 . ARG A 1 31  ? -7.810  9.769   8.402   1.00 22.35 ? 31   ARG A NH1 1 
ATOM   248  N  NH2 . ARG A 1 31  ? -9.156  8.873   6.784   1.00 21.44 ? 31   ARG A NH2 1 
ATOM   249  N  N   . LEU A 1 32  ? -3.296  3.713   8.568   1.00 11.94 ? 32   LEU A N   1 
ATOM   250  C  CA  . LEU A 1 32  ? -3.813  2.349   8.634   1.00 11.67 ? 32   LEU A CA  1 
ATOM   251  C  C   . LEU A 1 32  ? -3.985  1.846   10.087  1.00 11.40 ? 32   LEU A C   1 
ATOM   252  O  O   . LEU A 1 32  ? -5.035  1.268   10.452  1.00 12.26 ? 32   LEU A O   1 
ATOM   253  C  CB  . LEU A 1 32  ? -2.838  1.423   7.901   1.00 11.07 ? 32   LEU A CB  1 
ATOM   254  C  CG  . LEU A 1 32  ? -3.096  -0.076  7.943   1.00 12.00 ? 32   LEU A CG  1 
ATOM   255  C  CD1 . LEU A 1 32  ? -4.283  -0.440  7.056   1.00 14.60 ? 32   LEU A CD1 1 
ATOM   256  C  CD2 . LEU A 1 32  ? -1.857  -0.889  7.518   1.00 12.07 ? 32   LEU A CD2 1 
ATOM   257  N  N   . PHE A 1 33  ? -2.945  2.052   10.893  1.00 12.38 ? 33   PHE A N   1 
ATOM   258  C  CA  . PHE A 1 33  ? -2.931  1.546   12.279  1.00 12.34 ? 33   PHE A CA  1 
ATOM   259  C  C   . PHE A 1 33  ? -3.915  2.255   13.194  1.00 13.55 ? 33   PHE A C   1 
ATOM   260  O  O   . PHE A 1 33  ? -4.514  1.637   14.075  1.00 14.22 ? 33   PHE A O   1 
ATOM   261  C  CB  . PHE A 1 33  ? -1.545  1.647   12.935  1.00 12.06 ? 33   PHE A CB  1 
ATOM   262  C  CG  . PHE A 1 33  ? -0.494  0.785   12.291  1.00 11.35 ? 33   PHE A CG  1 
ATOM   263  C  CD1 . PHE A 1 33  ? -0.832  -0.411  11.631  1.00 11.48 ? 33   PHE A CD1 1 
ATOM   264  C  CD2 . PHE A 1 33  ? 0.850   1.145   12.381  1.00 12.40 ? 33   PHE A CD2 1 
ATOM   265  C  CE1 . PHE A 1 33  ? 0.160   -1.218  11.097  1.00 12.00 ? 33   PHE A CE1 1 
ATOM   266  C  CE2 . PHE A 1 33  ? 1.832   0.358   11.819  1.00 13.35 ? 33   PHE A CE2 1 
ATOM   267  C  CZ  . PHE A 1 33  ? 1.495   -0.823  11.163  1.00 12.12 ? 33   PHE A CZ  1 
ATOM   268  N  N   . THR A 1 34  ? -4.072  3.548   12.979  1.00 13.69 ? 34   THR A N   1 
ATOM   269  C  CA  . THR A 1 34  ? -4.966  4.358   13.801  1.00 14.44 ? 34   THR A CA  1 
ATOM   270  C  C   . THR A 1 34  ? -6.416  4.170   13.352  1.00 14.58 ? 34   THR A C   1 
ATOM   271  O  O   . THR A 1 34  ? -7.315  4.145   14.195  1.00 15.02 ? 34   THR A O   1 
ATOM   272  C  CB  . THR A 1 34  ? -4.540  5.855   13.822  1.00 14.81 ? 34   THR A CB  1 
ATOM   273  O  OG1 . THR A 1 34  ? -4.579  6.415   12.505  1.00 16.41 ? 34   THR A OG1 1 
ATOM   274  C  CG2 . THR A 1 34  ? -3.146  6.011   14.409  1.00 13.79 ? 34   THR A CG2 1 
ATOM   275  N  N   . GLY A 1 35  ? -6.642  3.996   12.042  1.00 14.94 ? 35   GLY A N   1 
ATOM   276  C  CA  . GLY A 1 35  ? -7.988  3.807   11.531  1.00 15.28 ? 35   GLY A CA  1 
ATOM   277  C  C   . GLY A 1 35  ? -8.511  2.407   11.799  1.00 15.25 ? 35   GLY A C   1 
ATOM   278  O  O   . GLY A 1 35  ? -9.725  2.194   11.965  1.00 16.29 ? 35   GLY A O   1 
ATOM   279  N  N   . HIS A 1 36  ? -7.584  1.449   11.848  1.00 14.57 ? 36   HIS A N   1 
ATOM   280  C  CA  . HIS A 1 36  ? -7.914  0.024   11.953  1.00 14.69 ? 36   HIS A CA  1 
ATOM   281  C  C   . HIS A 1 36  ? -6.915  -0.676  12.862  1.00 14.22 ? 36   HIS A C   1 
ATOM   282  O  O   . HIS A 1 36  ? -6.012  -1.348  12.368  1.00 13.83 ? 36   HIS A O   1 
ATOM   283  C  CB  . HIS A 1 36  ? -7.872  -0.594  10.549  1.00 15.36 ? 36   HIS A CB  1 
ATOM   284  C  CG  . HIS A 1 36  ? -8.681  0.171   9.548   1.00 17.05 ? 36   HIS A CG  1 
ATOM   285  N  ND1 . HIS A 1 36  ? -10.033 -0.031  9.383   1.00 17.57 ? 36   HIS A ND1 1 
ATOM   286  C  CD2 . HIS A 1 36  ? -8.341  1.164   8.689   1.00 18.87 ? 36   HIS A CD2 1 
ATOM   287  C  CE1 . HIS A 1 36  ? -10.490 0.795   8.460   1.00 17.08 ? 36   HIS A CE1 1 
ATOM   288  N  NE2 . HIS A 1 36  ? -9.486  1.534   8.028   1.00 18.25 ? 36   HIS A NE2 1 
ATOM   289  N  N   . PRO A 1 37  ? -7.054  -0.510  14.199  1.00 13.57 ? 37   PRO A N   1 
ATOM   290  C  CA  . PRO A 1 37  ? -6.098  -1.067  15.157  1.00 13.81 ? 37   PRO A CA  1 
ATOM   291  C  C   . PRO A 1 37  ? -5.861  -2.563  15.063  1.00 13.59 ? 37   PRO A C   1 
ATOM   292  O  O   . PRO A 1 37  ? -4.800  -3.040  15.477  1.00 13.72 ? 37   PRO A O   1 
ATOM   293  C  CB  . PRO A 1 37  ? -6.741  -0.721  16.502  1.00 13.28 ? 37   PRO A CB  1 
ATOM   294  C  CG  . PRO A 1 37  ? -7.451  0.540   16.234  1.00 13.43 ? 37   PRO A CG  1 
ATOM   295  C  CD  . PRO A 1 37  ? -8.104  0.248   14.910  1.00 13.97 ? 37   PRO A CD  1 
ATOM   296  N  N   . GLU A 1 38  ? -6.840  -3.314  14.558  1.00 13.77 ? 38   GLU A N   1 
ATOM   297  C  CA  . GLU A 1 38  ? -6.635  -4.752  14.335  1.00 14.29 ? 38   GLU A CA  1 
ATOM   298  C  C   . GLU A 1 38  ? -5.438  -5.043  13.411  1.00 14.60 ? 38   GLU A C   1 
ATOM   299  O  O   . GLU A 1 38  ? -4.807  -6.102  13.527  1.00 15.94 ? 38   GLU A O   1 
ATOM   300  C  CB  . GLU A 1 38  ? -7.905  -5.433  13.807  1.00 14.34 ? 38   GLU A CB  1 
ATOM   301  C  CG  . GLU A 1 38  ? -8.302  -5.077  12.364  1.00 13.57 ? 38   GLU A CG  1 
ATOM   302  C  CD  . GLU A 1 38  ? -9.162  -3.840  12.239  1.00 13.59 ? 38   GLU A CD  1 
ATOM   303  O  OE1 . GLU A 1 38  ? -9.043  -2.918  13.084  1.00 13.38 ? 38   GLU A OE1 1 
ATOM   304  O  OE2 . GLU A 1 38  ? -9.953  -3.786  11.270  1.00 12.87 ? 38   GLU A OE2 1 
ATOM   305  N  N   . THR A 1 39  ? -5.140  -4.117  12.492  1.00 14.01 ? 39   THR A N   1 
ATOM   306  C  CA  . THR A 1 39  ? -4.019  -4.302  11.566  1.00 14.14 ? 39   THR A CA  1 
ATOM   307  C  C   . THR A 1 39  ? -2.684  -4.250  12.302  1.00 14.31 ? 39   THR A C   1 
ATOM   308  O  O   . THR A 1 39  ? -1.733  -4.932  11.898  1.00 15.43 ? 39   THR A O   1 
ATOM   309  C  CB  . THR A 1 39  ? -4.063  -3.274  10.395  1.00 13.31 ? 39   THR A CB  1 
ATOM   310  O  OG1 . THR A 1 39  ? -3.915  -1.942  10.910  1.00 12.74 ? 39   THR A OG1 1 
ATOM   311  C  CG2 . THR A 1 39  ? -5.390  -3.374  9.644   1.00 14.09 ? 39   THR A CG2 1 
ATOM   312  N  N   . LEU A 1 40  ? -2.603  -3.462  13.384  1.00 14.40 ? 40   LEU A N   1 
ATOM   313  C  CA  . LEU A 1 40  ? -1.342  -3.329  14.115  1.00 15.75 ? 40   LEU A CA  1 
ATOM   314  C  C   . LEU A 1 40  ? -0.974  -4.696  14.706  1.00 15.90 ? 40   LEU A C   1 
ATOM   315  O  O   . LEU A 1 40  ? 0.213   -5.067  14.816  1.00 15.92 ? 40   LEU A O   1 
ATOM   316  C  CB  . LEU A 1 40  ? -1.464  -2.239  15.201  1.00 14.83 ? 40   LEU A CB  1 
ATOM   317  C  CG  . LEU A 1 40  ? -0.202  -1.829  15.966  1.00 16.60 ? 40   LEU A CG  1 
ATOM   318  C  CD1 . LEU A 1 40  ? 0.852   -1.210  15.062  1.00 19.00 ? 40   LEU A CD1 1 
ATOM   319  C  CD2 . LEU A 1 40  ? -0.544  -0.841  17.056  1.00 17.32 ? 40   LEU A CD2 1 
ATOM   320  N  N   . GLU A 1 41  ? -2.007  -5.472  15.019  1.00 16.50 ? 41   GLU A N   1 
ATOM   321  C  CA  . GLU A 1 41  ? -1.828  -6.796  15.608  1.00 17.27 ? 41   GLU A CA  1 
ATOM   322  C  C   . GLU A 1 41  ? -1.165  -7.804  14.670  1.00 17.10 ? 41   GLU A C   1 
ATOM   323  O  O   . GLU A 1 41  ? -0.667  -8.829  15.129  1.00 17.95 ? 41   GLU A O   1 
ATOM   324  C  CB  . GLU A 1 41  ? -3.157  -7.346  16.143  1.00 17.91 ? 41   GLU A CB  1 
ATOM   325  C  CG  . GLU A 1 41  ? -3.719  -6.539  17.295  1.00 19.72 ? 41   GLU A CG  1 
ATOM   326  C  CD  . GLU A 1 41  ? -2.695  -6.236  18.406  1.00 22.49 ? 41   GLU A CD  1 
ATOM   327  O  OE1 . GLU A 1 41  ? -2.159  -7.190  18.998  1.00 22.11 ? 41   GLU A OE1 1 
ATOM   328  O  OE2 . GLU A 1 41  ? -2.444  -5.035  18.704  1.00 25.33 ? 41   GLU A OE2 1 
ATOM   329  N  N   . LYS A 1 42  ? -1.118  -7.491  13.371  1.00 17.10 ? 42   LYS A N   1 
ATOM   330  C  CA  . LYS A 1 42  ? -0.447  -8.377  12.416  1.00 17.12 ? 42   LYS A CA  1 
ATOM   331  C  C   . LYS A 1 42  ? 1.065   -8.160  12.404  1.00 17.15 ? 42   LYS A C   1 
ATOM   332  O  O   . LYS A 1 42  ? 1.798   -8.955  11.807  1.00 17.04 ? 42   LYS A O   1 
ATOM   333  C  CB  . LYS A 1 42  ? -1.009  -8.206  11.002  1.00 16.71 ? 42   LYS A CB  1 
ATOM   334  C  CG  . LYS A 1 42  ? -2.460  -8.653  10.839  1.00 16.83 ? 42   LYS A CG  1 
ATOM   335  C  CD  . LYS A 1 42  ? -2.589  -10.173 11.007  1.00 18.03 ? 42   LYS A CD  1 
ATOM   336  C  CE  . LYS A 1 42  ? -4.007  -10.649 10.722  1.00 17.42 ? 42   LYS A CE  1 
ATOM   337  N  NZ  . LYS A 1 42  ? -4.088  -12.170 10.719  1.00 18.82 ? 42   LYS A NZ  1 
ATOM   338  N  N   . PHE A 1 43  ? 1.513   -7.090  13.073  1.00 16.65 ? 43   PHE A N   1 
ATOM   339  C  CA  . PHE A 1 43  ? 2.931   -6.758  13.183  1.00 17.23 ? 43   PHE A CA  1 
ATOM   340  C  C   . PHE A 1 43  ? 3.408   -6.914  14.620  1.00 17.80 ? 43   PHE A C   1 
ATOM   341  O  O   . PHE A 1 43  ? 3.332   -5.970  15.399  1.00 18.53 ? 43   PHE A O   1 
ATOM   342  C  CB  . PHE A 1 43  ? 3.194   -5.301  12.776  1.00 16.33 ? 43   PHE A CB  1 
ATOM   343  C  CG  . PHE A 1 43  ? 2.869   -4.976  11.333  1.00 15.20 ? 43   PHE A CG  1 
ATOM   344  C  CD1 . PHE A 1 43  ? 1.570   -4.660  10.942  1.00 14.73 ? 43   PHE A CD1 1 
ATOM   345  C  CD2 . PHE A 1 43  ? 3.887   -4.941  10.379  1.00 14.15 ? 43   PHE A CD2 1 
ATOM   346  C  CE1 . PHE A 1 43  ? 1.297   -4.326  9.618   1.00 15.68 ? 43   PHE A CE1 1 
ATOM   347  C  CE2 . PHE A 1 43  ? 3.611   -4.622  9.057   1.00 15.50 ? 43   PHE A CE2 1 
ATOM   348  C  CZ  . PHE A 1 43  ? 2.325   -4.322  8.675   1.00 15.29 ? 43   PHE A CZ  1 
ATOM   349  N  N   . ASP A 1 44  ? 3.935   -8.082  14.965  1.00 19.87 ? 44   ASP A N   1 
ATOM   350  C  CA  . ASP A 1 44  ? 4.551   -8.266  16.281  1.00 20.91 ? 44   ASP A CA  1 
ATOM   351  C  C   . ASP A 1 44  ? 5.586   -7.163  16.574  1.00 20.80 ? 44   ASP A C   1 
ATOM   352  O  O   . ASP A 1 44  ? 5.680   -6.703  17.713  1.00 21.45 ? 44   ASP A O   1 
ATOM   353  C  CB  . ASP A 1 44  ? 5.189   -9.646  16.404  1.00 22.15 ? 44   ASP A CB  1 
ATOM   354  C  CG  . ASP A 1 44  ? 4.165   -10.773 16.451  1.00 25.22 ? 44   ASP A CG  1 
ATOM   355  O  OD1 . ASP A 1 44  ? 2.955   -10.504 16.591  1.00 28.49 ? 44   ASP A OD1 1 
ATOM   356  O  OD2 . ASP A 1 44  ? 4.581   -11.945 16.347  1.00 29.64 ? 44   ASP A OD2 1 
ATOM   357  N  N   . LYS A 1 45  ? 6.306   -6.696  15.548  1.00 20.06 ? 45   LYS A N   1 
ATOM   358  C  CA  . LYS A 1 45  ? 7.320   -5.650  15.753  1.00 19.50 ? 45   LYS A CA  1 
ATOM   359  C  C   . LYS A 1 45  ? 6.777   -4.212  15.895  1.00 18.61 ? 45   LYS A C   1 
ATOM   360  O  O   . LYS A 1 45  ? 7.562   -3.282  16.125  1.00 18.14 ? 45   LYS A O   1 
ATOM   361  C  CB  . LYS A 1 45  ? 8.422   -5.708  14.690  1.00 20.03 ? 45   LYS A CB  1 
ATOM   362  C  CG  . LYS A 1 45  ? 8.075   -5.057  13.359  1.00 21.14 ? 45   LYS A CG  1 
ATOM   363  C  CD  . LYS A 1 45  ? 9.308   -5.089  12.464  1.00 22.87 ? 45   LYS A CD  1 
ATOM   364  C  CE  . LYS A 1 45  ? 8.984   -4.605  11.073  1.00 25.07 ? 45   LYS A CE  1 
ATOM   365  N  NZ  . LYS A 1 45  ? 10.247  -4.368  10.327  1.00 26.91 ? 45   LYS A NZ  1 
ATOM   366  N  N   . PHE A 1 46  ? 5.468   -4.027  15.714  1.00 17.25 ? 46   PHE A N   1 
ATOM   367  C  CA  . PHE A 1 46  ? 4.853   -2.707  15.965  1.00 16.80 ? 46   PHE A CA  1 
ATOM   368  C  C   . PHE A 1 46  ? 3.799   -2.714  17.056  1.00 17.41 ? 46   PHE A C   1 
ATOM   369  O  O   . PHE A 1 46  ? 3.284   -1.660  17.411  1.00 15.83 ? 46   PHE A O   1 
ATOM   370  C  CB  . PHE A 1 46  ? 4.291   -2.059  14.673  1.00 17.20 ? 46   PHE A CB  1 
ATOM   371  C  CG  . PHE A 1 46  ? 5.335   -1.804  13.615  1.00 17.31 ? 46   PHE A CG  1 
ATOM   372  C  CD1 . PHE A 1 46  ? 6.521   -1.150  13.925  1.00 18.50 ? 46   PHE A CD1 1 
ATOM   373  C  CD2 . PHE A 1 46  ? 5.122   -2.209  12.297  1.00 18.08 ? 46   PHE A CD2 1 
ATOM   374  C  CE1 . PHE A 1 46  ? 7.488   -0.916  12.940  1.00 18.28 ? 46   PHE A CE1 1 
ATOM   375  C  CE2 . PHE A 1 46  ? 6.087   -1.981  11.308  1.00 16.51 ? 46   PHE A CE2 1 
ATOM   376  C  CZ  . PHE A 1 46  ? 7.261   -1.347  11.623  1.00 19.08 ? 46   PHE A CZ  1 
ATOM   377  N  N   . LYS A 1 47  ? 3.501   -3.892  17.591  1.00 18.44 ? 47   LYS A N   1 
ATOM   378  C  CA  . LYS A 1 47  ? 2.563   -4.038  18.719  1.00 20.88 ? 47   LYS A CA  1 
ATOM   379  C  C   . LYS A 1 47  ? 2.841   -3.160  19.939  1.00 21.69 ? 47   LYS A C   1 
ATOM   380  O  O   . LYS A 1 47  ? 1.913   -2.770  20.658  1.00 23.41 ? 47   LYS A O   1 
ATOM   381  C  CB  . LYS A 1 47  ? 2.505   -5.498  19.160  1.00 20.61 ? 47   LYS A CB  1 
ATOM   382  C  CG  . LYS A 1 47  ? 1.553   -6.332  18.346  1.00 22.58 ? 47   LYS A CG  1 
ATOM   383  C  CD  . LYS A 1 47  ? 1.532   -7.751  18.849  1.00 24.39 ? 47   LYS A CD  1 
ATOM   384  C  CE  . LYS A 1 47  ? 0.678   -8.614  17.950  1.00 26.61 ? 47   LYS A CE  1 
ATOM   385  N  NZ  . LYS A 1 47  ? 0.441   -9.958  18.554  1.00 28.00 ? 47   LYS A NZ  1 
ATOM   386  N  N   . HIS A 1 48  ? 4.111   -2.861  20.191  1.00 23.01 ? 48   HIS A N   1 
ATOM   387  C  CA  . HIS A 1 48  ? 4.489   -2.000  21.315  1.00 23.50 ? 48   HIS A CA  1 
ATOM   388  C  C   . HIS A 1 48  ? 4.092   -0.533  21.091  1.00 23.95 ? 48   HIS A C   1 
ATOM   389  O  O   . HIS A 1 48  ? 4.233   0.299   21.995  1.00 25.05 ? 48   HIS A O   1 
ATOM   390  C  CB  . HIS A 1 48  ? 6.003   -2.061  21.527  1.00 23.58 ? 48   HIS A CB  1 
ATOM   391  C  CG  . HIS A 1 48  ? 6.778   -1.361  20.453  1.00 23.42 ? 48   HIS A CG  1 
ATOM   392  N  ND1 . HIS A 1 48  ? 7.086   -1.957  19.246  1.00 23.06 ? 48   HIS A ND1 1 
ATOM   393  C  CD2 . HIS A 1 48  ? 7.270   -0.101  20.388  1.00 21.85 ? 48   HIS A CD2 1 
ATOM   394  C  CE1 . HIS A 1 48  ? 7.750   -1.096  18.493  1.00 23.26 ? 48   HIS A CE1 1 
ATOM   395  N  NE2 . HIS A 1 48  ? 7.881   0.034   19.167  1.00 22.75 ? 48   HIS A NE2 1 
ATOM   396  N  N   . LEU A 1 49  ? 3.636   -0.194  19.886  1.00 23.68 ? 49   LEU A N   1 
ATOM   397  C  CA  . LEU A 1 49  ? 3.307   1.193   19.573  1.00 23.80 ? 49   LEU A CA  1 
ATOM   398  C  C   . LEU A 1 49  ? 1.911   1.520   20.060  1.00 24.20 ? 49   LEU A C   1 
ATOM   399  O  O   . LEU A 1 49  ? 0.915   1.326   19.356  1.00 24.64 ? 49   LEU A O   1 
ATOM   400  C  CB  . LEU A 1 49  ? 3.468   1.491   18.077  1.00 22.81 ? 49   LEU A CB  1 
ATOM   401  C  CG  . LEU A 1 49  ? 4.901   1.530   17.538  1.00 22.75 ? 49   LEU A CG  1 
ATOM   402  C  CD1 . LEU A 1 49  ? 4.867   1.797   16.057  1.00 21.76 ? 49   LEU A CD1 1 
ATOM   403  C  CD2 . LEU A 1 49  ? 5.748   2.598   18.239  1.00 22.00 ? 49   LEU A CD2 1 
ATOM   404  N  N   . LYS A 1 50  ? 1.859   2.048   21.275  1.00 24.15 ? 50   LYS A N   1 
ATOM   405  C  CA  . LYS A 1 50  ? 0.588   2.240   21.966  1.00 24.56 ? 50   LYS A CA  1 
ATOM   406  C  C   . LYS A 1 50  ? -0.048  3.606   21.740  1.00 23.84 ? 50   LYS A C   1 
ATOM   407  O  O   . LYS A 1 50  ? -1.227  3.793   22.055  1.00 24.51 ? 50   LYS A O   1 
ATOM   408  C  CB  . LYS A 1 50  ? 0.755   1.967   23.462  1.00 25.16 ? 50   LYS A CB  1 
ATOM   409  C  CG  . LYS A 1 50  ? 0.869   0.488   23.804  1.00 27.04 ? 50   LYS A CG  1 
ATOM   410  C  CD  . LYS A 1 50  ? -0.494  -0.202  23.786  1.00 29.25 ? 50   LYS A CD  1 
ATOM   411  C  CE  . LYS A 1 50  ? -0.443  -1.558  24.476  1.00 30.06 ? 50   LYS A CE  1 
ATOM   412  N  NZ  . LYS A 1 50  ? -1.814  -2.132  24.668  1.00 30.44 ? 50   LYS A NZ  1 
ATOM   413  N  N   . THR A 1 51  ? 0.723   4.562   21.224  1.00 21.97 ? 51   THR A N   1 
ATOM   414  C  CA  . THR A 1 51  ? 0.204   5.896   20.920  1.00 20.63 ? 51   THR A CA  1 
ATOM   415  C  C   . THR A 1 51  ? 0.669   6.335   19.548  1.00 20.54 ? 51   THR A C   1 
ATOM   416  O  O   . THR A 1 51  ? 1.672   5.816   19.022  1.00 19.89 ? 51   THR A O   1 
ATOM   417  C  CB  . THR A 1 51  ? 0.671   6.967   21.937  1.00 20.30 ? 51   THR A CB  1 
ATOM   418  O  OG1 . THR A 1 51  ? 2.086   7.135   21.816  1.00 18.58 ? 51   THR A OG1 1 
ATOM   419  C  CG2 . THR A 1 51  ? 0.305   6.577   23.385  1.00 20.57 ? 51   THR A CG2 1 
ATOM   420  N  N   . GLU A 1 52  ? -0.038  7.301   18.961  1.00 19.76 ? 52   GLU A N   1 
ATOM   421  C  CA  . GLU A 1 52  ? 0.408   7.881   17.693  1.00 19.28 ? 52   GLU A CA  1 
ATOM   422  C  C   . GLU A 1 52  ? 1.757   8.629   17.789  1.00 19.12 ? 52   GLU A C   1 
ATOM   423  O  O   . GLU A 1 52  ? 2.540   8.651   16.825  1.00 17.57 ? 52   GLU A O   1 
ATOM   424  C  CB  . GLU A 1 52  ? -0.665  8.777   17.083  1.00 19.32 ? 52   GLU A CB  1 
ATOM   425  C  CG  . GLU A 1 52  ? -0.221  9.394   15.758  1.00 19.73 ? 52   GLU A CG  1 
ATOM   426  C  CD  . GLU A 1 52  ? -1.329  10.122  15.041  1.00 21.41 ? 52   GLU A CD  1 
ATOM   427  O  OE1 . GLU A 1 52  ? -2.521  9.845   15.326  1.00 21.00 ? 52   GLU A OE1 1 
ATOM   428  O  OE2 . GLU A 1 52  ? -0.992  10.966  14.183  1.00 23.60 ? 52   GLU A OE2 1 
ATOM   429  N  N   . ALA A 1 53  ? 2.044   9.211   18.950  1.00 18.56 ? 53   ALA A N   1 
ATOM   430  C  CA  . ALA A 1 53  ? 3.340   9.853   19.180  1.00 19.13 ? 53   ALA A CA  1 
ATOM   431  C  C   . ALA A 1 53  ? 4.438   8.819   19.091  1.00 18.97 ? 53   ALA A C   1 
ATOM   432  O  O   . ALA A 1 53  ? 5.476   9.047   18.454  1.00 19.61 ? 53   ALA A O   1 
ATOM   433  C  CB  . ALA A 1 53  ? 3.380   10.521  20.543  1.00 19.24 ? 53   ALA A CB  1 
ATOM   434  N  N   . GLU A 1 54  ? 4.200   7.668   19.717  1.00 18.77 ? 54   GLU A N   1 
ATOM   435  C  CA  . GLU A 1 54  ? 5.152   6.572   19.607  1.00 18.71 ? 54   GLU A CA  1 
ATOM   436  C  C   . GLU A 1 54  ? 5.310   6.123   18.140  1.00 17.76 ? 54   GLU A C   1 
ATOM   437  O  O   . GLU A 1 54  ? 6.419   5.824   17.706  1.00 18.55 ? 54   GLU A O   1 
ATOM   438  C  CB  . GLU A 1 54  ? 4.745   5.405   20.498  1.00 18.59 ? 54   GLU A CB  1 
ATOM   439  C  CG  . GLU A 1 54  ? 5.064   5.631   21.965  1.00 20.72 ? 54   GLU A CG  1 
ATOM   440  C  CD  . GLU A 1 54  ? 4.326   4.695   22.903  1.00 25.13 ? 54   GLU A CD  1 
ATOM   441  O  OE1 . GLU A 1 54  ? 3.423   3.954   22.449  1.00 24.68 ? 54   GLU A OE1 1 
ATOM   442  O  OE2 . GLU A 1 54  ? 4.649   4.718   24.114  1.00 24.89 ? 54   GLU A OE2 1 
ATOM   443  N  N   . MET A 1 55  ? 4.214   6.075   17.384  1.00 17.65 ? 55   MET A N   1 
ATOM   444  C  CA  . MET A 1 55  ? 4.282   5.675   15.966  1.00 17.26 ? 55   MET A CA  1 
ATOM   445  C  C   . MET A 1 55  ? 5.137   6.664   15.185  1.00 17.33 ? 55   MET A C   1 
ATOM   446  O  O   . MET A 1 55  ? 5.992   6.252   14.390  1.00 16.76 ? 55   MET A O   1 
ATOM   447  C  CB  . MET A 1 55  ? 2.880   5.544   15.330  1.00 16.39 ? 55   MET A CB  1 
ATOM   448  C  CG  . MET A 1 55  ? 2.030   4.408   15.912  1.00 17.58 ? 55   MET A CG  1 
ATOM   449  S  SD  . MET A 1 55  ? 0.349   4.501   15.244  1.00 17.83 ? 55   MET A SD  1 
ATOM   450  C  CE  . MET A 1 55  ? -0.519  3.270   16.246  1.00 15.54 ? 55   MET A CE  1 
ATOM   451  N  N   . LYS A 1 56  ? 4.937   7.957   15.448  1.00 17.75 ? 56   LYS A N   1 
ATOM   452  C  CA  . LYS A 1 56  ? 5.631   9.032   14.721  1.00 18.11 ? 56   LYS A CA  1 
ATOM   453  C  C   . LYS A 1 56  ? 7.122   8.997   15.013  1.00 17.88 ? 56   LYS A C   1 
ATOM   454  O  O   . LYS A 1 56  ? 7.934   9.319   14.141  1.00 18.33 ? 56   LYS A O   1 
ATOM   455  C  CB  . LYS A 1 56  ? 5.061   10.405  15.096  1.00 19.22 ? 56   LYS A CB  1 
ATOM   456  C  CG  . LYS A 1 56  ? 3.683   10.690  14.515  1.00 21.06 ? 56   LYS A CG  1 
ATOM   457  C  CD  . LYS A 1 56  ? 3.757   11.167  13.083  1.00 23.88 ? 56   LYS A CD  1 
ATOM   458  C  CE  . LYS A 1 56  ? 2.373   11.574  12.580  1.00 26.38 ? 56   LYS A CE  1 
ATOM   459  N  NZ  . LYS A 1 56  ? 1.903   12.842  13.214  1.00 28.39 ? 56   LYS A NZ  1 
ATOM   460  N  N   . ALA A 1 57  ? 7.457   8.606   16.241  1.00 17.21 ? 57   ALA A N   1 
ATOM   461  C  CA  . ALA A 1 57  ? 8.832   8.579   16.756  1.00 16.97 ? 57   ALA A CA  1 
ATOM   462  C  C   . ALA A 1 57  ? 9.613   7.330   16.355  1.00 16.61 ? 57   ALA A C   1 
ATOM   463  O  O   . ALA A 1 57  ? 10.836  7.298   16.503  1.00 17.44 ? 57   ALA A O   1 
ATOM   464  C  CB  . ALA A 1 57  ? 8.835   8.737   18.283  1.00 17.11 ? 57   ALA A CB  1 
ATOM   465  N  N   . SER A 1 58  ? 8.916   6.313   15.834  1.00 16.07 ? 58   SER A N   1 
ATOM   466  C  CA  . SER A 1 58  ? 9.555   5.051   15.478  1.00 15.05 ? 58   SER A CA  1 
ATOM   467  C  C   . SER A 1 58  ? 10.300  5.134   14.133  1.00 14.50 ? 58   SER A C   1 
ATOM   468  O  O   . SER A 1 58  ? 9.684   5.252   13.061  1.00 14.77 ? 58   SER A O   1 
ATOM   469  C  CB  . SER A 1 58  ? 8.508   3.936   15.454  1.00 14.85 ? 58   SER A CB  1 
ATOM   470  O  OG  . SER A 1 58  ? 9.051   2.729   14.972  1.00 14.00 ? 58   SER A OG  1 
ATOM   471  N  N   . GLU A 1 59  ? 11.624  5.045   14.192  1.00 15.21 ? 59   GLU A N   1 
ATOM   472  C  CA  . GLU A 1 59  ? 12.419  4.987   12.970  1.00 15.29 ? 59   GLU A CA  1 
ATOM   473  C  C   . GLU A 1 59  ? 12.204  3.671   12.243  1.00 15.10 ? 59   GLU A C   1 
ATOM   474  O  O   . GLU A 1 59  ? 12.299  3.621   11.017  1.00 15.64 ? 59   GLU A O   1 
ATOM   475  C  CB  . GLU A 1 59  ? 13.909  5.199   13.263  1.00 15.51 ? 59   GLU A CB  1 
ATOM   476  C  CG  . GLU A 1 59  ? 14.214  6.575   13.864  1.00 17.72 ? 59   GLU A CG  1 
ATOM   477  C  CD  . GLU A 1 59  ? 13.682  7.734   13.006  1.00 16.65 ? 59   GLU A CD  1 
ATOM   478  O  OE1 . GLU A 1 59  ? 13.776  7.690   11.770  1.00 19.41 ? 59   GLU A OE1 1 
ATOM   479  O  OE2 . GLU A 1 59  ? 13.164  8.711   13.580  1.00 23.94 ? 59   GLU A OE2 1 
ATOM   480  N  N   . ASP A 1 60  ? 11.942  2.597   12.990  1.00 14.01 ? 60   ASP A N   1 
ATOM   481  C  CA  . ASP A 1 60  ? 11.671  1.319   12.348  1.00 13.67 ? 60   ASP A CA  1 
ATOM   482  C  C   . ASP A 1 60  ? 10.368  1.335   11.547  1.00 13.32 ? 60   ASP A C   1 
ATOM   483  O  O   . ASP A 1 60  ? 10.295  0.644   10.507  1.00 13.27 ? 60   ASP A O   1 
ATOM   484  C  CB  . ASP A 1 60  ? 11.677  0.154   13.340  1.00 14.82 ? 60   ASP A CB  1 
ATOM   485  C  CG  . ASP A 1 60  ? 11.861  -1.169  12.641  1.00 16.14 ? 60   ASP A CG  1 
ATOM   486  O  OD1 . ASP A 1 60  ? 12.867  -1.310  11.923  1.00 18.22 ? 60   ASP A OD1 1 
ATOM   487  O  OD2 . ASP A 1 60  ? 10.991  -2.057  12.779  1.00 19.26 ? 60   ASP A OD2 1 
ATOM   488  N  N   A LEU A 1 61  ? 9.370   2.089   12.022  0.50 12.84 ? 61   LEU A N   1 
ATOM   489  N  N   B LEU A 1 61  ? 9.359   2.086   12.020  0.50 12.23 ? 61   LEU A N   1 
ATOM   490  C  CA  A LEU A 1 61  ? 8.104   2.242   11.285  0.50 12.87 ? 61   LEU A CA  1 
ATOM   491  C  CA  B LEU A 1 61  ? 8.091   2.243   11.266  0.50 12.17 ? 61   LEU A CA  1 
ATOM   492  C  C   A LEU A 1 61  ? 8.337   2.940   9.942   0.50 12.97 ? 61   LEU A C   1 
ATOM   493  C  C   B LEU A 1 61  ? 8.324   2.952   9.932   0.50 12.58 ? 61   LEU A C   1 
ATOM   494  O  O   A LEU A 1 61  ? 7.783   2.526   8.915   0.50 13.09 ? 61   LEU A O   1 
ATOM   495  O  O   B LEU A 1 61  ? 7.760   2.560   8.901   0.50 12.75 ? 61   LEU A O   1 
ATOM   496  C  CB  A LEU A 1 61  ? 7.058   2.983   12.138  0.50 12.53 ? 61   LEU A CB  1 
ATOM   497  C  CB  B LEU A 1 61  ? 6.993   2.957   12.092  0.50 11.75 ? 61   LEU A CB  1 
ATOM   498  C  CG  A LEU A 1 61  ? 5.599   2.878   11.665  0.50 12.24 ? 61   LEU A CG  1 
ATOM   499  C  CG  B LEU A 1 61  ? 5.617   3.036   11.389  0.50 10.98 ? 61   LEU A CG  1 
ATOM   500  C  CD1 A LEU A 1 61  ? 4.613   3.088   12.812  0.50 12.58 ? 61   LEU A CD1 1 
ATOM   501  C  CD1 B LEU A 1 61  ? 5.070   1.643   11.122  0.50 10.40 ? 61   LEU A CD1 1 
ATOM   502  C  CD2 A LEU A 1 61  ? 5.300   3.844   10.547  0.50 14.73 ? 61   LEU A CD2 1 
ATOM   503  C  CD2 B LEU A 1 61  ? 4.552   3.854   12.121  0.50 11.28 ? 61   LEU A CD2 1 
ATOM   504  N  N   . LYS A 1 62  ? 9.164   3.985   9.946   1.00 13.34 ? 62   LYS A N   1 
ATOM   505  C  CA  . LYS A 1 62  ? 9.560   4.678   8.706   1.00 13.62 ? 62   LYS A CA  1 
ATOM   506  C  C   . LYS A 1 62  ? 10.312  3.743   7.753   1.00 13.25 ? 62   LYS A C   1 
ATOM   507  O  O   . LYS A 1 62  ? 10.053  3.737   6.552   1.00 12.46 ? 62   LYS A O   1 
ATOM   508  C  CB  . LYS A 1 62  ? 10.424  5.903   9.007   1.00 14.14 ? 62   LYS A CB  1 
ATOM   509  C  CG  . LYS A 1 62  ? 9.726   7.034   9.725   1.00 17.34 ? 62   LYS A CG  1 
ATOM   510  C  CD  . LYS A 1 62  ? 10.752  8.114   10.074  1.00 20.52 ? 62   LYS A CD  1 
ATOM   511  C  CE  . LYS A 1 62  ? 10.229  9.025   11.190  1.00 23.85 ? 62   LYS A CE  1 
ATOM   512  N  NZ  . LYS A 1 62  ? 11.277  9.899   11.789  1.00 25.76 ? 62   LYS A NZ  1 
ATOM   513  N  N   . LYS A 1 63  ? 11.226  2.940   8.305   1.00 11.96 ? 63   LYS A N   1 
ATOM   514  C  CA  . LYS A 1 63  ? 11.952  1.949   7.516   1.00 11.66 ? 63   LYS A CA  1 
ATOM   515  C  C   . LYS A 1 63  ? 10.976  0.999   6.799   1.00 11.83 ? 63   LYS A C   1 
ATOM   516  O  O   . LYS A 1 63  ? 11.078  0.788   5.600   1.00 12.70 ? 63   LYS A O   1 
ATOM   517  C  CB  . LYS A 1 63  ? 12.900  1.152   8.422   1.00 11.16 ? 63   LYS A CB  1 
ATOM   518  C  CG  . LYS A 1 63  ? 13.795  0.137   7.683   1.00 10.53 ? 63   LYS A CG  1 
ATOM   519  C  CD  . LYS A 1 63  ? 14.710  -0.570  8.718   1.00 10.73 ? 63   LYS A CD  1 
ATOM   520  C  CE  . LYS A 1 63  ? 15.440  -1.732  8.114   1.00 11.12 ? 63   LYS A CE  1 
ATOM   521  N  NZ  . LYS A 1 63  ? 16.329  -2.347  9.153   1.00 12.91 ? 63   LYS A NZ  1 
ATOM   522  N  N   . HIS A 1 64  ? 10.026  0.436   7.547   1.00 12.46 ? 64   HIS A N   1 
ATOM   523  C  CA  . HIS A 1 64  ? 9.035   -0.455  6.948   1.00 11.45 ? 64   HIS A CA  1 
ATOM   524  C  C   . HIS A 1 64  ? 8.159   0.268   5.906   1.00 11.58 ? 64   HIS A C   1 
ATOM   525  O  O   . HIS A 1 64  ? 7.834   -0.313  4.873   1.00 11.66 ? 64   HIS A O   1 
ATOM   526  C  CB  . HIS A 1 64  ? 8.177   -1.139  8.014   1.00 12.29 ? 64   HIS A CB  1 
ATOM   527  C  CG  . HIS A 1 64  ? 7.351   -2.240  7.448   1.00 12.96 ? 64   HIS A CG  1 
ATOM   528  N  ND1 . HIS A 1 64  ? 7.907   -3.422  7.006   1.00 15.13 ? 64   HIS A ND1 1 
ATOM   529  C  CD2 . HIS A 1 64  ? 6.029   -2.317  7.177   1.00 14.22 ? 64   HIS A CD2 1 
ATOM   530  C  CE1 . HIS A 1 64  ? 6.956   -4.188  6.503   1.00 15.31 ? 64   HIS A CE1 1 
ATOM   531  N  NE2 . HIS A 1 64  ? 5.810   -3.536  6.585   1.00 13.89 ? 64   HIS A NE2 1 
ATOM   532  N  N   . GLY A 1 65  ? 7.811   1.532   6.166   1.00 11.11 ? 65   GLY A N   1 
ATOM   533  C  CA  . GLY A 1 65  ? 7.024   2.329   5.185   1.00 10.98 ? 65   GLY A CA  1 
ATOM   534  C  C   . GLY A 1 65  ? 7.814   2.444   3.882   1.00 11.20 ? 65   GLY A C   1 
ATOM   535  O  O   . GLY A 1 65  ? 7.246   2.344   2.769   1.00 10.69 ? 65   GLY A O   1 
ATOM   536  N  N   . THR A 1 66  ? 9.118   2.669   4.010   1.00 11.08 ? 66   THR A N   1 
ATOM   537  C  CA  . THR A 1 66  ? 10.014  2.673   2.843   1.00 10.46 ? 66   THR A CA  1 
ATOM   538  C  C   . THR A 1 66  ? 9.987   1.344   2.081   1.00 10.53 ? 66   THR A C   1 
ATOM   539  O  O   . THR A 1 66  ? 9.848   1.343   0.866   1.00 11.69 ? 66   THR A O   1 
ATOM   540  C  CB  . THR A 1 66  ? 11.463  3.070   3.211   1.00 11.50 ? 66   THR A CB  1 
ATOM   541  O  OG1 . THR A 1 66  ? 11.462  4.420   3.712   1.00 13.71 ? 66   THR A OG1 1 
ATOM   542  C  CG2 . THR A 1 66  ? 12.387  2.943   1.990   1.00 11.29 ? 66   THR A CG2 1 
ATOM   543  N  N   . VAL A 1 67  ? 10.095  0.223   2.784   1.00 9.56  ? 67   VAL A N   1 
ATOM   544  C  CA  . VAL A 1 67  ? 10.067  -1.097  2.145   1.00 10.11 ? 67   VAL A CA  1 
ATOM   545  C  C   . VAL A 1 67  ? 8.706   -1.299  1.416   1.00 10.11 ? 67   VAL A C   1 
ATOM   546  O  O   . VAL A 1 67  ? 8.634   -1.760  0.263   1.00 10.77 ? 67   VAL A O   1 
ATOM   547  C  CB  . VAL A 1 67  ? 10.340  -2.190  3.226   1.00 10.44 ? 67   VAL A CB  1 
ATOM   548  C  CG1 . VAL A 1 67  ? 9.941   -3.600  2.741   1.00 10.08 ? 67   VAL A CG1 1 
ATOM   549  C  CG2 . VAL A 1 67  ? 11.847  -2.155  3.685   1.00 10.75 ? 67   VAL A CG2 1 
ATOM   550  N  N   . VAL A 1 68  ? 7.620   -0.946  2.099   1.00 9.78  ? 68   VAL A N   1 
ATOM   551  C  CA  . VAL A 1 68  ? 6.293   -1.185  1.535   1.00 9.26  ? 68   VAL A CA  1 
ATOM   552  C  C   . VAL A 1 68  ? 6.064   -0.331  0.286   1.00 9.59  ? 68   VAL A C   1 
ATOM   553  O  O   . VAL A 1 68  ? 5.670   -0.826  -0.780  1.00 10.26 ? 68   VAL A O   1 
ATOM   554  C  CB  . VAL A 1 68  ? 5.183   -0.882  2.569   1.00 9.27  ? 68   VAL A CB  1 
ATOM   555  C  CG1 . VAL A 1 68  ? 3.791   -0.875  1.879   1.00 9.48  ? 68   VAL A CG1 1 
ATOM   556  C  CG2 . VAL A 1 68  ? 5.255   -1.876  3.729   1.00 7.18  ? 68   VAL A CG2 1 
ATOM   557  N  N   . LEU A 1 69  ? 6.335   0.964   0.381   1.00 10.56 ? 69   LEU A N   1 
ATOM   558  C  CA  . LEU A 1 69  ? 6.094   1.815   -0.792  1.00 9.71  ? 69   LEU A CA  1 
ATOM   559  C  C   . LEU A 1 69  ? 7.091   1.574   -1.926  1.00 9.58  ? 69   LEU A C   1 
ATOM   560  O  O   . LEU A 1 69  ? 6.746   1.767   -3.083  1.00 10.52 ? 69   LEU A O   1 
ATOM   561  C  CB  . LEU A 1 69  ? 6.047   3.298   -0.397  1.00 10.50 ? 69   LEU A CB  1 
ATOM   562  C  CG  . LEU A 1 69  ? 4.811   3.746   0.413   1.00 12.05 ? 69   LEU A CG  1 
ATOM   563  C  CD1 . LEU A 1 69  ? 4.666   5.280   0.353   1.00 9.85  ? 69   LEU A CD1 1 
ATOM   564  C  CD2 . LEU A 1 69  ? 3.506   3.096   -0.059  1.00 10.06 ? 69   LEU A CD2 1 
ATOM   565  N  N   . THR A 1 70  ? 8.315   1.144   -1.614  1.00 9.59  ? 70   THR A N   1 
ATOM   566  C  CA  . THR A 1 70  ? 9.279   0.796   -2.685  1.00 9.54  ? 70   THR A CA  1 
ATOM   567  C  C   . THR A 1 70  ? 8.748   -0.405  -3.470  1.00 8.70  ? 70   THR A C   1 
ATOM   568  O  O   . THR A 1 70  ? 8.841   -0.449  -4.705  1.00 8.67  ? 70   THR A O   1 
ATOM   569  C  CB  . THR A 1 70  ? 10.673  0.477   -2.111  1.00 10.25 ? 70   THR A CB  1 
ATOM   570  O  OG1 . THR A 1 70  ? 11.218  1.672   -1.527  1.00 11.49 ? 70   THR A OG1 1 
ATOM   571  C  CG2 . THR A 1 70  ? 11.626  -0.070  -3.221  1.00 10.30 ? 70   THR A CG2 1 
ATOM   572  N  N   . ALA A 1 71  ? 8.169   -1.381  -2.769  1.00 9.24  ? 71   ALA A N   1 
ATOM   573  C  CA  . ALA A 1 71  ? 7.648   -2.581  -3.459  1.00 9.18  ? 71   ALA A CA  1 
ATOM   574  C  C   . ALA A 1 71  ? 6.441   -2.191  -4.340  1.00 8.88  ? 71   ALA A C   1 
ATOM   575  O  O   . ALA A 1 71  ? 6.333   -2.607  -5.494  1.00 8.68  ? 71   ALA A O   1 
ATOM   576  C  CB  . ALA A 1 71  ? 7.247   -3.644  -2.433  1.00 10.04 ? 71   ALA A CB  1 
ATOM   577  N  N   . LEU A 1 72  ? 5.533   -1.384  -3.792  1.00 8.13  ? 72   LEU A N   1 
ATOM   578  C  CA  . LEU A 1 72  ? 4.372   -0.917  -4.563  1.00 8.23  ? 72   LEU A CA  1 
ATOM   579  C  C   . LEU A 1 72  ? 4.805   -0.104  -5.789  1.00 8.51  ? 72   LEU A C   1 
ATOM   580  O  O   . LEU A 1 72  ? 4.246   -0.256  -6.881  1.00 9.24  ? 72   LEU A O   1 
ATOM   581  C  CB  . LEU A 1 72  ? 3.455   -0.073  -3.659  1.00 7.88  ? 72   LEU A CB  1 
ATOM   582  C  CG  . LEU A 1 72  ? 2.215   0.503   -4.343  1.00 7.18  ? 72   LEU A CG  1 
ATOM   583  C  CD1 . LEU A 1 72  ? 1.363   -0.618  -4.991  1.00 11.04 ? 72   LEU A CD1 1 
ATOM   584  C  CD2 . LEU A 1 72  ? 1.360   1.324   -3.364  1.00 7.44  ? 72   LEU A CD2 1 
ATOM   585  N  N   . GLY A 1 73  ? 5.786   0.776   -5.604  1.00 9.47  ? 73   GLY A N   1 
ATOM   586  C  CA  . GLY A 1 73  ? 6.326   1.588   -6.707  1.00 10.92 ? 73   GLY A CA  1 
ATOM   587  C  C   . GLY A 1 73  ? 6.858   0.749   -7.855  1.00 11.31 ? 73   GLY A C   1 
ATOM   588  O  O   . GLY A 1 73  ? 6.601   1.049   -9.033  1.00 11.45 ? 73   GLY A O   1 
ATOM   589  N  N   . GLY A 1 74  ? 7.598   -0.306  -7.520  1.00 11.68 ? 74   GLY A N   1 
ATOM   590  C  CA  . GLY A 1 74  ? 8.129   -1.246  -8.529  1.00 11.50 ? 74   GLY A CA  1 
ATOM   591  C  C   . GLY A 1 74  ? 7.009   -1.892  -9.310  1.00 11.75 ? 74   GLY A C   1 
ATOM   592  O  O   . GLY A 1 74  ? 7.074   -2.021  -10.540 1.00 12.22 ? 74   GLY A O   1 
ATOM   593  N  N   . ILE A 1 75  ? 5.967   -2.299  -8.586  1.00 10.87 ? 75   ILE A N   1 
ATOM   594  C  CA  . ILE A 1 75  ? 4.792   -2.898  -9.189  1.00 10.52 ? 75   ILE A CA  1 
ATOM   595  C  C   . ILE A 1 75  ? 4.070   -1.900  -10.109 1.00 10.19 ? 75   ILE A C   1 
ATOM   596  O  O   . ILE A 1 75  ? 3.782   -2.227  -11.261 1.00 10.09 ? 75   ILE A O   1 
ATOM   597  C  CB  . ILE A 1 75  ? 3.876   -3.431  -8.086  1.00 10.44 ? 75   ILE A CB  1 
ATOM   598  C  CG1 . ILE A 1 75  ? 4.506   -4.676  -7.461  1.00 12.23 ? 75   ILE A CG1 1 
ATOM   599  C  CG2 . ILE A 1 75  ? 2.444   -3.720  -8.593  1.00 12.15 ? 75   ILE A CG2 1 
ATOM   600  C  CD1 . ILE A 1 75  ? 3.792   -5.118  -6.192  1.00 12.15 ? 75   ILE A CD1 1 
ATOM   601  N  N   . LEU A 1 76  ? 3.806   -0.676  -9.622  1.00 9.78  ? 76   LEU A N   1 
ATOM   602  C  CA  . LEU A 1 76  ? 3.127   0.340   -10.458 1.00 10.49 ? 76   LEU A CA  1 
ATOM   603  C  C   . LEU A 1 76  ? 3.862   0.666   -11.771 1.00 11.22 ? 76   LEU A C   1 
ATOM   604  O  O   . LEU A 1 76  ? 3.233   0.871   -12.821 1.00 11.58 ? 76   LEU A O   1 
ATOM   605  C  CB  . LEU A 1 76  ? 2.884   1.636   -9.674  1.00 10.15 ? 76   LEU A CB  1 
ATOM   606  C  CG  . LEU A 1 76  ? 1.913   1.492   -8.497  1.00 11.46 ? 76   LEU A CG  1 
ATOM   607  C  CD1 . LEU A 1 76  ? 1.866   2.780   -7.678  1.00 8.31  ? 76   LEU A CD1 1 
ATOM   608  C  CD2 . LEU A 1 76  ? 0.508   1.081   -8.949  1.00 10.66 ? 76   LEU A CD2 1 
ATOM   609  N  N   . LYS A 1 77  ? 5.187   0.720   -11.715 1.00 11.85 ? 77   LYS A N   1 
ATOM   610  C  CA  . LYS A 1 77  ? 5.980   1.028   -12.927 1.00 13.01 ? 77   LYS A CA  1 
ATOM   611  C  C   . LYS A 1 77  ? 5.927   -0.071  -13.986 1.00 12.56 ? 77   LYS A C   1 
ATOM   612  O  O   . LYS A 1 77  ? 6.316   0.140   -15.123 1.00 13.55 ? 77   LYS A O   1 
ATOM   613  C  CB  . LYS A 1 77  ? 7.419   1.374   -12.566 1.00 13.48 ? 77   LYS A CB  1 
ATOM   614  C  CG  . LYS A 1 77  ? 7.497   2.678   -11.776 1.00 14.58 ? 77   LYS A CG  1 
ATOM   615  C  CD  . LYS A 1 77  ? 8.871   2.975   -11.249 1.00 16.68 ? 77   LYS A CD  1 
ATOM   616  C  CE  . LYS A 1 77  ? 8.823   4.249   -10.411 1.00 16.39 ? 77   LYS A CE  1 
ATOM   617  N  NZ  . LYS A 1 77  ? 10.184  4.807   -10.149 1.00 17.06 ? 77   LYS A NZ  1 
ATOM   618  N  N   . LYS A 1 78  ? 5.411   -1.236  -13.616 1.00 12.56 ? 78   LYS A N   1 
ATOM   619  C  CA  . LYS A 1 78  ? 5.148   -2.312  -14.581 1.00 12.86 ? 78   LYS A CA  1 
ATOM   620  C  C   . LYS A 1 78  ? 3.851   -2.121  -15.376 1.00 12.92 ? 78   LYS A C   1 
ATOM   621  O  O   . LYS A 1 78  ? 3.577   -2.864  -16.346 1.00 13.30 ? 78   LYS A O   1 
ATOM   622  C  CB  . LYS A 1 78  ? 5.129   -3.673  -13.875 1.00 14.07 ? 78   LYS A CB  1 
ATOM   623  C  CG  . LYS A 1 78  ? 6.477   -4.119  -13.309 1.00 16.49 ? 78   LYS A CG  1 
ATOM   624  C  CD  . LYS A 1 78  ? 7.586   -4.297  -14.325 1.00 21.65 ? 78   LYS A CD  1 
ATOM   625  C  CE  . LYS A 1 78  ? 8.888   -4.568  -13.560 1.00 27.10 ? 78   LYS A CE  1 
ATOM   626  N  NZ  . LYS A 1 78  ? 9.832   -5.469  -14.263 1.00 29.89 ? 78   LYS A NZ  1 
ATOM   627  N  N   . LYS A 1 79  ? 3.039   -1.147  -14.964 1.00 12.07 ? 79   LYS A N   1 
ATOM   628  C  CA  . LYS A 1 79  ? 1.813   -0.829  -15.694 1.00 14.01 ? 79   LYS A CA  1 
ATOM   629  C  C   . LYS A 1 79  ? 0.951   -2.068  -15.971 1.00 14.14 ? 79   LYS A C   1 
ATOM   630  O  O   . LYS A 1 79  ? 0.535   -2.318  -17.121 1.00 14.45 ? 79   LYS A O   1 
ATOM   631  C  CB  . LYS A 1 79  ? 2.141   -0.091  -16.998 1.00 13.04 ? 79   LYS A CB  1 
ATOM   632  C  CG  . LYS A 1 79  ? 2.816   1.284   -16.772 1.00 13.90 ? 79   LYS A CG  1 
ATOM   633  C  CD  . LYS A 1 79  ? 3.525   1.793   -18.030 1.00 15.97 ? 79   LYS A CD  1 
ATOM   634  C  CE  . LYS A 1 79  ? 2.592   2.075   -19.150 1.00 19.86 ? 79   LYS A CE  1 
ATOM   635  N  NZ  . LYS A 1 79  ? 3.337   2.488   -20.412 1.00 17.66 ? 79   LYS A NZ  1 
ATOM   636  N  N   . GLY A 1 80  ? 0.693   -2.844  -14.919 1.00 14.11 ? 80   GLY A N   1 
ATOM   637  C  CA  . GLY A 1 80  ? -0.153  -4.033  -15.039 1.00 15.70 ? 80   GLY A CA  1 
ATOM   638  C  C   . GLY A 1 80  ? 0.571   -5.325  -15.419 1.00 15.87 ? 80   GLY A C   1 
ATOM   639  O  O   . GLY A 1 80  ? 0.026   -6.419  -15.217 1.00 17.71 ? 80   GLY A O   1 
ATOM   640  N  N   . HIS A 1 81  ? 1.786   -5.220  -15.965 1.00 15.50 ? 81   HIS A N   1 
ATOM   641  C  CA  . HIS A 1 81  ? 2.555   -6.418  -16.343 1.00 15.89 ? 81   HIS A CA  1 
ATOM   642  C  C   . HIS A 1 81  ? 3.405   -6.868  -15.158 1.00 14.72 ? 81   HIS A C   1 
ATOM   643  O  O   . HIS A 1 81  ? 4.638   -6.914  -15.227 1.00 14.58 ? 81   HIS A O   1 
ATOM   644  C  CB  . HIS A 1 81  ? 3.417   -6.126  -17.561 1.00 16.54 ? 81   HIS A CB  1 
ATOM   645  C  CG  . HIS A 1 81  ? 2.629   -5.760  -18.770 1.00 20.49 ? 81   HIS A CG  1 
ATOM   646  N  ND1 . HIS A 1 81  ? 2.098   -6.702  -19.626 1.00 23.60 ? 81   HIS A ND1 1 
ATOM   647  C  CD2 . HIS A 1 81  ? 2.265   -4.554  -19.261 1.00 22.04 ? 81   HIS A CD2 1 
ATOM   648  C  CE1 . HIS A 1 81  ? 1.455   -6.088  -20.605 1.00 24.48 ? 81   HIS A CE1 1 
ATOM   649  N  NE2 . HIS A 1 81  ? 1.533   -4.785  -20.402 1.00 23.93 ? 81   HIS A NE2 1 
ATOM   650  N  N   . HIS A 1 82  ? 2.720   -7.192  -14.065 1.00 14.24 ? 82   HIS A N   1 
ATOM   651  C  CA  . HIS A 1 82  ? 3.382   -7.345  -12.765 1.00 13.55 ? 82   HIS A CA  1 
ATOM   652  C  C   . HIS A 1 82  ? 3.248   -8.739  -12.142 1.00 14.09 ? 82   HIS A C   1 
ATOM   653  O  O   . HIS A 1 82  ? 3.431   -8.880  -10.924 1.00 13.98 ? 82   HIS A O   1 
ATOM   654  C  CB  . HIS A 1 82  ? 2.839   -6.303  -11.777 1.00 14.32 ? 82   HIS A CB  1 
ATOM   655  C  CG  . HIS A 1 82  ? 1.342   -6.326  -11.637 1.00 12.67 ? 82   HIS A CG  1 
ATOM   656  N  ND1 . HIS A 1 82  ? 0.580   -5.177  -11.560 1.00 14.43 ? 82   HIS A ND1 1 
ATOM   657  C  CD2 . HIS A 1 82  ? 0.461   -7.361  -11.596 1.00 12.29 ? 82   HIS A CD2 1 
ATOM   658  C  CE1 . HIS A 1 82  ? -0.700  -5.499  -11.464 1.00 14.23 ? 82   HIS A CE1 1 
ATOM   659  N  NE2 . HIS A 1 82  ? -0.803  -6.817  -11.479 1.00 12.35 ? 82   HIS A NE2 1 
ATOM   660  N  N   . GLU A 1 83  ? 2.930   -9.753  -12.948 1.00 14.50 ? 83   GLU A N   1 
ATOM   661  C  CA  . GLU A 1 83  ? 2.743   -11.105 -12.407 1.00 15.12 ? 83   GLU A CA  1 
ATOM   662  C  C   . GLU A 1 83  ? 3.933   -11.567 -11.544 1.00 15.24 ? 83   GLU A C   1 
ATOM   663  O  O   . GLU A 1 83  ? 3.737   -12.063 -10.429 1.00 15.63 ? 83   GLU A O   1 
ATOM   664  C  CB  . GLU A 1 83  ? 2.401   -12.099 -13.535 1.00 15.33 ? 83   GLU A CB  1 
ATOM   665  C  CG  . GLU A 1 83  ? 2.540   -13.586 -13.172 1.00 18.07 ? 83   GLU A CG  1 
ATOM   666  C  CD  . GLU A 1 83  ? 1.447   -14.098 -12.241 1.00 20.94 ? 83   GLU A CD  1 
ATOM   667  O  OE1 . GLU A 1 83  ? 0.384   -13.454 -12.137 1.00 22.79 ? 83   GLU A OE1 1 
ATOM   668  O  OE2 . GLU A 1 83  ? 1.639   -15.173 -11.631 1.00 21.53 ? 83   GLU A OE2 1 
ATOM   669  N  N   . ALA A 1 84  ? 5.162   -11.383 -12.038 1.00 15.34 ? 84   ALA A N   1 
ATOM   670  C  CA  . ALA A 1 84  ? 6.368   -11.830 -11.312 1.00 15.45 ? 84   ALA A CA  1 
ATOM   671  C  C   . ALA A 1 84  ? 6.604   -11.088 -9.972  1.00 15.69 ? 84   ALA A C   1 
ATOM   672  O  O   . ALA A 1 84  ? 7.073   -11.686 -8.972  1.00 15.48 ? 84   ALA A O   1 
ATOM   673  C  CB  . ALA A 1 84  ? 7.599   -11.719 -12.227 1.00 15.92 ? 84   ALA A CB  1 
ATOM   674  N  N   . GLU A 1 85  ? 6.271   -9.799  -9.957  1.00 15.75 ? 85   GLU A N   1 
ATOM   675  C  CA  . GLU A 1 85  ? 6.448   -8.942  -8.787  1.00 16.31 ? 85   GLU A CA  1 
ATOM   676  C  C   . GLU A 1 85  ? 5.346   -9.216  -7.780  1.00 17.10 ? 85   GLU A C   1 
ATOM   677  O  O   . GLU A 1 85  ? 5.574   -9.222  -6.561  1.00 16.99 ? 85   GLU A O   1 
ATOM   678  C  CB  . GLU A 1 85  ? 6.435   -7.459  -9.180  1.00 16.33 ? 85   GLU A CB  1 
ATOM   679  C  CG  . GLU A 1 85  ? 7.636   -6.976  -9.988  1.00 18.59 ? 85   GLU A CG  1 
ATOM   680  C  CD  . GLU A 1 85  ? 7.604   -7.362  -11.479 1.00 20.42 ? 85   GLU A CD  1 
ATOM   681  O  OE1 . GLU A 1 85  ? 6.551   -7.770  -12.001 1.00 19.32 ? 85   GLU A OE1 1 
ATOM   682  O  OE2 . GLU A 1 85  ? 8.649   -7.231  -12.143 1.00 21.87 ? 85   GLU A OE2 1 
ATOM   683  N  N   . LEU A 1 86  ? 4.151   -9.468  -8.289  1.00 17.41 ? 86   LEU A N   1 
ATOM   684  C  CA  . LEU A 1 86  ? 2.978   -9.505  -7.441  1.00 18.04 ? 86   LEU A CA  1 
ATOM   685  C  C   . LEU A 1 86  ? 2.820   -10.890 -6.797  1.00 18.49 ? 86   LEU A C   1 
ATOM   686  O  O   . LEU A 1 86  ? 2.534   -10.991 -5.604  1.00 17.59 ? 86   LEU A O   1 
ATOM   687  C  CB  . LEU A 1 86  ? 1.739   -9.072  -8.245  1.00 18.94 ? 86   LEU A CB  1 
ATOM   688  C  CG  . LEU A 1 86  ? 0.454   -8.864  -7.460  1.00 19.44 ? 86   LEU A CG  1 
ATOM   689  C  CD1 . LEU A 1 86  ? -0.289  -7.642  -7.939  1.00 19.57 ? 86   LEU A CD1 1 
ATOM   690  C  CD2 . LEU A 1 86  ? -0.392  -10.137 -7.585  1.00 21.26 ? 86   LEU A CD2 1 
ATOM   691  N  N   . LYS A 1 87  ? 3.043   -11.952 -7.571  1.00 17.93 ? 87   LYS A N   1 
ATOM   692  C  CA  . LYS A 1 87  ? 2.844   -13.308 -7.068  1.00 17.82 ? 87   LYS A CA  1 
ATOM   693  C  C   . LYS A 1 87  ? 3.498   -13.601 -5.696  1.00 17.62 ? 87   LYS A C   1 
ATOM   694  O  O   . LYS A 1 87  ? 2.799   -14.051 -4.775  1.00 18.30 ? 87   LYS A O   1 
ATOM   695  C  CB  . LYS A 1 87  ? 3.262   -14.363 -8.107  1.00 18.40 ? 87   LYS A CB  1 
ATOM   696  C  CG  . LYS A 1 87  ? 2.769   -15.748 -7.751  1.00 19.42 ? 87   LYS A CG  1 
ATOM   697  C  CD  . LYS A 1 87  ? 3.394   -16.780 -8.645  1.00 21.92 ? 87   LYS A CD  1 
ATOM   698  C  CE  . LYS A 1 87  ? 3.108   -18.178 -8.129  1.00 24.35 ? 87   LYS A CE  1 
ATOM   699  N  NZ  . LYS A 1 87  ? 3.698   -19.186 -9.044  1.00 25.71 ? 87   LYS A NZ  1 
ATOM   700  N  N   . PRO A 1 88  ? 4.807   -13.334 -5.527  1.00 16.39 ? 88   PRO A N   1 
ATOM   701  C  CA  . PRO A 1 88  ? 5.443   -13.605 -4.222  1.00 15.97 ? 88   PRO A CA  1 
ATOM   702  C  C   . PRO A 1 88  ? 4.894   -12.762 -3.065  1.00 16.08 ? 88   PRO A C   1 
ATOM   703  O  O   . PRO A 1 88  ? 4.873   -13.228 -1.922  1.00 16.28 ? 88   PRO A O   1 
ATOM   704  C  CB  . PRO A 1 88  ? 6.928   -13.256 -4.462  1.00 16.21 ? 88   PRO A CB  1 
ATOM   705  C  CG  . PRO A 1 88  ? 6.895   -12.283 -5.596  1.00 16.14 ? 88   PRO A CG  1 
ATOM   706  C  CD  . PRO A 1 88  ? 5.785   -12.788 -6.490  1.00 16.90 ? 88   PRO A CD  1 
ATOM   707  N  N   A LEU A 1 89  ? 4.471   -11.544 -3.384  0.50 15.95 ? 89   LEU A N   1 
ATOM   708  N  N   B LEU A 1 89  ? 4.459   -11.535 -3.343  0.50 15.74 ? 89   LEU A N   1 
ATOM   709  C  CA  A LEU A 1 89  ? 3.849   -10.652 -2.425  0.50 16.06 ? 89   LEU A CA  1 
ATOM   710  C  CA  B LEU A 1 89  ? 3.862   -10.705 -2.291  0.50 15.59 ? 89   LEU A CA  1 
ATOM   711  C  C   A LEU A 1 89  ? 2.541   -11.253 -1.933  0.50 16.01 ? 89   LEU A C   1 
ATOM   712  C  C   B LEU A 1 89  ? 2.482   -11.211 -1.901  0.50 15.77 ? 89   LEU A C   1 
ATOM   713  O  O   A LEU A 1 89  ? 2.283   -11.318 -0.729  0.50 16.20 ? 89   LEU A O   1 
ATOM   714  O  O   B LEU A 1 89  ? 2.099   -11.151 -0.727  0.50 15.85 ? 89   LEU A O   1 
ATOM   715  C  CB  A LEU A 1 89  ? 3.582   -9.308  -3.105  0.50 16.31 ? 89   LEU A CB  1 
ATOM   716  C  CB  B LEU A 1 89  ? 3.806   -9.232  -2.707  0.50 15.68 ? 89   LEU A CB  1 
ATOM   717  C  CG  A LEU A 1 89  ? 3.353   -8.099  -2.212  0.50 16.20 ? 89   LEU A CG  1 
ATOM   718  C  CG  B LEU A 1 89  ? 5.122   -8.459  -2.685  0.50 14.52 ? 89   LEU A CG  1 
ATOM   719  C  CD1 A LEU A 1 89  ? 4.522   -7.892  -1.247  0.50 17.30 ? 89   LEU A CD1 1 
ATOM   720  C  CD1 B LEU A 1 89  ? 4.840   -7.021  -3.104  0.50 13.75 ? 89   LEU A CD1 1 
ATOM   721  C  CD2 A LEU A 1 89  ? 3.201   -6.898  -3.104  0.50 15.83 ? 89   LEU A CD2 1 
ATOM   722  C  CD2 B LEU A 1 89  ? 5.794   -8.500  -1.294  0.50 13.64 ? 89   LEU A CD2 1 
ATOM   723  N  N   . ALA A 1 90  ? 1.726   -11.690 -2.891  1.00 15.72 ? 90   ALA A N   1 
ATOM   724  C  CA  . ALA A 1 90  ? 0.431   -12.298 -2.626  1.00 16.10 ? 90   ALA A CA  1 
ATOM   725  C  C   . ALA A 1 90  ? 0.607   -13.510 -1.742  1.00 15.71 ? 90   ALA A C   1 
ATOM   726  O  O   . ALA A 1 90  ? -0.107  -13.690 -0.758  1.00 17.28 ? 90   ALA A O   1 
ATOM   727  C  CB  . ALA A 1 90  ? -0.266  -12.673 -3.939  1.00 16.49 ? 90   ALA A CB  1 
ATOM   728  N  N   . GLN A 1 91  ? 1.584   -14.336 -2.083  1.00 16.47 ? 91   GLN A N   1 
ATOM   729  C  CA  . GLN A 1 91  ? 1.824   -15.573 -1.365  1.00 16.34 ? 91   GLN A CA  1 
ATOM   730  C  C   . GLN A 1 91  ? 2.353   -15.314 0.061   1.00 15.84 ? 91   GLN A C   1 
ATOM   731  O  O   . GLN A 1 91  ? 1.916   -15.973 1.008   1.00 16.08 ? 91   GLN A O   1 
ATOM   732  C  CB  . GLN A 1 91  ? 2.675   -16.525 -2.218  1.00 16.34 ? 91   GLN A CB  1 
ATOM   733  C  CG  . GLN A 1 91  ? 1.895   -16.908 -3.509  1.00 17.75 ? 91   GLN A CG  1 
ATOM   734  C  CD  . GLN A 1 91  ? 2.451   -18.108 -4.269  1.00 19.31 ? 91   GLN A CD  1 
ATOM   735  O  OE1 . GLN A 1 91  ? 3.654   -18.349 -4.296  1.00 23.44 ? 91   GLN A OE1 1 
ATOM   736  N  NE2 . GLN A 1 91  ? 1.552   -18.869 -4.907  1.00 22.83 ? 91   GLN A NE2 1 
ATOM   737  N  N   A SER A 1 92  ? 3.260   -14.349 0.238   0.50 14.82 ? 92   SER A N   1 
ATOM   738  N  N   B SER A 1 92  ? 3.249   -14.335 0.196   0.50 15.33 ? 92   SER A N   1 
ATOM   739  C  CA  A SER A 1 92  ? 3.763   -14.082 1.588   0.50 14.11 ? 92   SER A CA  1 
ATOM   740  C  CA  B SER A 1 92  ? 3.809   -13.969 1.489   0.50 15.15 ? 92   SER A CA  1 
ATOM   741  C  C   A SER A 1 92  ? 2.681   -13.465 2.477   0.50 14.55 ? 92   SER A C   1 
ATOM   742  C  C   B SER A 1 92  ? 2.731   -13.438 2.435   0.50 15.10 ? 92   SER A C   1 
ATOM   743  O  O   A SER A 1 92  ? 2.567   -13.806 3.660   0.50 14.26 ? 92   SER A O   1 
ATOM   744  O  O   B SER A 1 92  ? 2.677   -13.806 3.611   0.50 14.92 ? 92   SER A O   1 
ATOM   745  C  CB  A SER A 1 92  ? 5.036   -13.223 1.582   0.50 14.46 ? 92   SER A CB  1 
ATOM   746  C  CB  B SER A 1 92  ? 4.907   -12.918 1.300   0.50 15.74 ? 92   SER A CB  1 
ATOM   747  O  OG  A SER A 1 92  ? 4.766   -11.882 1.212   0.50 11.47 ? 92   SER A OG  1 
ATOM   748  O  OG  B SER A 1 92  ? 5.334   -12.401 2.541   0.50 16.12 ? 92   SER A OG  1 
ATOM   749  N  N   . HIS A 1 93  ? 1.860   -12.586 1.906   1.00 14.22 ? 93   HIS A N   1 
ATOM   750  C  CA  . HIS A 1 93  ? 0.845   -11.927 2.722   1.00 14.07 ? 93   HIS A CA  1 
ATOM   751  C  C   . HIS A 1 93  ? -0.292  -12.878 3.080   1.00 14.39 ? 93   HIS A C   1 
ATOM   752  O  O   . HIS A 1 93  ? -0.870  -12.785 4.169   1.00 15.21 ? 93   HIS A O   1 
ATOM   753  C  CB  . HIS A 1 93  ? 0.401   -10.606 2.104   1.00 13.86 ? 93   HIS A CB  1 
ATOM   754  C  CG  . HIS A 1 93  ? 1.406   -9.513  2.300   1.00 13.25 ? 93   HIS A CG  1 
ATOM   755  N  ND1 . HIS A 1 93  ? 2.672   -9.571  1.753   1.00 13.94 ? 93   HIS A ND1 1 
ATOM   756  C  CD2 . HIS A 1 93  ? 1.363   -8.377  3.039   1.00 13.11 ? 93   HIS A CD2 1 
ATOM   757  C  CE1 . HIS A 1 93  ? 3.350   -8.493  2.114   1.00 12.64 ? 93   HIS A CE1 1 
ATOM   758  N  NE2 . HIS A 1 93  ? 2.580   -7.754  2.897   1.00 10.34 ? 93   HIS A NE2 1 
ATOM   759  N  N   . ALA A 1 94  ? -0.573  -13.837 2.202   1.00 14.89 ? 94   ALA A N   1 
ATOM   760  C  CA  . ALA A 1 94  ? -1.567  -14.850 2.550   1.00 15.63 ? 94   ALA A CA  1 
ATOM   761  C  C   . ALA A 1 94  ? -0.999  -15.887 3.524   1.00 16.66 ? 94   ALA A C   1 
ATOM   762  O  O   . ALA A 1 94  ? -1.539  -16.053 4.620   1.00 17.39 ? 94   ALA A O   1 
ATOM   763  C  CB  . ALA A 1 94  ? -2.142  -15.535 1.289   1.00 14.67 ? 94   ALA A CB  1 
ATOM   764  N  N   A THR A 1 95  ? 0.104   -16.533 3.149   0.50 16.96 ? 95   THR A N   1 
ATOM   765  N  N   B THR A 1 95  ? 0.083   -16.560 3.130   0.50 16.88 ? 95   THR A N   1 
ATOM   766  C  CA  A THR A 1 95  ? 0.555   -17.737 3.863   0.50 17.38 ? 95   THR A CA  1 
ATOM   767  C  CA  B THR A 1 95  ? 0.573   -17.724 3.883   0.50 17.17 ? 95   THR A CA  1 
ATOM   768  C  C   A THR A 1 95  ? 1.433   -17.462 5.089   0.50 17.60 ? 95   THR A C   1 
ATOM   769  C  C   B THR A 1 95  ? 1.287   -17.325 5.162   0.50 17.38 ? 95   THR A C   1 
ATOM   770  O  O   A THR A 1 95  ? 1.402   -18.225 6.063   0.50 17.91 ? 95   THR A O   1 
ATOM   771  O  O   B THR A 1 95  ? 1.005   -17.859 6.232   0.50 17.57 ? 95   THR A O   1 
ATOM   772  C  CB  A THR A 1 95  ? 1.239   -18.759 2.908   0.50 17.32 ? 95   THR A CB  1 
ATOM   773  C  CB  B THR A 1 95  ? 1.521   -18.627 3.044   0.50 17.10 ? 95   THR A CB  1 
ATOM   774  O  OG1 A THR A 1 95  ? 0.587   -18.753 1.630   0.50 17.96 ? 95   THR A OG1 1 
ATOM   775  O  OG1 B THR A 1 95  ? 2.717   -17.902 2.723   0.50 16.99 ? 95   THR A OG1 1 
ATOM   776  C  CG2 A THR A 1 95  ? 1.145   -20.153 3.482   0.50 17.23 ? 95   THR A CG2 1 
ATOM   777  C  CG2 B THR A 1 95  ? 0.835   -19.120 1.761   0.50 17.36 ? 95   THR A CG2 1 
ATOM   778  N  N   . LYS A 1 96  ? 2.222   -16.393 5.050   1.00 17.49 ? 96   LYS A N   1 
ATOM   779  C  CA  . LYS A 1 96  ? 3.078   -16.061 6.183   1.00 18.38 ? 96   LYS A CA  1 
ATOM   780  C  C   . LYS A 1 96  ? 2.429   -15.032 7.114   1.00 17.98 ? 96   LYS A C   1 
ATOM   781  O  O   . LYS A 1 96  ? 2.252   -15.278 8.324   1.00 18.93 ? 96   LYS A O   1 
ATOM   782  C  CB  . LYS A 1 96  ? 4.460   -15.605 5.711   1.00 18.55 ? 96   LYS A CB  1 
ATOM   783  C  CG  . LYS A 1 96  ? 5.348   -15.293 6.872   1.00 21.84 ? 96   LYS A CG  1 
ATOM   784  C  CD  . LYS A 1 96  ? 6.735   -14.985 6.452   1.00 25.46 ? 96   LYS A CD  1 
ATOM   785  C  CE  . LYS A 1 96  ? 7.649   -15.672 7.420   1.00 25.31 ? 96   LYS A CE  1 
ATOM   786  N  NZ  . LYS A 1 96  ? 7.181   -15.388 8.813   1.00 28.41 ? 96   LYS A NZ  1 
ATOM   787  N  N   . HIS A 1 97  ? 2.029   -13.896 6.544   1.00 17.07 ? 97   HIS A N   1 
ATOM   788  C  CA  . HIS A 1 97  ? 1.577   -12.775 7.351   1.00 16.48 ? 97   HIS A CA  1 
ATOM   789  C  C   . HIS A 1 97  ? 0.097   -12.849 7.686   1.00 16.60 ? 97   HIS A C   1 
ATOM   790  O  O   . HIS A 1 97  ? -0.369  -12.167 8.609   1.00 16.40 ? 97   HIS A O   1 
ATOM   791  C  CB  . HIS A 1 97  ? 1.905   -11.445 6.681   1.00 16.33 ? 97   HIS A CB  1 
ATOM   792  C  CG  . HIS A 1 97  ? 3.328   -11.328 6.227   1.00 16.37 ? 97   HIS A CG  1 
ATOM   793  N  ND1 . HIS A 1 97  ? 4.404   -11.629 7.038   1.00 17.56 ? 97   HIS A ND1 1 
ATOM   794  C  CD2 . HIS A 1 97  ? 3.847   -10.922 5.045   1.00 18.40 ? 97   HIS A CD2 1 
ATOM   795  C  CE1 . HIS A 1 97  ? 5.524   -11.424 6.368   1.00 17.13 ? 97   HIS A CE1 1 
ATOM   796  N  NE2 . HIS A 1 97  ? 5.214   -10.984 5.163   1.00 17.27 ? 97   HIS A NE2 1 
ATOM   797  N  N   . LYS A 1 98  ? -0.642  -13.677 6.942   1.00 16.76 ? 98   LYS A N   1 
ATOM   798  C  CA  . LYS A 1 98  ? -2.088  -13.848 7.144   1.00 17.00 ? 98   LYS A CA  1 
ATOM   799  C  C   . LYS A 1 98  ? -2.872  -12.539 7.071   1.00 16.24 ? 98   LYS A C   1 
ATOM   800  O  O   . LYS A 1 98  ? -3.635  -12.206 7.982   1.00 15.86 ? 98   LYS A O   1 
ATOM   801  C  CB  . LYS A 1 98  ? -2.395  -14.558 8.473   1.00 18.44 ? 98   LYS A CB  1 
ATOM   802  C  CG  . LYS A 1 98  ? -1.380  -15.586 8.902   1.00 21.42 ? 98   LYS A CG  1 
ATOM   803  C  CD  . LYS A 1 98  ? -1.419  -16.830 8.065   1.00 26.21 ? 98   LYS A CD  1 
ATOM   804  C  CE  . LYS A 1 98  ? -0.784  -17.983 8.842   1.00 28.31 ? 98   LYS A CE  1 
ATOM   805  N  NZ  . LYS A 1 98  ? -0.589  -19.175 7.968   1.00 30.22 ? 98   LYS A NZ  1 
ATOM   806  N  N   . ILE A 1 99  ? -2.712  -11.821 5.969   1.00 15.27 ? 99   ILE A N   1 
ATOM   807  C  CA  . ILE A 1 99  ? -3.364  -10.527 5.810   1.00 14.27 ? 99   ILE A CA  1 
ATOM   808  C  C   . ILE A 1 99  ? -4.639  -10.652 4.957   1.00 13.93 ? 99   ILE A C   1 
ATOM   809  O  O   . ILE A 1 99  ? -4.554  -10.941 3.756   1.00 13.42 ? 99   ILE A O   1 
ATOM   810  C  CB  . ILE A 1 99  ? -2.400  -9.480  5.176   1.00 14.68 ? 99   ILE A CB  1 
ATOM   811  C  CG1 . ILE A 1 99  ? -1.071  -9.386  5.951   1.00 15.14 ? 99   ILE A CG1 1 
ATOM   812  C  CG2 . ILE A 1 99  ? -3.089  -8.117  5.060   1.00 13.75 ? 99   ILE A CG2 1 
ATOM   813  C  CD1 . ILE A 1 99  ? -1.197  -9.308  7.476   1.00 15.29 ? 99   ILE A CD1 1 
ATOM   814  N  N   . PRO A 1 100 ? -5.825  -10.483 5.569   1.00 13.89 ? 100  PRO A N   1 
ATOM   815  C  CA  . PRO A 1 100 ? -7.053  -10.556 4.778   1.00 13.34 ? 100  PRO A CA  1 
ATOM   816  C  C   . PRO A 1 100 ? -7.064  -9.499  3.657   1.00 13.31 ? 100  PRO A C   1 
ATOM   817  O  O   . PRO A 1 100 ? -6.503  -8.394  3.830   1.00 12.10 ? 100  PRO A O   1 
ATOM   818  C  CB  . PRO A 1 100 ? -8.167  -10.223 5.793   1.00 14.29 ? 100  PRO A CB  1 
ATOM   819  C  CG  . PRO A 1 100 ? -7.575  -10.376 7.126   1.00 14.83 ? 100  PRO A CG  1 
ATOM   820  C  CD  . PRO A 1 100 ? -6.076  -10.242 6.998   1.00 13.29 ? 100  PRO A CD  1 
ATOM   821  N  N   . ILE A 1 101 ? -7.723  -9.790  2.543   1.00 13.28 ? 101  ILE A N   1 
ATOM   822  C  CA  . ILE A 1 101 ? -7.781  -8.808  1.455   1.00 14.32 ? 101  ILE A CA  1 
ATOM   823  C  C   . ILE A 1 101 ? -8.396  -7.466  1.908   1.00 13.88 ? 101  ILE A C   1 
ATOM   824  O  O   . ILE A 1 101 ? -8.047  -6.399  1.384   1.00 13.66 ? 101  ILE A O   1 
ATOM   825  C  CB  . ILE A 1 101 ? -8.479  -9.391  0.174   1.00 14.77 ? 101  ILE A CB  1 
ATOM   826  C  CG1 . ILE A 1 101 ? -8.194  -8.526  -1.060  1.00 15.37 ? 101  ILE A CG1 1 
ATOM   827  C  CG2 . ILE A 1 101 ? -9.975  -9.633  0.425   1.00 16.68 ? 101  ILE A CG2 1 
ATOM   828  C  CD1 . ILE A 1 101 ? -6.912  -8.924  -1.793  1.00 19.17 ? 101  ILE A CD1 1 
ATOM   829  N  N   . LYS A 1 102 ? -9.290  -7.520  2.907   1.00 13.54 ? 102  LYS A N   1 
ATOM   830  C  CA  . LYS A 1 102 ? -9.858  -6.301  3.504   1.00 13.78 ? 102  LYS A CA  1 
ATOM   831  C  C   . LYS A 1 102 ? -8.762  -5.322  3.934   1.00 13.19 ? 102  LYS A C   1 
ATOM   832  O  O   . LYS A 1 102 ? -8.931  -4.105  3.816   1.00 13.57 ? 102  LYS A O   1 
ATOM   833  C  CB  . LYS A 1 102 ? -10.717 -6.653  4.723   1.00 13.57 ? 102  LYS A CB  1 
ATOM   834  C  CG  . LYS A 1 102 ? -11.495 -5.472  5.287   1.00 17.62 ? 102  LYS A CG  1 
ATOM   835  C  CD  . LYS A 1 102 ? -12.779 -5.276  4.525   1.00 21.13 ? 102  LYS A CD  1 
ATOM   836  C  CE  . LYS A 1 102 ? -13.511 -4.004  4.900   1.00 24.25 ? 102  LYS A CE  1 
ATOM   837  N  NZ  . LYS A 1 102 ? -14.580 -3.785  3.884   1.00 24.54 ? 102  LYS A NZ  1 
ATOM   838  N  N   . TYR A 1 103 ? -7.648  -5.849  4.439   1.00 12.54 ? 103  TYR A N   1 
ATOM   839  C  CA  . TYR A 1 103 ? -6.600  -4.978  4.992   1.00 12.65 ? 103  TYR A CA  1 
ATOM   840  C  C   . TYR A 1 103 ? -5.860  -4.293  3.835   1.00 11.85 ? 103  TYR A C   1 
ATOM   841  O  O   . TYR A 1 103 ? -5.339  -3.193  3.991   1.00 12.14 ? 103  TYR A O   1 
ATOM   842  C  CB  . TYR A 1 103 ? -5.620  -5.749  5.888   1.00 13.10 ? 103  TYR A CB  1 
ATOM   843  C  CG  . TYR A 1 103 ? -6.175  -6.246  7.228   1.00 14.20 ? 103  TYR A CG  1 
ATOM   844  C  CD1 . TYR A 1 103 ? -7.532  -6.138  7.552   1.00 15.16 ? 103  TYR A CD1 1 
ATOM   845  C  CD2 . TYR A 1 103 ? -5.325  -6.864  8.146   1.00 14.87 ? 103  TYR A CD2 1 
ATOM   846  C  CE1 . TYR A 1 103 ? -8.024  -6.636  8.785   1.00 16.13 ? 103  TYR A CE1 1 
ATOM   847  C  CE2 . TYR A 1 103 ? -5.793  -7.354  9.363   1.00 16.12 ? 103  TYR A CE2 1 
ATOM   848  C  CZ  . TYR A 1 103 ? -7.139  -7.231  9.679   1.00 16.07 ? 103  TYR A CZ  1 
ATOM   849  O  OH  . TYR A 1 103 ? -7.570  -7.729  10.894  1.00 17.62 ? 103  TYR A OH  1 
ATOM   850  N  N   . LEU A 1 104 ? -5.825  -4.951  2.670   1.00 11.47 ? 104  LEU A N   1 
ATOM   851  C  CA  . LEU A 1 104 ? -5.272  -4.318  1.468   1.00 11.21 ? 104  LEU A CA  1 
ATOM   852  C  C   . LEU A 1 104 ? -6.195  -3.214  0.940   1.00 10.92 ? 104  LEU A C   1 
ATOM   853  O  O   . LEU A 1 104 ? -5.717  -2.206  0.385   1.00 11.31 ? 104  LEU A O   1 
ATOM   854  C  CB  . LEU A 1 104 ? -5.018  -5.368  0.380   1.00 11.86 ? 104  LEU A CB  1 
ATOM   855  C  CG  . LEU A 1 104 ? -3.754  -6.244  0.568   1.00 16.35 ? 104  LEU A CG  1 
ATOM   856  C  CD1 . LEU A 1 104 ? -2.449  -5.458  0.689   1.00 18.29 ? 104  LEU A CD1 1 
ATOM   857  C  CD2 . LEU A 1 104 ? -3.871  -7.176  1.711   1.00 19.95 ? 104  LEU A CD2 1 
ATOM   858  N  N   . GLU A 1 105 ? -7.505  -3.389  1.124   1.00 10.52 ? 105  GLU A N   1 
ATOM   859  C  CA  . GLU A 1 105 ? -8.448  -2.315  0.831   1.00 11.51 ? 105  GLU A CA  1 
ATOM   860  C  C   . GLU A 1 105 ? -8.157  -1.138  1.757   1.00 11.07 ? 105  GLU A C   1 
ATOM   861  O  O   . GLU A 1 105 ? -8.057  0.010   1.316   1.00 11.55 ? 105  GLU A O   1 
ATOM   862  C  CB  . GLU A 1 105 ? -9.885  -2.798  0.987   1.00 11.30 ? 105  GLU A CB  1 
ATOM   863  C  CG  . GLU A 1 105 ? -10.925 -1.702  0.817   1.00 14.20 ? 105  GLU A CG  1 
ATOM   864  C  CD  . GLU A 1 105 ? -12.309 -2.164  1.213   1.00 16.49 ? 105  GLU A CD  1 
ATOM   865  O  OE1 . GLU A 1 105 ? -12.455 -3.292  1.718   1.00 18.92 ? 105  GLU A OE1 1 
ATOM   866  O  OE2 . GLU A 1 105 ? -13.265 -1.395  1.031   1.00 20.79 ? 105  GLU A OE2 1 
ATOM   867  N  N   . PHE A 1 106 ? -7.989  -1.431  3.046   1.00 10.84 ? 106  PHE A N   1 
ATOM   868  C  CA  . PHE A 1 106 ? -7.693  -0.373  4.026   1.00 11.17 ? 106  PHE A CA  1 
ATOM   869  C  C   . PHE A 1 106 ? -6.434  0.436   3.650   1.00 10.63 ? 106  PHE A C   1 
ATOM   870  O  O   . PHE A 1 106 ? -6.427  1.662   3.693   1.00 9.53  ? 106  PHE A O   1 
ATOM   871  C  CB  . PHE A 1 106 ? -7.465  -0.970  5.414   1.00 12.33 ? 106  PHE A CB  1 
ATOM   872  C  CG  . PHE A 1 106 ? -8.686  -1.591  6.051   1.00 12.92 ? 106  PHE A CG  1 
ATOM   873  C  CD1 . PHE A 1 106 ? -9.960  -1.210  5.670   1.00 13.88 ? 106  PHE A CD1 1 
ATOM   874  C  CD2 . PHE A 1 106 ? -8.540  -2.532  7.079   1.00 14.23 ? 106  PHE A CD2 1 
ATOM   875  C  CE1 . PHE A 1 106 ? -11.093 -1.777  6.280   1.00 15.45 ? 106  PHE A CE1 1 
ATOM   876  C  CE2 . PHE A 1 106 ? -9.676  -3.109  7.716   1.00 16.98 ? 106  PHE A CE2 1 
ATOM   877  C  CZ  . PHE A 1 106 ? -10.945 -2.715  7.312   1.00 14.52 ? 106  PHE A CZ  1 
ATOM   878  N  N   . ILE A 1 107 ? -5.338  -0.250  3.330   1.00 10.68 ? 107  ILE A N   1 
ATOM   879  C  CA  . ILE A 1 107 ? -4.092  0.464   2.988   1.00 11.20 ? 107  ILE A CA  1 
ATOM   880  C  C   . ILE A 1 107 ? -4.216  1.237   1.658   1.00 11.58 ? 107  ILE A C   1 
ATOM   881  O  O   . ILE A 1 107 ? -3.617  2.304   1.509   1.00 12.38 ? 107  ILE A O   1 
ATOM   882  C  CB  . ILE A 1 107 ? -2.858  -0.488  2.980   1.00 11.19 ? 107  ILE A CB  1 
ATOM   883  C  CG1 . ILE A 1 107 ? -1.578  0.288   3.324   1.00 13.22 ? 107  ILE A CG1 1 
ATOM   884  C  CG2 . ILE A 1 107 ? -2.738  -1.249  1.642   1.00 11.24 ? 107  ILE A CG2 1 
ATOM   885  C  CD1 . ILE A 1 107 ? -0.357  -0.602  3.584   1.00 10.56 ? 107  ILE A CD1 1 
ATOM   886  N  N   . SER A 1 108 ? -4.976  0.690   0.695   1.00 10.93 ? 108  SER A N   1 
ATOM   887  C  CA  . SER A 1 108 ? -5.268  1.404   -0.566  1.00 10.82 ? 108  SER A CA  1 
ATOM   888  C  C   . SER A 1 108 ? -5.979  2.742   -0.244  1.00 11.17 ? 108  SER A C   1 
ATOM   889  O  O   . SER A 1 108 ? -5.587  3.807   -0.726  1.00 11.81 ? 108  SER A O   1 
ATOM   890  C  CB  . SER A 1 108 ? -6.156  0.552   -1.465  1.00 11.07 ? 108  SER A CB  1 
ATOM   891  O  OG  . SER A 1 108 ? -5.452  -0.622  -1.851  1.00 11.78 ? 108  SER A OG  1 
ATOM   892  N  N   . ASP A 1 109 ? -7.006  2.683   0.592   1.00 11.45 ? 109  ASP A N   1 
ATOM   893  C  CA  . ASP A 1 109 ? -7.712  3.901   1.026   1.00 12.11 ? 109  ASP A CA  1 
ATOM   894  C  C   . ASP A 1 109 ? -6.787  4.876   1.768   1.00 11.39 ? 109  ASP A C   1 
ATOM   895  O  O   . ASP A 1 109 ? -6.868  6.100   1.583   1.00 11.85 ? 109  ASP A O   1 
ATOM   896  C  CB  . ASP A 1 109 ? -8.914  3.549   1.919   1.00 13.00 ? 109  ASP A CB  1 
ATOM   897  C  CG  . ASP A 1 109 ? -10.031 2.839   1.162   1.00 15.80 ? 109  ASP A CG  1 
ATOM   898  O  OD1 . ASP A 1 109 ? -10.024 2.855   -0.084  1.00 17.90 ? 109  ASP A OD1 1 
ATOM   899  O  OD2 . ASP A 1 109 ? -10.905 2.249   1.827   1.00 18.93 ? 109  ASP A OD2 1 
ATOM   900  N  N   . ALA A 1 110 ? -5.893  4.334   2.603   1.00 10.12 ? 110  ALA A N   1 
ATOM   901  C  CA  . ALA A 1 110 ? -4.932  5.132   3.336   1.00 10.22 ? 110  ALA A CA  1 
ATOM   902  C  C   . ALA A 1 110 ? -3.986  5.890   2.384   1.00 9.43  ? 110  ALA A C   1 
ATOM   903  O  O   . ALA A 1 110 ? -3.663  7.048   2.622   1.00 10.50 ? 110  ALA A O   1 
ATOM   904  C  CB  . ALA A 1 110 ? -4.139  4.253   4.321   1.00 10.54 ? 110  ALA A CB  1 
ATOM   905  N  N   . ILE A 1 111 ? -3.548  5.240   1.306   1.00 9.97  ? 111  ILE A N   1 
ATOM   906  C  CA  . ILE A 1 111 ? -2.687  5.894   0.299   1.00 9.70  ? 111  ILE A CA  1 
ATOM   907  C  C   . ILE A 1 111 ? -3.388  7.102   -0.344  1.00 10.05 ? 111  ILE A C   1 
ATOM   908  O  O   . ILE A 1 111 ? -2.805  8.185   -0.438  1.00 10.27 ? 111  ILE A O   1 
ATOM   909  C  CB  . ILE A 1 111 ? -2.197  4.866   -0.759  1.00 8.53  ? 111  ILE A CB  1 
ATOM   910  C  CG1 . ILE A 1 111 ? -1.186  3.913   -0.095  1.00 9.20  ? 111  ILE A CG1 1 
ATOM   911  C  CG2 . ILE A 1 111 ? -1.627  5.576   -2.028  1.00 9.28  ? 111  ILE A CG2 1 
ATOM   912  C  CD1 . ILE A 1 111 ? -0.975  2.644   -0.870  1.00 9.44  ? 111  ILE A CD1 1 
ATOM   913  N  N   . ILE A 1 112 ? -4.649  6.919   -0.762  1.00 10.08 ? 112  ILE A N   1 
ATOM   914  C  CA  . ILE A 1 112 ? -5.455  8.032   -1.292  1.00 10.91 ? 112  ILE A CA  1 
ATOM   915  C  C   . ILE A 1 112 ? -5.582  9.184   -0.296  1.00 11.00 ? 112  ILE A C   1 
ATOM   916  O  O   . ILE A 1 112 ? -5.374  10.338  -0.666  1.00 11.80 ? 112  ILE A O   1 
ATOM   917  C  CB  . ILE A 1 112 ? -6.859  7.541   -1.781  1.00 10.09 ? 112  ILE A CB  1 
ATOM   918  C  CG1 . ILE A 1 112 ? -6.684  6.523   -2.925  1.00 11.07 ? 112  ILE A CG1 1 
ATOM   919  C  CG2 . ILE A 1 112 ? -7.777  8.702   -2.200  1.00 11.07 ? 112  ILE A CG2 1 
ATOM   920  C  CD1 . ILE A 1 112 ? -5.955  7.085   -4.187  1.00 12.11 ? 112  ILE A CD1 1 
ATOM   921  N  N   . HIS A 1 113 ? -5.899  8.871   0.970   1.00 11.30 ? 113  HIS A N   1 
ATOM   922  C  CA  . HIS A 1 113 ? -5.991  9.897   2.000   1.00 12.24 ? 113  HIS A CA  1 
ATOM   923  C  C   . HIS A 1 113 ? -4.685  10.675  2.186   1.00 11.91 ? 113  HIS A C   1 
ATOM   924  O  O   . HIS A 1 113 ? -4.682  11.917  2.215   1.00 11.66 ? 113  HIS A O   1 
ATOM   925  C  CB  . HIS A 1 113 ? -6.400  9.283   3.340   1.00 12.67 ? 113  HIS A CB  1 
ATOM   926  C  CG  . HIS A 1 113 ? -6.619  10.309  4.402   1.00 17.02 ? 113  HIS A CG  1 
ATOM   927  N  ND1 . HIS A 1 113 ? -7.849  10.879  4.643   1.00 19.96 ? 113  HIS A ND1 1 
ATOM   928  C  CD2 . HIS A 1 113 ? -5.749  10.918  5.240   1.00 20.23 ? 113  HIS A CD2 1 
ATOM   929  C  CE1 . HIS A 1 113 ? -7.735  11.770  5.611   1.00 22.07 ? 113  HIS A CE1 1 
ATOM   930  N  NE2 . HIS A 1 113 ? -6.471  11.816  5.987   1.00 22.39 ? 113  HIS A NE2 1 
ATOM   931  N  N   . VAL A 1 114 ? -3.603  9.941   2.426   1.00 11.34 ? 114  VAL A N   1 
ATOM   932  C  CA  . VAL A 1 114 ? -2.270  10.563  2.551   1.00 12.07 ? 114  VAL A CA  1 
ATOM   933  C  C   . VAL A 1 114 ? -1.857  11.441  1.342   1.00 12.62 ? 114  VAL A C   1 
ATOM   934  O  O   . VAL A 1 114 ? -1.261  12.527  1.521   1.00 12.94 ? 114  VAL A O   1 
ATOM   935  C  CB  . VAL A 1 114 ? -1.198  9.492   2.854   1.00 12.05 ? 114  VAL A CB  1 
ATOM   936  C  CG1 . VAL A 1 114 ? 0.200   10.118  2.888   1.00 12.90 ? 114  VAL A CG1 1 
ATOM   937  C  CG2 . VAL A 1 114 ? -1.510  8.845   4.178   1.00 12.35 ? 114  VAL A CG2 1 
ATOM   938  N  N   . LEU A 1 115 ? -2.165  10.992  0.126   1.00 11.06 ? 115  LEU A N   1 
ATOM   939  C  CA  . LEU A 1 115 ? -1.895  11.826  -1.056  1.00 11.21 ? 115  LEU A CA  1 
ATOM   940  C  C   . LEU A 1 115 ? -2.623  13.171  -0.935  1.00 11.50 ? 115  LEU A C   1 
ATOM   941  O  O   . LEU A 1 115 ? -2.029  14.221  -1.148  1.00 11.53 ? 115  LEU A O   1 
ATOM   942  C  CB  . LEU A 1 115 ? -2.260  11.093  -2.349  1.00 11.29 ? 115  LEU A CB  1 
ATOM   943  C  CG  . LEU A 1 115 ? -1.235  10.015  -2.714  1.00 9.68  ? 115  LEU A CG  1 
ATOM   944  C  CD1 . LEU A 1 115 ? -1.773  9.048   -3.757  1.00 10.69 ? 115  LEU A CD1 1 
ATOM   945  C  CD2 . LEU A 1 115 ? 0.080   10.630  -3.177  1.00 11.58 ? 115  LEU A CD2 1 
ATOM   946  N  N   . HIS A 1 116 ? -3.905  13.137  -0.579  1.00 10.37 ? 116  HIS A N   1 
ATOM   947  C  CA  . HIS A 1 116 ? -4.627  14.398  -0.410  1.00 11.52 ? 116  HIS A CA  1 
ATOM   948  C  C   . HIS A 1 116 ? -4.044  15.230  0.738   1.00 12.50 ? 116  HIS A C   1 
ATOM   949  O  O   . HIS A 1 116 ? -3.920  16.464  0.632   1.00 12.50 ? 116  HIS A O   1 
ATOM   950  C  CB  . HIS A 1 116 ? -6.137  14.147  -0.213  1.00 10.98 ? 116  HIS A CB  1 
ATOM   951  C  CG  . HIS A 1 116 ? -6.878  13.921  -1.496  1.00 10.95 ? 116  HIS A CG  1 
ATOM   952  N  ND1 . HIS A 1 116 ? -6.968  14.890  -2.476  1.00 11.28 ? 116  HIS A ND1 1 
ATOM   953  C  CD2 . HIS A 1 116 ? -7.590  12.861  -1.951  1.00 10.27 ? 116  HIS A CD2 1 
ATOM   954  C  CE1 . HIS A 1 116 ? -7.694  14.433  -3.480  1.00 11.62 ? 116  HIS A CE1 1 
ATOM   955  N  NE2 . HIS A 1 116 ? -8.080  13.205  -3.191  1.00 9.68  ? 116  HIS A NE2 1 
ATOM   956  N  N   . SER A 1 117 ? -3.687  14.563  1.836   1.00 12.55 ? 117  SER A N   1 
ATOM   957  C  CA  . SER A 1 117 ? -3.209  15.269  3.018   1.00 13.29 ? 117  SER A CA  1 
ATOM   958  C  C   . SER A 1 117 ? -1.880  15.985  2.781   1.00 13.31 ? 117  SER A C   1 
ATOM   959  O  O   . SER A 1 117 ? -1.665  17.106  3.282   1.00 13.35 ? 117  SER A O   1 
ATOM   960  C  CB  . SER A 1 117 ? -3.081  14.310  4.196   1.00 13.61 ? 117  SER A CB  1 
ATOM   961  O  OG  . SER A 1 117 ? -2.692  15.015  5.359   1.00 15.36 ? 117  SER A OG  1 
ATOM   962  N  N   . LYS A 1 118 ? -0.992  15.327  2.033   1.00 13.03 ? 118  LYS A N   1 
ATOM   963  C  CA  . LYS A 1 118 ? 0.364   15.852  1.812   1.00 13.44 ? 118  LYS A CA  1 
ATOM   964  C  C   . LYS A 1 118 ? 0.403   16.781  0.604   1.00 13.64 ? 118  LYS A C   1 
ATOM   965  O  O   . LYS A 1 118 ? 1.319   17.597  0.466   1.00 14.38 ? 118  LYS A O   1 
ATOM   966  C  CB  . LYS A 1 118 ? 1.378   14.704  1.684   1.00 12.65 ? 118  LYS A CB  1 
ATOM   967  C  CG  . LYS A 1 118 ? 1.612   13.993  3.031   1.00 12.95 ? 118  LYS A CG  1 
ATOM   968  C  CD  . LYS A 1 118 ? 2.655   12.898  2.952   1.00 14.27 ? 118  LYS A CD  1 
ATOM   969  C  CE  . LYS A 1 118 ? 4.078   13.452  2.996   1.00 17.57 ? 118  LYS A CE  1 
ATOM   970  N  NZ  . LYS A 1 118 ? 4.358   14.176  4.287   1.00 18.57 ? 118  LYS A NZ  1 
ATOM   971  N  N   . HIS A 1 119 ? -0.608  16.669  -0.256  1.00 13.66 ? 119  HIS A N   1 
ATOM   972  C  CA  . HIS A 1 119 ? -0.637  17.427  -1.513  1.00 13.56 ? 119  HIS A CA  1 
ATOM   973  C  C   . HIS A 1 119 ? -2.020  18.065  -1.748  1.00 13.05 ? 119  HIS A C   1 
ATOM   974  O  O   . HIS A 1 119 ? -2.633  17.856  -2.799  1.00 13.85 ? 119  HIS A O   1 
ATOM   975  C  CB  . HIS A 1 119 ? -0.243  16.524  -2.690  1.00 13.20 ? 119  HIS A CB  1 
ATOM   976  C  CG  . HIS A 1 119 ? 0.983   15.710  -2.425  1.00 14.29 ? 119  HIS A CG  1 
ATOM   977  N  ND1 . HIS A 1 119 ? 2.254   16.179  -2.682  1.00 14.63 ? 119  HIS A ND1 1 
ATOM   978  C  CD2 . HIS A 1 119 ? 1.137   14.481  -1.881  1.00 13.24 ? 119  HIS A CD2 1 
ATOM   979  C  CE1 . HIS A 1 119 ? 3.139   15.264  -2.315  1.00 15.09 ? 119  HIS A CE1 1 
ATOM   980  N  NE2 . HIS A 1 119 ? 2.484   14.224  -1.826  1.00 13.63 ? 119  HIS A NE2 1 
ATOM   981  N  N   . PRO A 1 120 ? -2.498  18.868  -0.775  1.00 13.05 ? 120  PRO A N   1 
ATOM   982  C  CA  . PRO A 1 120 ? -3.875  19.341  -0.911  1.00 12.75 ? 120  PRO A CA  1 
ATOM   983  C  C   . PRO A 1 120 ? -4.008  20.269  -2.106  1.00 13.48 ? 120  PRO A C   1 
ATOM   984  O  O   . PRO A 1 120 ? -3.160  21.155  -2.293  1.00 14.26 ? 120  PRO A O   1 
ATOM   985  C  CB  . PRO A 1 120 ? -4.134  20.100  0.404   1.00 13.20 ? 120  PRO A CB  1 
ATOM   986  C  CG  . PRO A 1 120 ? -2.738  20.548  0.863   1.00 12.34 ? 120  PRO A CG  1 
ATOM   987  C  CD  . PRO A 1 120 ? -1.832  19.390  0.441   1.00 12.39 ? 120  PRO A CD  1 
ATOM   988  N  N   . GLY A 1 121 ? -5.035  20.057  -2.925  1.00 12.62 ? 121  GLY A N   1 
ATOM   989  C  CA  . GLY A 1 121 ? -5.195  20.899  -4.129  1.00 14.06 ? 121  GLY A CA  1 
ATOM   990  C  C   . GLY A 1 121 ? -4.241  20.560  -5.280  1.00 14.95 ? 121  GLY A C   1 
ATOM   991  O  O   . GLY A 1 121 ? -4.329  21.173  -6.349  1.00 15.96 ? 121  GLY A O   1 
ATOM   992  N  N   . ASP A 1 122 ? -3.349  19.583  -5.078  1.00 14.76 ? 122  ASP A N   1 
ATOM   993  C  CA  . ASP A 1 122 ? -2.408  19.144  -6.120  1.00 14.99 ? 122  ASP A CA  1 
ATOM   994  C  C   . ASP A 1 122 ? -2.594  17.665  -6.488  1.00 15.26 ? 122  ASP A C   1 
ATOM   995  O  O   . ASP A 1 122 ? -1.720  17.053  -7.113  1.00 16.54 ? 122  ASP A O   1 
ATOM   996  C  CB  . ASP A 1 122 ? -0.975  19.388  -5.658  1.00 16.68 ? 122  ASP A CB  1 
ATOM   997  C  CG  . ASP A 1 122 ? 0.049   19.088  -6.734  1.00 19.90 ? 122  ASP A CG  1 
ATOM   998  O  OD1 . ASP A 1 122 ? -0.230  19.361  -7.921  1.00 23.63 ? 122  ASP A OD1 1 
ATOM   999  O  OD2 . ASP A 1 122 ? 1.140   18.591  -6.391  1.00 22.19 ? 122  ASP A OD2 1 
ATOM   1000 N  N   . PHE A 1 123 ? -3.727  17.079  -6.094  1.00 13.40 ? 123  PHE A N   1 
ATOM   1001 C  CA  . PHE A 1 123 ? -4.028  15.686  -6.436  1.00 12.58 ? 123  PHE A CA  1 
ATOM   1002 C  C   . PHE A 1 123 ? -5.438  15.719  -7.047  1.00 13.58 ? 123  PHE A C   1 
ATOM   1003 O  O   . PHE A 1 123 ? -6.452  15.517  -6.357  1.00 13.83 ? 123  PHE A O   1 
ATOM   1004 C  CB  . PHE A 1 123 ? -3.877  14.799  -5.181  1.00 13.59 ? 123  PHE A CB  1 
ATOM   1005 C  CG  . PHE A 1 123 ? -4.163  13.324  -5.390  1.00 11.21 ? 123  PHE A CG  1 
ATOM   1006 C  CD1 . PHE A 1 123 ? -3.701  12.645  -6.518  1.00 13.16 ? 123  PHE A CD1 1 
ATOM   1007 C  CD2 . PHE A 1 123 ? -4.845  12.600  -4.400  1.00 12.63 ? 123  PHE A CD2 1 
ATOM   1008 C  CE1 . PHE A 1 123 ? -3.954  11.281  -6.687  1.00 13.93 ? 123  PHE A CE1 1 
ATOM   1009 C  CE2 . PHE A 1 123 ? -5.096  11.256  -4.535  1.00 11.96 ? 123  PHE A CE2 1 
ATOM   1010 C  CZ  . PHE A 1 123 ? -4.646  10.572  -5.691  1.00 11.90 ? 123  PHE A CZ  1 
ATOM   1011 N  N   . GLY A 1 124 ? -5.465  15.966  -8.360  1.00 12.84 ? 124  GLY A N   1 
ATOM   1012 C  CA  . GLY A 1 124 ? -6.682  16.321  -9.073  1.00 13.23 ? 124  GLY A CA  1 
ATOM   1013 C  C   . GLY A 1 124 ? -7.625  15.153  -9.270  1.00 12.69 ? 124  GLY A C   1 
ATOM   1014 O  O   . GLY A 1 124 ? -7.260  13.989  -9.034  1.00 12.16 ? 124  GLY A O   1 
ATOM   1015 N  N   . ALA A 1 125 ? -8.837  15.458  -9.724  1.00 12.02 ? 125  ALA A N   1 
ATOM   1016 C  CA  . ALA A 1 125 ? -9.852  14.418  -9.885  1.00 11.73 ? 125  ALA A CA  1 
ATOM   1017 C  C   . ALA A 1 125 ? -9.400  13.317  -10.847 1.00 11.51 ? 125  ALA A C   1 
ATOM   1018 O  O   . ALA A 1 125 ? -9.628  12.126  -10.578 1.00 12.22 ? 125  ALA A O   1 
ATOM   1019 C  CB  . ALA A 1 125 ? -11.168 15.044  -10.353 1.00 11.35 ? 125  ALA A CB  1 
ATOM   1020 N  N   . ASP A 1 126 ? -8.733  13.703  -11.933 1.00 12.24 ? 126  ASP A N   1 
ATOM   1021 C  CA  . ASP A 1 126 ? -8.215  12.710  -12.888 1.00 13.32 ? 126  ASP A CA  1 
ATOM   1022 C  C   . ASP A 1 126 ? -7.137  11.838  -12.253 1.00 12.93 ? 126  ASP A C   1 
ATOM   1023 O  O   . ASP A 1 126 ? -7.123  10.606  -12.446 1.00 13.33 ? 126  ASP A O   1 
ATOM   1024 C  CB  . ASP A 1 126 ? -7.769  13.367  -14.212 1.00 14.56 ? 126  ASP A CB  1 
ATOM   1025 C  CG  . ASP A 1 126 ? -6.660  14.407  -14.045 1.00 18.60 ? 126  ASP A CG  1 
ATOM   1026 O  OD1 . ASP A 1 126 ? -6.219  14.713  -12.916 1.00 19.31 ? 126  ASP A OD1 1 
ATOM   1027 O  OD2 . ASP A 1 126 ? -6.218  14.945  -15.099 1.00 25.24 ? 126  ASP A OD2 1 
ATOM   1028 N  N   . ALA A 1 127 ? -6.245  12.465  -11.482 1.00 12.52 ? 127  ALA A N   1 
ATOM   1029 C  CA  . ALA A 1 127 ? -5.175  11.738  -10.803 1.00 11.52 ? 127  ALA A CA  1 
ATOM   1030 C  C   . ALA A 1 127 ? -5.732  10.744  -9.769  1.00 11.74 ? 127  ALA A C   1 
ATOM   1031 O  O   . ALA A 1 127 ? -5.272  9.599   -9.676  1.00 11.09 ? 127  ALA A O   1 
ATOM   1032 C  CB  . ALA A 1 127 ? -4.209  12.697  -10.163 1.00 11.81 ? 127  ALA A CB  1 
ATOM   1033 N  N   . GLN A 1 128 ? -6.695  11.186  -8.969  1.00 11.26 ? 128  GLN A N   1 
ATOM   1034 C  CA  . GLN A 1 128 ? -7.314  10.269  -8.012  1.00 10.93 ? 128  GLN A CA  1 
ATOM   1035 C  C   . GLN A 1 128 ? -7.991  9.081   -8.710  1.00 10.40 ? 128  GLN A C   1 
ATOM   1036 O  O   . GLN A 1 128 ? -7.887  7.929   -8.250  1.00 9.45  ? 128  GLN A O   1 
ATOM   1037 C  CB  . GLN A 1 128 ? -8.321  11.002  -7.103  1.00 11.13 ? 128  GLN A CB  1 
ATOM   1038 C  CG  . GLN A 1 128 ? -9.027  10.044  -6.182  1.00 12.50 ? 128  GLN A CG  1 
ATOM   1039 C  CD  . GLN A 1 128 ? -9.979  10.725  -5.198  1.00 10.87 ? 128  GLN A CD  1 
ATOM   1040 O  OE1 . GLN A 1 128 ? -9.890  11.923  -4.955  1.00 11.76 ? 128  GLN A OE1 1 
ATOM   1041 N  NE2 . GLN A 1 128 ? -10.874 9.919   -4.583  1.00 10.98 ? 128  GLN A NE2 1 
ATOM   1042 N  N   . GLY A 1 129 ? -8.694  9.344   -9.811  1.00 9.81  ? 129  GLY A N   1 
ATOM   1043 C  CA  . GLY A 1 129 ? -9.327  8.263   -10.584 1.00 11.19 ? 129  GLY A CA  1 
ATOM   1044 C  C   . GLY A 1 129 ? -8.286  7.247   -11.055 1.00 10.68 ? 129  GLY A C   1 
ATOM   1045 O  O   . GLY A 1 129 ? -8.472  6.027   -10.942 1.00 12.35 ? 129  GLY A O   1 
ATOM   1046 N  N   . ALA A 1 130 ? -7.193  7.738   -11.604 1.00 10.90 ? 130  ALA A N   1 
ATOM   1047 C  CA  . ALA A 1 130 ? -6.176  6.849   -12.143 1.00 10.94 ? 130  ALA A CA  1 
ATOM   1048 C  C   . ALA A 1 130 ? -5.499  6.023   -11.044 1.00 10.55 ? 130  ALA A C   1 
ATOM   1049 O  O   . ALA A 1 130 ? -5.334  4.791   -11.174 1.00 10.14 ? 130  ALA A O   1 
ATOM   1050 C  CB  . ALA A 1 130 ? -5.130  7.653   -12.930 1.00 11.58 ? 130  ALA A CB  1 
ATOM   1051 N  N   . MET A 1 131 ? -5.085  6.703   -9.980  1.00 9.82  ? 131  MET A N   1 
ATOM   1052 C  CA  . MET A 1 131 ? -4.434  6.024   -8.866  1.00 9.90  ? 131  MET A CA  1 
ATOM   1053 C  C   . MET A 1 131 ? -5.367  4.977   -8.246  1.00 9.88  ? 131  MET A C   1 
ATOM   1054 O  O   . MET A 1 131 ? -4.943  3.852   -7.931  1.00 9.47  ? 131  MET A O   1 
ATOM   1055 C  CB  . MET A 1 131 ? -3.935  7.037   -7.828  1.00 10.90 ? 131  MET A CB  1 
ATOM   1056 C  CG  . MET A 1 131 ? -3.210  6.366   -6.699  1.00 11.66 ? 131  MET A CG  1 
ATOM   1057 S  SD  . MET A 1 131 ? -1.681  5.480   -7.232  1.00 17.65 ? 131  MET A SD  1 
ATOM   1058 C  CE  . MET A 1 131 ? -0.649  6.834   -7.621  1.00 17.18 ? 131  MET A CE  1 
ATOM   1059 N  N   . THR A 1 132 ? -6.641  5.331   -8.084  1.00 10.39 ? 132  THR A N   1 
ATOM   1060 C  CA  . THR A 1 132 ? -7.646  4.377   -7.598  1.00 10.38 ? 132  THR A CA  1 
ATOM   1061 C  C   . THR A 1 132 ? -7.736  3.144   -8.497  1.00 11.23 ? 132  THR A C   1 
ATOM   1062 O  O   . THR A 1 132 ? -7.741  2.014   -7.979  1.00 10.61 ? 132  THR A O   1 
ATOM   1063 C  CB  . THR A 1 132 ? -9.031  5.062   -7.468  1.00 10.68 ? 132  THR A CB  1 
ATOM   1064 O  OG1 . THR A 1 132 ? -8.896  6.132   -6.549  1.00 10.83 ? 132  THR A OG1 1 
ATOM   1065 C  CG2 . THR A 1 132 ? -10.093 4.133   -6.937  1.00 11.31 ? 132  THR A CG2 1 
ATOM   1066 N  N   . LYS A 1 133 ? -7.818  3.348   -9.814  1.00 10.73 ? 133  LYS A N   1 
ATOM   1067 C  CA  . LYS A 1 133 ? -7.790  2.188   -10.747 1.00 11.97 ? 133  LYS A CA  1 
ATOM   1068 C  C   . LYS A 1 133 ? -6.569  1.296   -10.559 1.00 11.61 ? 133  LYS A C   1 
ATOM   1069 O  O   . LYS A 1 133 ? -6.671  0.044   -10.598 1.00 12.48 ? 133  LYS A O   1 
ATOM   1070 C  CB  . LYS A 1 133 ? -7.875  2.631   -12.212 1.00 13.17 ? 133  LYS A CB  1 
ATOM   1071 C  CG  . LYS A 1 133 ? -9.307  2.866   -12.673 1.00 14.00 ? 133  LYS A CG  1 
ATOM   1072 C  CD  . LYS A 1 133 ? -9.394  3.232   -14.163 1.00 14.33 ? 133  LYS A CD  1 
ATOM   1073 C  CE  . LYS A 1 133 ? -9.294  2.045   -15.114 1.00 18.57 ? 133  LYS A CE  1 
ATOM   1074 N  NZ  . LYS A 1 133 ? -9.644  2.539   -16.504 1.00 21.52 ? 133  LYS A NZ  1 
ATOM   1075 N  N   . ALA A 1 134 ? -5.397  1.924   -10.415 1.00 10.83 ? 134  ALA A N   1 
ATOM   1076 C  CA  . ALA A 1 134 ? -4.163  1.166   -10.257 1.00 10.68 ? 134  ALA A CA  1 
ATOM   1077 C  C   . ALA A 1 134 ? -4.175  0.342   -8.974  1.00 9.81  ? 134  ALA A C   1 
ATOM   1078 O  O   . ALA A 1 134 ? -3.724  -0.813  -8.972  1.00 10.12 ? 134  ALA A O   1 
ATOM   1079 C  CB  . ALA A 1 134 ? -2.966  2.084   -10.289 1.00 10.82 ? 134  ALA A CB  1 
ATOM   1080 N  N   . LEU A 1 135 ? -4.636  0.941   -7.875  1.00 10.16 ? 135  LEU A N   1 
ATOM   1081 C  CA  . LEU A 1 135 ? -4.685  0.205   -6.588  1.00 9.47  ? 135  LEU A CA  1 
ATOM   1082 C  C   . LEU A 1 135 ? -5.709  -0.921  -6.609  1.00 10.07 ? 135  LEU A C   1 
ATOM   1083 O  O   . LEU A 1 135 ? -5.538  -1.961  -5.960  1.00 10.50 ? 135  LEU A O   1 
ATOM   1084 C  CB  . LEU A 1 135 ? -4.945  1.177   -5.418  1.00 10.33 ? 135  LEU A CB  1 
ATOM   1085 C  CG  . LEU A 1 135 ? -3.805  2.178   -5.182  1.00 8.71  ? 135  LEU A CG  1 
ATOM   1086 C  CD1 . LEU A 1 135 ? -4.277  3.282   -4.236  1.00 12.32 ? 135  LEU A CD1 1 
ATOM   1087 C  CD2 . LEU A 1 135 ? -2.492  1.486   -4.672  1.00 12.29 ? 135  LEU A CD2 1 
ATOM   1088 N  N   . GLU A 1 136 ? -6.805  -0.713  -7.335  1.00 9.13  ? 136  GLU A N   1 
ATOM   1089 C  CA  . GLU A 1 136 ? -7.821  -1.758  -7.473  1.00 9.12  ? 136  GLU A CA  1 
ATOM   1090 C  C   . GLU A 1 136 ? -7.267  -2.940  -8.276  1.00 9.78  ? 136  GLU A C   1 
ATOM   1091 O  O   . GLU A 1 136 ? -7.509  -4.107  -7.953  1.00 9.64  ? 136  GLU A O   1 
ATOM   1092 C  CB  . GLU A 1 136 ? -9.055  -1.169  -8.161  1.00 9.70  ? 136  GLU A CB  1 
ATOM   1093 C  CG  . GLU A 1 136 ? -9.888  -0.373  -7.203  1.00 11.10 ? 136  GLU A CG  1 
ATOM   1094 C  CD  . GLU A 1 136 ? -11.038 0.410   -7.861  1.00 14.59 ? 136  GLU A CD  1 
ATOM   1095 O  OE1 . GLU A 1 136 ? -11.034 0.639   -9.096  1.00 16.90 ? 136  GLU A OE1 1 
ATOM   1096 O  OE2 . GLU A 1 136 ? -11.936 0.839   -7.095  1.00 19.73 ? 136  GLU A OE2 1 
ATOM   1097 N  N   . LEU A 1 137 ? -6.546  -2.633  -9.342  1.00 9.87  ? 137  LEU A N   1 
ATOM   1098 C  CA  . LEU A 1 137 ? -5.920  -3.671  -10.165 1.00 10.95 ? 137  LEU A CA  1 
ATOM   1099 C  C   . LEU A 1 137 ? -4.956  -4.500  -9.319  1.00 11.39 ? 137  LEU A C   1 
ATOM   1100 O  O   . LEU A 1 137 ? -4.935  -5.730  -9.412  1.00 11.53 ? 137  LEU A O   1 
ATOM   1101 C  CB  . LEU A 1 137 ? -5.172  -3.023  -11.342 1.00 11.63 ? 137  LEU A CB  1 
ATOM   1102 C  CG  . LEU A 1 137 ? -4.482  -4.001  -12.305 1.00 12.89 ? 137  LEU A CG  1 
ATOM   1103 C  CD1 . LEU A 1 137 ? -5.475  -4.993  -12.957 1.00 14.62 ? 137  LEU A CD1 1 
ATOM   1104 C  CD2 . LEU A 1 137 ? -3.710  -3.245  -13.375 1.00 12.91 ? 137  LEU A CD2 1 
ATOM   1105 N  N   . PHE A 1 138 ? -4.148  -3.806  -8.509  1.00 11.19 ? 138  PHE A N   1 
ATOM   1106 C  CA  . PHE A 1 138 ? -3.183  -4.441  -7.615  1.00 11.42 ? 138  PHE A CA  1 
ATOM   1107 C  C   . PHE A 1 138 ? -3.941  -5.353  -6.645  1.00 11.89 ? 138  PHE A C   1 
ATOM   1108 O  O   . PHE A 1 138 ? -3.642  -6.546  -6.538  1.00 12.60 ? 138  PHE A O   1 
ATOM   1109 C  CB  . PHE A 1 138 ? -2.442  -3.329  -6.880  1.00 12.71 ? 138  PHE A CB  1 
ATOM   1110 C  CG  . PHE A 1 138 ? -1.644  -3.779  -5.683  1.00 13.07 ? 138  PHE A CG  1 
ATOM   1111 C  CD1 . PHE A 1 138 ? -0.417  -4.410  -5.837  1.00 14.67 ? 138  PHE A CD1 1 
ATOM   1112 C  CD2 . PHE A 1 138 ? -2.114  -3.509  -4.395  1.00 14.74 ? 138  PHE A CD2 1 
ATOM   1113 C  CE1 . PHE A 1 138 ? 0.339   -4.800  -4.694  1.00 17.47 ? 138  PHE A CE1 1 
ATOM   1114 C  CE2 . PHE A 1 138 ? -1.386  -3.892  -3.256  1.00 16.81 ? 138  PHE A CE2 1 
ATOM   1115 C  CZ  . PHE A 1 138 ? -0.159  -4.524  -3.405  1.00 17.92 ? 138  PHE A CZ  1 
ATOM   1116 N  N   . ARG A 1 139 ? -4.956  -4.799  -5.990  1.00 12.09 ? 139  ARG A N   1 
ATOM   1117 C  CA  . ARG A 1 139 ? -5.782  -5.571  -5.050  1.00 12.56 ? 139  ARG A CA  1 
ATOM   1118 C  C   . ARG A 1 139 ? -6.467  -6.778  -5.720  1.00 12.18 ? 139  ARG A C   1 
ATOM   1119 O  O   . ARG A 1 139 ? -6.498  -7.902  -5.163  1.00 12.59 ? 139  ARG A O   1 
ATOM   1120 C  CB  . ARG A 1 139 ? -6.816  -4.639  -4.394  1.00 13.42 ? 139  ARG A CB  1 
ATOM   1121 C  CG  . ARG A 1 139 ? -7.429  -5.187  -3.132  1.00 15.58 ? 139  ARG A CG  1 
ATOM   1122 C  CD  . ARG A 1 139 ? -7.904  -4.015  -2.291  1.00 12.97 ? 139  ARG A CD  1 
ATOM   1123 N  NE  . ARG A 1 139 ? -9.129  -3.345  -2.763  1.00 12.78 ? 139  ARG A NE  1 
ATOM   1124 C  CZ  . ARG A 1 139 ? -9.213  -2.100  -3.231  1.00 15.55 ? 139  ARG A CZ  1 
ATOM   1125 N  NH1 . ARG A 1 139 ? -8.143  -1.318  -3.380  1.00 14.45 ? 139  ARG A NH1 1 
ATOM   1126 N  NH2 . ARG A 1 139 ? -10.395 -1.614  -3.582  1.00 13.71 ? 139  ARG A NH2 1 
ATOM   1127 N  N   . ASN A 1 140 ? -6.993  -6.565  -6.925  1.00 11.55 ? 140  ASN A N   1 
ATOM   1128 C  CA  . ASN A 1 140 ? -7.744  -7.604  -7.627  1.00 11.65 ? 140  ASN A CA  1 
ATOM   1129 C  C   . ASN A 1 140 ? -6.857  -8.779  -8.074  1.00 11.31 ? 140  ASN A C   1 
ATOM   1130 O  O   . ASN A 1 140 ? -7.272  -9.943  -8.023  1.00 11.51 ? 140  ASN A O   1 
ATOM   1131 C  CB  . ASN A 1 140 ? -8.487  -6.998  -8.808  1.00 12.05 ? 140  ASN A CB  1 
ATOM   1132 C  CG  . ASN A 1 140 ? -9.535  -7.927  -9.358  1.00 14.28 ? 140  ASN A CG  1 
ATOM   1133 O  OD1 . ASN A 1 140 ? -9.419  -8.391  -10.487 1.00 15.79 ? 140  ASN A OD1 1 
ATOM   1134 N  ND2 . ASN A 1 140 ? -10.553 -8.239  -8.543  1.00 15.88 ? 140  ASN A ND2 1 
ATOM   1135 N  N   . ASP A 1 141 ? -5.630  -8.467  -8.463  1.00 10.67 ? 141  ASP A N   1 
ATOM   1136 C  CA  . ASP A 1 141 ? -4.695  -9.500  -8.868  1.00 11.13 ? 141  ASP A CA  1 
ATOM   1137 C  C   . ASP A 1 141 ? -4.210  -10.279 -7.628  1.00 11.90 ? 141  ASP A C   1 
ATOM   1138 O  O   . ASP A 1 141 ? -4.047  -11.503 -7.682  1.00 12.54 ? 141  ASP A O   1 
ATOM   1139 C  CB  . ASP A 1 141 ? -3.562  -8.878  -9.700  1.00 10.68 ? 141  ASP A CB  1 
ATOM   1140 C  CG  . ASP A 1 141 ? -3.991  -8.555  -11.151 1.00 13.14 ? 141  ASP A CG  1 
ATOM   1141 O  OD1 . ASP A 1 141 ? -5.120  -8.906  -11.559 1.00 13.51 ? 141  ASP A OD1 1 
ATOM   1142 O  OD2 . ASP A 1 141 ? -3.196  -7.941  -11.913 1.00 12.13 ? 141  ASP A OD2 1 
ATOM   1143 N  N   . ILE A 1 142 ? -3.985  -9.593  -6.506  1.00 11.91 ? 142  ILE A N   1 
ATOM   1144 C  CA  . ILE A 1 142 ? -3.674  -10.292 -5.247  1.00 13.01 ? 142  ILE A CA  1 
ATOM   1145 C  C   . ILE A 1 142 ? -4.862  -11.194 -4.853  1.00 12.73 ? 142  ILE A C   1 
ATOM   1146 O  O   . ILE A 1 142 ? -4.671  -12.364 -4.491  1.00 12.57 ? 142  ILE A O   1 
ATOM   1147 C  CB  . ILE A 1 142 ? -3.309  -9.314  -4.100  1.00 12.60 ? 142  ILE A CB  1 
ATOM   1148 C  CG1 . ILE A 1 142 ? -1.995  -8.605  -4.423  1.00 12.66 ? 142  ILE A CG1 1 
ATOM   1149 C  CG2 . ILE A 1 142 ? -3.172  -10.102 -2.785  1.00 12.78 ? 142  ILE A CG2 1 
ATOM   1150 C  CD1 . ILE A 1 142 ? -1.650  -7.483  -3.444  1.00 15.06 ? 142  ILE A CD1 1 
ATOM   1151 N  N   . ALA A 1 143 ? -6.088  -10.671 -4.949  1.00 12.39 ? 143  ALA A N   1 
ATOM   1152 C  CA  . ALA A 1 143 ? -7.293  -11.456 -4.606  1.00 12.49 ? 143  ALA A CA  1 
ATOM   1153 C  C   . ALA A 1 143 ? -7.382  -12.760 -5.421  1.00 12.55 ? 143  ALA A C   1 
ATOM   1154 O  O   . ALA A 1 143 ? -7.784  -13.805 -4.878  1.00 12.83 ? 143  ALA A O   1 
ATOM   1155 C  CB  . ALA A 1 143 ? -8.562  -10.629 -4.796  1.00 13.20 ? 143  ALA A CB  1 
ATOM   1156 N  N   . ALA A 1 144 ? -7.023  -12.710 -6.706  1.00 11.78 ? 144  ALA A N   1 
ATOM   1157 C  CA  . ALA A 1 144 ? -6.991  -13.935 -7.534  1.00 12.15 ? 144  ALA A CA  1 
ATOM   1158 C  C   . ALA A 1 144 ? -6.040  -15.004 -6.955  1.00 12.69 ? 144  ALA A C   1 
ATOM   1159 O  O   . ALA A 1 144 ? -6.390  -16.201 -6.868  1.00 12.56 ? 144  ALA A O   1 
ATOM   1160 C  CB  . ALA A 1 144 ? -6.592  -13.588 -8.969  1.00 12.46 ? 144  ALA A CB  1 
ATOM   1161 N  N   . LYS A 1 145 ? -4.844  -14.575 -6.563  1.00 12.12 ? 145  LYS A N   1 
ATOM   1162 C  CA  . LYS A 1 145 ? -3.879  -15.466 -5.906  1.00 12.71 ? 145  LYS A CA  1 
ATOM   1163 C  C   . LYS A 1 145 ? -4.382  -15.988 -4.554  1.00 12.39 ? 145  LYS A C   1 
ATOM   1164 O  O   . LYS A 1 145 ? -4.150  -17.154 -4.193  1.00 10.96 ? 145  LYS A O   1 
ATOM   1165 C  CB  . LYS A 1 145 ? -2.542  -14.767 -5.700  1.00 13.40 ? 145  LYS A CB  1 
ATOM   1166 C  CG  . LYS A 1 145 ? -1.871  -14.187 -6.966  1.00 15.55 ? 145  LYS A CG  1 
ATOM   1167 C  CD  . LYS A 1 145 ? -1.538  -15.261 -7.996  1.00 19.40 ? 145  LYS A CD  1 
ATOM   1168 C  CE  . LYS A 1 145 ? -0.833  -14.638 -9.219  1.00 20.07 ? 145  LYS A CE  1 
ATOM   1169 N  NZ  . LYS A 1 145 ? -0.801  -15.631 -10.328 1.00 24.04 ? 145  LYS A NZ  1 
ATOM   1170 N  N   . TYR A 1 146 ? -5.062  -15.122 -3.802  1.00 12.08 ? 146  TYR A N   1 
ATOM   1171 C  CA  . TYR A 1 146 ? -5.687  -15.526 -2.529  1.00 12.16 ? 146  TYR A CA  1 
ATOM   1172 C  C   . TYR A 1 146 ? -6.733  -16.626 -2.755  1.00 12.71 ? 146  TYR A C   1 
ATOM   1173 O  O   . TYR A 1 146 ? -6.787  -17.612 -2.002  1.00 11.93 ? 146  TYR A O   1 
ATOM   1174 C  CB  . TYR A 1 146 ? -6.350  -14.325 -1.844  1.00 12.15 ? 146  TYR A CB  1 
ATOM   1175 C  CG  . TYR A 1 146 ? -5.431  -13.483 -0.958  1.00 11.83 ? 146  TYR A CG  1 
ATOM   1176 C  CD1 . TYR A 1 146 ? -4.051  -13.401 -1.191  1.00 11.83 ? 146  TYR A CD1 1 
ATOM   1177 C  CD2 . TYR A 1 146 ? -5.965  -12.734 0.097   1.00 13.28 ? 146  TYR A CD2 1 
ATOM   1178 C  CE1 . TYR A 1 146 ? -3.204  -12.602 -0.359  1.00 14.13 ? 146  TYR A CE1 1 
ATOM   1179 C  CE2 . TYR A 1 146 ? -5.142  -11.947 0.917   1.00 13.95 ? 146  TYR A CE2 1 
ATOM   1180 C  CZ  . TYR A 1 146 ? -3.772  -11.874 0.677   1.00 11.70 ? 146  TYR A CZ  1 
ATOM   1181 O  OH  . TYR A 1 146 ? -3.002  -11.108 1.532   1.00 13.21 ? 146  TYR A OH  1 
ATOM   1182 N  N   . LYS A 1 147 ? -7.555  -16.457 -3.794  1.00 12.61 ? 147  LYS A N   1 
ATOM   1183 C  CA  . LYS A 1 147 ? -8.564  -17.467 -4.133  1.00 13.33 ? 147  LYS A CA  1 
ATOM   1184 C  C   . LYS A 1 147 ? -7.899  -18.813 -4.489  1.00 12.99 ? 147  LYS A C   1 
ATOM   1185 O  O   . LYS A 1 147 ? -8.348  -19.870 -4.009  1.00 13.04 ? 147  LYS A O   1 
ATOM   1186 C  CB  . LYS A 1 147 ? -9.502  -17.000 -5.255  1.00 12.65 ? 147  LYS A CB  1 
ATOM   1187 C  CG  . LYS A 1 147 ? -10.541 -18.056 -5.636  1.00 15.42 ? 147  LYS A CG  1 
ATOM   1188 C  CD  . LYS A 1 147 ? -11.516 -17.534 -6.685  1.00 15.68 ? 147  LYS A CD  1 
ATOM   1189 C  CE  . LYS A 1 147 ? -12.514 -18.602 -7.135  1.00 19.71 ? 147  LYS A CE  1 
ATOM   1190 N  NZ  . LYS A 1 147 ? -11.977 -19.460 -8.247  1.00 22.71 ? 147  LYS A NZ  1 
ATOM   1191 N  N   A GLU A 1 148 ? -6.831  -18.784 -5.296  0.50 13.15 ? 148  GLU A N   1 
ATOM   1192 N  N   B GLU A 1 148 ? -6.839  -18.760 -5.297  0.50 13.23 ? 148  GLU A N   1 
ATOM   1193 C  CA  A GLU A 1 148 ? -6.082  -20.011 -5.621  0.50 13.72 ? 148  GLU A CA  1 
ATOM   1194 C  CA  B GLU A 1 148 ? -6.026  -19.929 -5.645  0.50 13.87 ? 148  GLU A CA  1 
ATOM   1195 C  C   A GLU A 1 148 ? -5.705  -20.750 -4.341  0.50 13.52 ? 148  GLU A C   1 
ATOM   1196 C  C   B GLU A 1 148 ? -5.648  -20.724 -4.390  0.50 13.59 ? 148  GLU A C   1 
ATOM   1197 O  O   A GLU A 1 148 ? -5.911  -21.970 -4.225  0.50 12.99 ? 148  GLU A O   1 
ATOM   1198 O  O   B GLU A 1 148 ? -5.809  -21.955 -4.340  0.50 13.17 ? 148  GLU A O   1 
ATOM   1199 C  CB  A GLU A 1 148 ? -4.799  -19.706 -6.415  0.50 13.62 ? 148  GLU A CB  1 
ATOM   1200 C  CB  B GLU A 1 148 ? -4.759  -19.440 -6.357  0.50 13.84 ? 148  GLU A CB  1 
ATOM   1201 C  CG  A GLU A 1 148 ? -4.998  -19.061 -7.785  0.50 14.55 ? 148  GLU A CG  1 
ATOM   1202 C  CG  B GLU A 1 148 ? -4.023  -20.445 -7.208  0.50 14.48 ? 148  GLU A CG  1 
ATOM   1203 C  CD  A GLU A 1 148 ? -3.686  -18.827 -8.537  0.50 15.20 ? 148  GLU A CD  1 
ATOM   1204 C  CD  B GLU A 1 148 ? -2.737  -19.863 -7.805  0.50 15.56 ? 148  GLU A CD  1 
ATOM   1205 O  OE1 A GLU A 1 148 ? -2.617  -19.225 -8.032  0.50 17.97 ? 148  GLU A OE1 1 
ATOM   1206 O  OE1 B GLU A 1 148 ? -2.551  -18.619 -7.791  0.50 16.71 ? 148  GLU A OE1 1 
ATOM   1207 O  OE2 A GLU A 1 148 ? -3.720  -18.229 -9.636  0.50 17.87 ? 148  GLU A OE2 1 
ATOM   1208 O  OE2 B GLU A 1 148 ? -1.899  -20.653 -8.285  0.50 19.12 ? 148  GLU A OE2 1 
ATOM   1209 N  N   . LEU A 1 149 ? -5.160  -20.009 -3.375  1.00 13.19 ? 149  LEU A N   1 
ATOM   1210 C  CA  . LEU A 1 149 ? -4.671  -20.607 -2.116  1.00 13.23 ? 149  LEU A CA  1 
ATOM   1211 C  C   . LEU A 1 149 ? -5.795  -20.921 -1.120  1.00 13.08 ? 149  LEU A C   1 
ATOM   1212 O  O   . LEU A 1 149 ? -5.532  -21.468 -0.065  1.00 14.80 ? 149  LEU A O   1 
ATOM   1213 C  CB  . LEU A 1 149 ? -3.683  -19.643 -1.432  1.00 13.67 ? 149  LEU A CB  1 
ATOM   1214 C  CG  . LEU A 1 149 ? -2.427  -19.215 -2.197  1.00 13.79 ? 149  LEU A CG  1 
ATOM   1215 C  CD1 . LEU A 1 149 ? -1.707  -18.026 -1.525  1.00 15.95 ? 149  LEU A CD1 1 
ATOM   1216 C  CD2 . LEU A 1 149 ? -1.438  -20.381 -2.481  1.00 14.83 ? 149  LEU A CD2 1 
ATOM   1217 N  N   . GLY A 1 150 ? -7.019  -20.502 -1.427  1.00 13.25 ? 150  GLY A N   1 
ATOM   1218 C  CA  . GLY A 1 150 ? -8.157  -20.685 -0.511  1.00 13.67 ? 150  GLY A CA  1 
ATOM   1219 C  C   . GLY A 1 150 ? -8.054  -19.824 0.725   1.00 14.85 ? 150  GLY A C   1 
ATOM   1220 O  O   . GLY A 1 150 ? -8.597  -20.156 1.782   1.00 14.51 ? 150  GLY A O   1 
ATOM   1221 N  N   . PHE A 1 151 ? -7.357  -18.700 0.598   1.00 15.40 ? 151  PHE A N   1 
ATOM   1222 C  CA  . PHE A 1 151 ? -7.111  -17.869 1.762   1.00 17.59 ? 151  PHE A CA  1 
ATOM   1223 C  C   . PHE A 1 151 ? -8.210  -16.854 1.957   1.00 19.71 ? 151  PHE A C   1 
ATOM   1224 O  O   . PHE A 1 151 ? -8.601  -16.143 1.010   1.00 19.95 ? 151  PHE A O   1 
ATOM   1225 C  CB  . PHE A 1 151 ? -5.775  -17.122 1.681   1.00 17.12 ? 151  PHE A CB  1 
ATOM   1226 C  CG  . PHE A 1 151 ? -5.498  -16.271 2.888   1.00 17.81 ? 151  PHE A CG  1 
ATOM   1227 C  CD1 . PHE A 1 151 ? -5.208  -16.856 4.117   1.00 19.07 ? 151  PHE A CD1 1 
ATOM   1228 C  CD2 . PHE A 1 151 ? -5.527  -14.885 2.801   1.00 18.91 ? 151  PHE A CD2 1 
ATOM   1229 C  CE1 . PHE A 1 151 ? -4.958  -16.066 5.232   1.00 21.81 ? 151  PHE A CE1 1 
ATOM   1230 C  CE2 . PHE A 1 151 ? -5.266  -14.101 3.905   1.00 18.51 ? 151  PHE A CE2 1 
ATOM   1231 C  CZ  . PHE A 1 151 ? -4.995  -14.686 5.117   1.00 20.44 ? 151  PHE A CZ  1 
ATOM   1232 N  N   . GLN A 1 152 ? -8.656  -16.764 3.208   1.00 21.98 ? 152  GLN A N   1 
ATOM   1233 C  CA  . GLN A 1 152 ? -9.640  -15.767 3.635   1.00 24.20 ? 152  GLN A CA  1 
ATOM   1234 C  C   . GLN A 1 152 ? -9.127  -14.872 4.778   1.00 25.56 ? 152  GLN A C   1 
ATOM   1235 O  O   . GLN A 1 152 ? -9.342  -13.658 4.766   1.00 26.14 ? 152  GLN A O   1 
ATOM   1236 C  CB  . GLN A 1 152 ? -10.941 -16.471 4.042   1.00 24.04 ? 152  GLN A CB  1 
ATOM   1237 C  CG  . GLN A 1 152 ? -11.694 -17.113 2.857   1.00 25.06 ? 152  GLN A CG  1 
ATOM   1238 C  CD  . GLN A 1 152 ? -12.387 -16.075 1.976   1.00 26.92 ? 152  GLN A CD  1 
ATOM   1239 O  OE1 . GLN A 1 152 ? -12.415 -14.884 2.305   1.00 27.26 ? 152  GLN A OE1 1 
ATOM   1240 N  NE2 . GLN A 1 152 ? -12.946 -16.525 0.848   1.00 25.99 ? 152  GLN A NE2 1 
ATOM   1241 N  N   . GLY A 1 153 ? -8.461  -15.478 5.762   1.00 27.04 ? 153  GLY A N   1 
ATOM   1242 C  CA  . GLY A 1 153 ? -7.913  -14.746 6.915   1.00 28.75 ? 153  GLY A CA  1 
ATOM   1243 C  C   . GLY A 1 153 ? -7.178  -15.631 7.918   1.00 30.20 ? 153  GLY A C   1 
ATOM   1244 O  O   . GLY A 1 153 ? -7.128  -16.860 7.774   1.00 30.70 ? 153  GLY A O   1 
ATOM   1245 O  OXT . GLY A 1 153 ? -6.608  -15.154 8.910   1.00 30.83 ? 153  GLY A OXT 1 
HETATM 1246 C  CHA . HEM B 2 .   ? 6.085   -7.469  4.926   1.00 11.21 ? 1154 HEM A CHA 1 
HETATM 1247 C  CHB . HEM B 2 .   ? 4.796   -5.057  0.958   1.00 10.65 ? 1154 HEM A CHB 1 
HETATM 1248 C  CHC . HEM B 2 .   ? 0.337   -4.389  2.752   1.00 11.86 ? 1154 HEM A CHC 1 
HETATM 1249 C  CHD . HEM B 2 .   ? 1.582   -6.901  6.710   1.00 11.92 ? 1154 HEM A CHD 1 
HETATM 1250 C  C1A . HEM B 2 .   ? 6.114   -6.873  3.694   1.00 11.61 ? 1154 HEM A C1A 1 
HETATM 1251 C  C2A . HEM B 2 .   ? 7.262   -6.867  2.819   1.00 10.27 ? 1154 HEM A C2A 1 
HETATM 1252 C  C3A . HEM B 2 .   ? 6.917   -6.194  1.721   1.00 12.20 ? 1154 HEM A C3A 1 
HETATM 1253 C  C4A . HEM B 2 .   ? 5.542   -5.755  1.868   1.00 11.35 ? 1154 HEM A C4A 1 
HETATM 1254 C  CMA . HEM B 2 .   ? 7.773   -5.891  0.490   1.00 11.67 ? 1154 HEM A CMA 1 
HETATM 1255 C  CAA . HEM B 2 .   ? 8.594   -7.563  3.160   1.00 11.14 ? 1154 HEM A CAA 1 
HETATM 1256 C  CBA . HEM B 2 .   ? 8.740   -8.832  2.289   1.00 12.31 ? 1154 HEM A CBA 1 
HETATM 1257 C  CGA . HEM B 2 .   ? 7.633   -9.841  2.541   1.00 14.64 ? 1154 HEM A CGA 1 
HETATM 1258 O  O1A . HEM B 2 .   ? 7.488   -10.299 3.714   1.00 16.66 ? 1154 HEM A O1A 1 
HETATM 1259 O  O2A . HEM B 2 .   ? 6.920   -10.209 1.550   1.00 14.96 ? 1154 HEM A O2A 1 
HETATM 1260 C  C1B . HEM B 2 .   ? 3.474   -4.699  1.106   1.00 9.10  ? 1154 HEM A C1B 1 
HETATM 1261 C  C2B . HEM B 2 .   ? 2.734   -3.901  0.132   1.00 10.78 ? 1154 HEM A C2B 1 
HETATM 1262 C  C3B . HEM B 2 .   ? 1.500   -3.711  0.623   1.00 9.57  ? 1154 HEM A C3B 1 
HETATM 1263 C  C4B . HEM B 2 .   ? 1.419   -4.374  1.905   1.00 11.88 ? 1154 HEM A C4B 1 
HETATM 1264 C  CMB . HEM B 2 .   ? 3.325   -3.401  -1.217  1.00 11.48 ? 1154 HEM A CMB 1 
HETATM 1265 C  CAB . HEM B 2 .   ? 0.366   -2.932  -0.047  1.00 9.69  ? 1154 HEM A CAB 1 
HETATM 1266 C  CBB . HEM B 2 .   ? 0.641   -1.747  -0.636  1.00 10.41 ? 1154 HEM A CBB 1 
HETATM 1267 C  C1C . HEM B 2 .   ? 0.306   -4.952  4.016   1.00 11.02 ? 1154 HEM A C1C 1 
HETATM 1268 C  C2C . HEM B 2 .   ? -0.789  -4.844  4.970   1.00 11.72 ? 1154 HEM A C2C 1 
HETATM 1269 C  C3C . HEM B 2 .   ? -0.449  -5.532  6.082   1.00 11.68 ? 1154 HEM A C3C 1 
HETATM 1270 C  C4C . HEM B 2 .   ? 0.870   -6.114  5.828   1.00 11.37 ? 1154 HEM A C4C 1 
HETATM 1271 C  CMC . HEM B 2 .   ? -2.073  -4.063  4.656   1.00 12.01 ? 1154 HEM A CMC 1 
HETATM 1272 C  CAC . HEM B 2 .   ? -1.204  -5.770  7.417   1.00 13.77 ? 1154 HEM A CAC 1 
HETATM 1273 C  CBC . HEM B 2 .   ? -2.313  -5.108  7.712   1.00 11.58 ? 1154 HEM A CBC 1 
HETATM 1274 C  C1D . HEM B 2 .   ? 2.899   -7.250  6.619   1.00 11.45 ? 1154 HEM A C1D 1 
HETATM 1275 C  C2D . HEM B 2 .   ? 3.662   -7.874  7.683   1.00 10.79 ? 1154 HEM A C2D 1 
HETATM 1276 C  C3D . HEM B 2 .   ? 5.077   -8.045  7.147   1.00 11.83 ? 1154 HEM A C3D 1 
HETATM 1277 C  C4D . HEM B 2 .   ? 5.016   -7.524  5.790   1.00 11.49 ? 1154 HEM A C4D 1 
HETATM 1278 C  CMD . HEM B 2 .   ? 3.172   -8.276  9.077   1.00 13.54 ? 1154 HEM A CMD 1 
HETATM 1279 C  CAD . HEM B 2 .   ? 6.287   -8.640  7.913   1.00 12.82 ? 1154 HEM A CAD 1 
HETATM 1280 C  CBD . HEM B 2 .   ? 6.742   -7.498  8.835   1.00 14.44 ? 1154 HEM A CBD 1 
HETATM 1281 C  CGD . HEM B 2 .   ? 7.982   -7.839  9.623   1.00 18.93 ? 1154 HEM A CGD 1 
HETATM 1282 O  O1D . HEM B 2 .   ? 7.824   -8.281  10.780  1.00 19.57 ? 1154 HEM A O1D 1 
HETATM 1283 O  O2D . HEM B 2 .   ? 9.115   -7.637  9.114   1.00 20.19 ? 1154 HEM A O2D 1 
HETATM 1284 N  NA  . HEM B 2 .   ? 5.078   -6.200  3.085   1.00 10.55 ? 1154 HEM A NA  1 
HETATM 1285 N  NB  . HEM B 2 .   ? 2.641   -4.976  2.164   1.00 11.67 ? 1154 HEM A NB  1 
HETATM 1286 N  NC  . HEM B 2 .   ? 1.305   -5.718  4.584   1.00 11.43 ? 1154 HEM A NC  1 
HETATM 1287 N  ND  . HEM B 2 .   ? 3.724   -7.069  5.526   1.00 10.98 ? 1154 HEM A ND  1 
HETATM 1288 FE FE  . HEM B 2 .   ? 3.201   -6.014  3.840   1.00 12.43 ? 1154 HEM A FE  1 
HETATM 1289 O  O1  . OXY C 3 .   ? 3.146   -4.018  5.507   1.00 20.76 ? 1155 OXY A O1  1 
HETATM 1290 O  O2  . OXY C 3 .   ? 3.733   -4.441  4.598   1.00 17.39 ? 1155 OXY A O2  1 
HETATM 1291 S  S   . SO4 D 4 .   ? -3.196  8.409   21.076  1.00 24.14 ? 1156 SO4 A S   1 
HETATM 1292 O  O1  . SO4 D 4 .   ? -2.781  7.137   21.669  1.00 27.44 ? 1156 SO4 A O1  1 
HETATM 1293 O  O2  . SO4 D 4 .   ? -2.811  9.522   21.934  1.00 27.02 ? 1156 SO4 A O2  1 
HETATM 1294 O  O3  . SO4 D 4 .   ? -2.552  8.553   19.763  1.00 26.40 ? 1156 SO4 A O3  1 
HETATM 1295 O  O4  . SO4 D 4 .   ? -4.653  8.386   20.899  1.00 22.60 ? 1156 SO4 A O4  1 
HETATM 1296 S  S   . SO4 E 4 .   ? -9.785  -2.876  -21.331 1.00 39.19 ? 1157 SO4 A S   1 
HETATM 1297 O  O1  . SO4 E 4 .   ? -10.019 -2.257  -22.641 1.00 40.41 ? 1157 SO4 A O1  1 
HETATM 1298 O  O2  . SO4 E 4 .   ? -8.396  -2.628  -20.924 1.00 38.37 ? 1157 SO4 A O2  1 
HETATM 1299 O  O3  . SO4 E 4 .   ? -10.054 -4.302  -21.452 1.00 38.90 ? 1157 SO4 A O3  1 
HETATM 1300 O  O4  . SO4 E 4 .   ? -10.693 -2.313  -20.327 1.00 39.28 ? 1157 SO4 A O4  1 
HETATM 1301 C  C1  . GOL F 5 .   ? -4.518  14.414  8.188   1.00 49.08 ? 1158 GOL A C1  1 
HETATM 1302 O  O1  . GOL F 5 .   ? -3.694  13.456  7.564   1.00 48.36 ? 1158 GOL A O1  1 
HETATM 1303 C  C2  . GOL F 5 .   ? -5.948  13.896  8.176   1.00 49.22 ? 1158 GOL A C2  1 
HETATM 1304 O  O2  . GOL F 5 .   ? -6.788  14.746  7.435   1.00 49.35 ? 1158 GOL A O2  1 
HETATM 1305 C  C3  . GOL F 5 .   ? -6.489  13.746  9.587   1.00 49.78 ? 1158 GOL A C3  1 
HETATM 1306 O  O3  . GOL F 5 .   ? -7.685  12.994  9.534   1.00 49.58 ? 1158 GOL A O3  1 
HETATM 1307 C  C1  A GOL G 5 .   ? -9.013  6.063   5.160   0.50 18.34 ? 1159 GOL A C1  1 
HETATM 1308 C  C1  B GOL G 5 .   ? -9.170  5.871   4.852   0.50 37.06 ? 1159 GOL A C1  1 
HETATM 1309 O  O1  A GOL G 5 .   ? -7.627  6.316   5.162   0.50 18.59 ? 1159 GOL A O1  1 
HETATM 1310 O  O1  B GOL G 5 .   ? -9.622  7.146   4.458   0.50 37.46 ? 1159 GOL A O1  1 
HETATM 1311 C  C2  A GOL G 5 .   ? -9.340  5.140   6.325   0.50 21.09 ? 1159 GOL A C2  1 
HETATM 1312 C  C2  B GOL G 5 .   ? -9.289  5.693   6.360   0.50 37.74 ? 1159 GOL A C2  1 
HETATM 1313 O  O2  A GOL G 5 .   ? -9.908  3.916   5.899   0.50 23.17 ? 1159 GOL A O2  1 
HETATM 1314 O  O2  B GOL G 5 .   ? -7.988  5.442   6.833   0.50 36.92 ? 1159 GOL A O2  1 
HETATM 1315 C  C3  A GOL G 5 .   ? -10.222 5.854   7.345   0.50 19.94 ? 1159 GOL A C3  1 
HETATM 1316 C  C3  B GOL G 5 .   ? -10.175 4.502   6.728   0.50 37.45 ? 1159 GOL A C3  1 
HETATM 1317 O  O3  A GOL G 5 .   ? -9.652  5.653   8.622   0.50 19.29 ? 1159 GOL A O3  1 
HETATM 1318 O  O3  B GOL G 5 .   ? -10.873 4.741   7.932   0.50 36.85 ? 1159 GOL A O3  1 
HETATM 1319 O  O1  . PEO H 6 .   ? -7.503  3.207   5.256   1.00 35.37 ? 1160 PEO A O1  1 
HETATM 1320 O  O2  . PEO H 6 .   ? -6.644  2.876   6.400   1.00 34.99 ? 1160 PEO A O2  1 
HETATM 1321 O  O1  . PEO I 6 .   ? -5.960  7.797   -22.913 1.00 35.65 ? 1161 PEO A O1  1 
HETATM 1322 O  O2  . PEO I 6 .   ? -4.677  7.108   -23.128 1.00 31.95 ? 1161 PEO A O2  1 
HETATM 1323 O  O   . HOH J 7 .   ? 0.763   -7.122  -0.377  1.00 33.41 ? 2001 HOH A O   1 
HETATM 1324 O  O   . HOH J 7 .   ? -3.827  -2.122  -17.194 1.00 34.04 ? 2002 HOH A O   1 
HETATM 1325 O  O   . HOH J 7 .   ? -2.821  0.829   -21.573 1.00 37.71 ? 2003 HOH A O   1 
HETATM 1326 O  O   . HOH J 7 .   ? 0.846   8.266   -23.294 1.00 32.47 ? 2004 HOH A O   1 
HETATM 1327 O  O   . HOH J 7 .   ? -7.463  7.957   -20.597 1.00 26.65 ? 2005 HOH A O   1 
HETATM 1328 O  O   . HOH J 7 .   ? -8.324  1.420   -21.062 1.00 40.92 ? 2006 HOH A O   1 
HETATM 1329 O  O   . HOH J 7 .   ? 1.208   3.640   -21.540 1.00 28.97 ? 2007 HOH A O   1 
HETATM 1330 O  O   . HOH J 7 .   ? 1.348   6.204   -20.961 1.00 23.07 ? 2008 HOH A O   1 
HETATM 1331 O  O   . HOH J 7 .   ? -4.341  3.659   -23.955 1.00 34.00 ? 2009 HOH A O   1 
HETATM 1332 O  O   . HOH J 7 .   ? -0.331  1.041   -21.011 1.00 36.48 ? 2010 HOH A O   1 
HETATM 1333 O  O   . HOH J 7 .   ? -1.959  11.610  -18.669 1.00 27.84 ? 2011 HOH A O   1 
HETATM 1334 O  O   . HOH J 7 .   ? -9.500  8.099   -18.430 1.00 22.92 ? 2012 HOH A O   1 
HETATM 1335 O  O   . HOH J 7 .   ? -9.155  6.931   -14.206 1.00 14.50 ? 2013 HOH A O   1 
HETATM 1336 O  O   . HOH J 7 .   ? 14.098  7.457   -2.184  1.00 47.07 ? 2014 HOH A O   1 
HETATM 1337 O  O   . HOH J 7 .   ? 10.494  11.359  7.731   1.00 29.58 ? 2015 HOH A O   1 
HETATM 1338 O  O   . HOH J 7 .   ? 7.763   14.921  8.834   1.00 41.34 ? 2016 HOH A O   1 
HETATM 1339 O  O   . HOH J 7 .   ? 4.016   9.769   -15.867 1.00 16.74 ? 2017 HOH A O   1 
HETATM 1340 O  O   . HOH J 7 .   ? -1.022  13.191  -11.872 1.00 38.15 ? 2018 HOH A O   1 
HETATM 1341 O  O   . HOH J 7 .   ? 0.942   10.616  10.057  1.00 47.06 ? 2019 HOH A O   1 
HETATM 1342 O  O   . HOH J 7 .   ? -3.303  9.248   10.406  1.00 25.63 ? 2020 HOH A O   1 
HETATM 1343 O  O   . HOH J 7 .   ? 7.126   7.476   -11.251 1.00 20.53 ? 2021 HOH A O   1 
HETATM 1344 O  O   . HOH J 7 .   ? 5.944   13.940  -10.446 1.00 25.51 ? 2022 HOH A O   1 
HETATM 1345 O  O   . HOH J 7 .   ? 1.308   17.640  -11.556 1.00 40.07 ? 2023 HOH A O   1 
HETATM 1346 O  O   . HOH J 7 .   ? -3.410  -0.298  18.370  1.00 27.94 ? 2024 HOH A O   1 
HETATM 1347 O  O   . HOH J 7 .   ? 10.456  12.553  -7.328  1.00 23.14 ? 2025 HOH A O   1 
HETATM 1348 O  O   . HOH J 7 .   ? 6.636   14.907  -1.813  1.00 23.53 ? 2026 HOH A O   1 
HETATM 1349 O  O   . HOH J 7 .   ? 12.476  9.537   -1.015  1.00 20.03 ? 2027 HOH A O   1 
HETATM 1350 O  O   . HOH J 7 .   ? 9.620   3.982   -5.869  1.00 26.42 ? 2028 HOH A O   1 
HETATM 1351 O  O   . HOH J 7 .   ? 9.349   8.779   -10.909 1.00 27.94 ? 2029 HOH A O   1 
HETATM 1352 O  O   . HOH J 7 .   ? 13.736  13.175  -2.454  1.00 29.68 ? 2030 HOH A O   1 
HETATM 1353 O  O   . HOH J 7 .   ? 12.620  10.695  2.716   1.00 25.90 ? 2031 HOH A O   1 
HETATM 1354 O  O   . HOH J 7 .   ? 7.034   14.096  5.602   1.00 32.59 ? 2032 HOH A O   1 
HETATM 1355 O  O   . HOH J 7 .   ? 11.560  11.251  5.396   1.00 33.66 ? 2033 HOH A O   1 
HETATM 1356 O  O   . HOH J 7 .   ? 12.622  8.492   1.986   1.00 34.75 ? 2034 HOH A O   1 
HETATM 1357 O  O   . HOH J 7 .   ? 14.679  2.445   5.214   1.00 40.80 ? 2035 HOH A O   1 
HETATM 1358 O  O   . HOH J 7 .   ? 14.429  4.997   -0.634  1.00 37.38 ? 2036 HOH A O   1 
HETATM 1359 O  O   . HOH J 7 .   ? 5.921   12.213  7.296   1.00 37.17 ? 2037 HOH A O   1 
HETATM 1360 O  O   . HOH J 7 .   ? -0.027  14.958  5.903   1.00 34.01 ? 2038 HOH A O   1 
HETATM 1361 O  O   . HOH J 7 .   ? -1.077  9.540   8.823   1.00 28.26 ? 2039 HOH A O   1 
HETATM 1362 O  O   . HOH J 7 .   ? -1.510  11.548  6.922   1.00 34.79 ? 2040 HOH A O   1 
HETATM 1363 O  O   . HOH J 7 .   ? 3.956   -1.356  -20.562 1.00 42.85 ? 2041 HOH A O   1 
HETATM 1364 O  O   . HOH J 7 .   ? -5.335  10.767  9.434   1.00 48.89 ? 2042 HOH A O   1 
HETATM 1365 O  O   . HOH J 7 .   ? -4.042  2.300   16.907  1.00 23.52 ? 2043 HOH A O   1 
HETATM 1366 O  O   . HOH J 7 .   ? -7.095  4.320   16.835  1.00 40.06 ? 2044 HOH A O   1 
HETATM 1367 O  O   . HOH J 7 .   ? -6.927  7.708   11.393  1.00 37.59 ? 2045 HOH A O   1 
HETATM 1368 O  O   . HOH J 7 .   ? -9.950  3.718   15.343  1.00 28.89 ? 2046 HOH A O   1 
HETATM 1369 O  O   . HOH J 7 .   ? -4.093  -2.845  18.138  1.00 18.63 ? 2047 HOH A O   1 
HETATM 1370 O  O   . HOH J 7 .   ? -11.469 -1.788  10.874  1.00 20.14 ? 2048 HOH A O   1 
HETATM 1371 O  O   . HOH J 7 .   ? -5.603  -8.406  13.033  1.00 28.87 ? 2049 HOH A O   1 
HETATM 1372 O  O   . HOH J 7 .   ? -10.950 -0.923  13.369  1.00 16.32 ? 2050 HOH A O   1 
HETATM 1373 O  O   . HOH J 7 .   ? 4.190   -9.882  12.561  1.00 21.33 ? 2051 HOH A O   1 
HETATM 1374 O  O   . HOH J 7 .   ? -6.910  19.559  -10.747 1.00 28.45 ? 2052 HOH A O   1 
HETATM 1375 O  O   . HOH J 7 .   ? 8.775   -7.727  18.220  1.00 45.54 ? 2053 HOH A O   1 
HETATM 1376 O  O   . HOH J 7 .   ? -6.124  9.742   -16.315 1.00 30.15 ? 2054 HOH A O   1 
HETATM 1377 O  O   . HOH J 7 .   ? 11.555  -2.219  9.514   1.00 33.31 ? 2055 HOH A O   1 
HETATM 1378 O  O   . HOH J 7 .   ? -10.438 5.973   -2.238  1.00 28.18 ? 2056 HOH A O   1 
HETATM 1379 O  O   . HOH J 7 .   ? -0.944  -2.834  20.233  1.00 40.35 ? 2057 HOH A O   1 
HETATM 1380 O  O   . HOH J 7 .   ? 9.196   2.406   18.711  1.00 29.32 ? 2058 HOH A O   1 
HETATM 1381 O  O   . HOH J 7 .   ? 6.464   -4.664  19.499  1.00 23.34 ? 2059 HOH A O   1 
HETATM 1382 O  O   . HOH J 7 .   ? 4.910   -5.321  22.313  1.00 33.88 ? 2060 HOH A O   1 
HETATM 1383 O  O   . HOH J 7 .   ? -1.531  0.430   20.244  1.00 38.40 ? 2061 HOH A O   1 
HETATM 1384 O  O   . HOH J 7 .   ? -2.029  4.044   19.442  1.00 43.37 ? 2062 HOH A O   1 
HETATM 1385 O  O   . HOH J 7 .   ? -2.162  2.965   24.793  1.00 36.64 ? 2063 HOH A O   1 
HETATM 1386 O  O   . HOH J 7 .   ? 3.180   8.785   23.910  1.00 19.18 ? 2064 HOH A O   1 
HETATM 1387 O  O   . HOH J 7 .   ? 0.112   10.286  21.042  1.00 20.31 ? 2065 HOH A O   1 
HETATM 1388 O  O   . HOH J 7 .   ? 6.456   11.547  18.368  1.00 25.98 ? 2066 HOH A O   1 
HETATM 1389 O  O   . HOH J 7 .   ? 8.724   4.918   19.097  1.00 29.82 ? 2067 HOH A O   1 
HETATM 1390 O  O   . HOH J 7 .   ? 7.404   6.781   12.264  1.00 22.05 ? 2068 HOH A O   1 
HETATM 1391 O  O   . HOH J 7 .   ? 12.836  9.137   16.416  1.00 32.27 ? 2069 HOH A O   1 
HETATM 1392 O  O   . HOH J 7 .   ? 15.290  6.983   9.967   1.00 34.03 ? 2070 HOH A O   1 
HETATM 1393 O  O   . HOH J 7 .   ? 13.961  4.672   9.197   1.00 36.85 ? 2071 HOH A O   1 
HETATM 1394 O  O   . HOH J 7 .   ? 9.944   -2.339  15.070  1.00 22.19 ? 2072 HOH A O   1 
HETATM 1395 O  O   . HOH J 7 .   ? 15.142  0.239   12.223  1.00 23.15 ? 2073 HOH A O   1 
HETATM 1396 O  O   . HOH J 7 .   ? 13.812  -3.377  10.877  1.00 30.79 ? 2074 HOH A O   1 
HETATM 1397 O  O   . HOH J 7 .   ? 13.389  10.265  10.190  1.00 32.08 ? 2075 HOH A O   1 
HETATM 1398 O  O   . HOH J 7 .   ? 10.585  -4.068  7.336   1.00 27.87 ? 2076 HOH A O   1 
HETATM 1399 O  O   . HOH J 7 .   ? 13.680  6.098   2.348   1.00 36.67 ? 2077 HOH A O   1 
HETATM 1400 O  O   . HOH J 7 .   ? 13.556  4.873   5.337   1.00 34.60 ? 2078 HOH A O   1 
HETATM 1401 O  O   . HOH J 7 .   ? 10.880  -2.919  -1.112  1.00 14.56 ? 2079 HOH A O   1 
HETATM 1402 O  O   . HOH J 7 .   ? 10.066  1.728   -6.429  1.00 27.92 ? 2080 HOH A O   1 
HETATM 1403 O  O   . HOH J 7 .   ? 10.307  -2.382  -6.218  1.00 11.71 ? 2081 HOH A O   1 
HETATM 1404 O  O   . HOH J 7 .   ? 13.358  3.015   -2.151  1.00 29.70 ? 2082 HOH A O   1 
HETATM 1405 O  O   . HOH J 7 .   ? 9.374   -1.783  -11.925 1.00 25.26 ? 2083 HOH A O   1 
HETATM 1406 O  O   . HOH J 7 .   ? 1.123   -2.473  -12.109 1.00 13.91 ? 2084 HOH A O   1 
HETATM 1407 O  O   . HOH J 7 .   ? 9.631   -1.333  -14.797 1.00 39.14 ? 2085 HOH A O   1 
HETATM 1408 O  O   . HOH J 7 .   ? 5.534   -3.210  -18.210 1.00 43.58 ? 2086 HOH A O   1 
HETATM 1409 O  O   . HOH J 7 .   ? 3.868   0.470   -22.526 1.00 26.09 ? 2087 HOH A O   1 
HETATM 1410 O  O   . HOH J 7 .   ? 0.701   -1.439  -19.695 1.00 30.21 ? 2088 HOH A O   1 
HETATM 1411 O  O   . HOH J 7 .   ? -2.718  -6.768  -14.657 1.00 32.64 ? 2089 HOH A O   1 
HETATM 1412 O  O   . HOH J 7 .   ? -0.909  -11.119 -11.537 1.00 31.54 ? 2090 HOH A O   1 
HETATM 1413 O  O   . HOH J 7 .   ? 2.159   -17.971 -12.295 1.00 46.71 ? 2091 HOH A O   1 
HETATM 1414 O  O   . HOH J 7 .   ? 7.979   -14.179 -9.193  1.00 13.49 ? 2092 HOH A O   1 
HETATM 1415 O  O   . HOH J 7 .   ? 6.889   -8.365  -14.502 1.00 44.60 ? 2093 HOH A O   1 
HETATM 1416 O  O   . HOH J 7 .   ? 6.322   -18.814 -8.743  1.00 31.48 ? 2094 HOH A O   1 
HETATM 1417 O  O   . HOH J 7 .   ? 6.441   -15.319 -1.238  1.00 21.17 ? 2095 HOH A O   1 
HETATM 1418 O  O   . HOH J 7 .   ? 5.811   -17.083 -4.009  1.00 30.11 ? 2096 HOH A O   1 
HETATM 1419 O  O   . HOH J 7 .   ? 8.862   -9.592  14.746  1.00 45.60 ? 2097 HOH A O   1 
HETATM 1420 O  O   . HOH J 7 .   ? 2.297   -21.209 5.888   1.00 26.74 ? 2098 HOH A O   1 
HETATM 1421 O  O   . HOH J 7 .   ? 3.655   -16.179 10.337  1.00 35.47 ? 2099 HOH A O   1 
HETATM 1422 O  O   . HOH J 7 .   ? 4.396   -12.299 9.802   1.00 26.79 ? 2100 HOH A O   1 
HETATM 1423 O  O   . HOH J 7 .   ? 1.189   -11.534 10.729  1.00 24.50 ? 2101 HOH A O   1 
HETATM 1424 O  O   . HOH J 7 .   ? -15.604 -2.678  1.102   1.00 20.57 ? 2102 HOH A O   1 
HETATM 1425 O  O   . HOH J 7 .   ? -8.961  3.603   -2.562  1.00 30.29 ? 2103 HOH A O   1 
HETATM 1426 O  O   . HOH J 7 .   ? -10.910 1.417   4.092   1.00 32.80 ? 2104 HOH A O   1 
HETATM 1427 O  O   . HOH J 7 .   ? -9.315  7.495   1.446   1.00 22.29 ? 2105 HOH A O   1 
HETATM 1428 O  O   . HOH J 7 .   ? 3.613   17.105  4.242   1.00 38.75 ? 2106 HOH A O   1 
HETATM 1429 O  O   . HOH J 7 .   ? 3.880   17.506  1.650   1.00 29.03 ? 2107 HOH A O   1 
HETATM 1430 O  O   . HOH J 7 .   ? -0.327  21.524  -1.876  1.00 24.33 ? 2108 HOH A O   1 
HETATM 1431 O  O   . HOH J 7 .   ? -4.939  19.850  -8.874  1.00 33.27 ? 2109 HOH A O   1 
HETATM 1432 O  O   . HOH J 7 .   ? -6.152  17.578  -3.540  1.00 23.06 ? 2110 HOH A O   1 
HETATM 1433 O  O   . HOH J 7 .   ? -1.368  14.645  -9.157  1.00 37.39 ? 2111 HOH A O   1 
HETATM 1434 O  O   . HOH J 7 .   ? -2.386  18.893  -9.825  1.00 26.57 ? 2112 HOH A O   1 
HETATM 1435 O  O   . HOH J 7 .   ? -9.196  15.768  -6.755  1.00 16.61 ? 2113 HOH A O   1 
HETATM 1436 O  O   . HOH J 7 .   ? -3.096  16.187  -9.973  1.00 29.81 ? 2114 HOH A O   1 
HETATM 1437 O  O   . HOH J 7 .   ? -11.715 11.742  -8.861  1.00 14.21 ? 2115 HOH A O   1 
HETATM 1438 O  O   . HOH J 7 .   ? -3.848  15.777  -12.563 1.00 36.54 ? 2116 HOH A O   1 
HETATM 1439 O  O   . HOH J 7 .   ? -9.344  16.403  -12.832 1.00 33.16 ? 2117 HOH A O   1 
HETATM 1440 O  O   . HOH J 7 .   ? -4.106  16.124  -15.688 1.00 36.99 ? 2118 HOH A O   1 
HETATM 1441 O  O   . HOH J 7 .   ? -8.466  9.573   -14.610 1.00 22.66 ? 2119 HOH A O   1 
HETATM 1442 O  O   . HOH J 7 .   ? -11.030 13.590  -6.785  1.00 18.39 ? 2120 HOH A O   1 
HETATM 1443 O  O   . HOH J 7 .   ? -11.121 5.222   -10.717 1.00 14.37 ? 2121 HOH A O   1 
HETATM 1444 O  O   . HOH J 7 .   ? -10.758 6.852   -4.798  1.00 18.18 ? 2122 HOH A O   1 
HETATM 1445 O  O   . HOH J 7 .   ? -8.663  -1.254  -12.067 1.00 24.03 ? 2123 HOH A O   1 
HETATM 1446 O  O   . HOH J 7 .   ? -1.555  -2.353  -10.375 1.00 21.41 ? 2124 HOH A O   1 
HETATM 1447 O  O   . HOH J 7 .   ? -10.820 -0.611  -11.459 1.00 34.21 ? 2125 HOH A O   1 
HETATM 1448 O  O   . HOH J 7 .   ? -12.499 2.783   -10.147 1.00 18.18 ? 2126 HOH A O   1 
HETATM 1449 O  O   . HOH J 7 .   ? -11.125 1.074   -4.269  1.00 21.49 ? 2127 HOH A O   1 
HETATM 1450 O  O   . HOH J 7 .   ? -8.390  1.546   -4.478  1.00 25.82 ? 2128 HOH A O   1 
HETATM 1451 O  O   . HOH J 7 .   ? -12.119 -10.453 -8.417  1.00 34.00 ? 2129 HOH A O   1 
HETATM 1452 O  O   . HOH J 7 .   ? -9.717  -11.511 -9.135  1.00 31.37 ? 2130 HOH A O   1 
HETATM 1453 O  O   . HOH J 7 .   ? -3.353  -12.583 -10.173 1.00 23.40 ? 2131 HOH A O   1 
HETATM 1454 O  O   . HOH J 7 .   ? -5.714  -11.723 -11.961 1.00 24.41 ? 2132 HOH A O   1 
HETATM 1455 O  O   . HOH J 7 .   ? -1.600  -9.875  -13.523 1.00 25.72 ? 2133 HOH A O   1 
HETATM 1456 O  O   . HOH J 7 .   ? -9.976  -13.702 -3.111  1.00 27.49 ? 2134 HOH A O   1 
HETATM 1457 O  O   . HOH J 7 .   ? -3.463  -15.246 -11.107 1.00 32.64 ? 2135 HOH A O   1 
HETATM 1458 O  O   . HOH J 7 .   ? -11.615 -17.888 -10.607 1.00 34.51 ? 2136 HOH A O   1 
HETATM 1459 O  O   . HOH J 7 .   ? -2.106  -18.048 -11.914 1.00 39.76 ? 2137 HOH A O   1 
HETATM 1460 O  O   . HOH J 7 .   ? -0.155  -18.386 -9.159  1.00 35.00 ? 2138 HOH A O   1 
HETATM 1461 O  O   . HOH J 7 .   ? -1.044  -22.760 -8.875  1.00 22.58 ? 2139 HOH A O   1 
HETATM 1462 O  O   . HOH J 7 .   ? -1.536  -17.921 -5.353  1.00 25.82 ? 2140 HOH A O   1 
HETATM 1463 O  O   . HOH J 7 .   ? -9.512  -20.967 4.325   1.00 25.58 ? 2141 HOH A O   1 
HETATM 1464 O  O   . HOH J 7 .   ? -9.408  -13.468 -0.105  1.00 39.46 ? 2142 HOH A O   1 
HETATM 1465 O  O   . HOH J 7 .   ? -9.747  -15.518 -1.339  1.00 35.09 ? 2143 HOH A O   1 
HETATM 1466 O  O   . HOH J 7 .   ? -10.249 -18.064 -0.817  1.00 27.12 ? 2144 HOH A O   1 
HETATM 1467 O  O   . HOH J 7 .   ? -8.939  -12.378 2.320   1.00 21.73 ? 2145 HOH A O   1 
HETATM 1468 O  O   . HOH J 7 .   ? -7.069  -12.347 10.028  1.00 31.45 ? 2146 HOH A O   1 
HETATM 1469 O  O   . HOH J 7 .   ? -8.857  -14.925 11.591  1.00 47.03 ? 2147 HOH A O   1 
HETATM 1470 O  O   . HOH J 7 .   ? -7.973  -18.747 5.496   1.00 31.53 ? 2148 HOH A O   1 
HETATM 1471 O  O   . HOH J 7 .   ? 9.929   -6.635  6.659   1.00 33.08 ? 2149 HOH A O   1 
HETATM 1472 O  O   . HOH J 7 .   ? 9.521   -10.290 5.363   1.00 41.20 ? 2150 HOH A O   1 
HETATM 1473 O  O   . HOH J 7 .   ? 8.074   -13.271 3.783   1.00 26.16 ? 2151 HOH A O   1 
HETATM 1474 O  O   . HOH J 7 .   ? 6.968   -11.007 10.350  1.00 28.07 ? 2152 HOH A O   1 
HETATM 1475 O  O   . HOH J 7 .   ? 9.770   -8.971  12.342  1.00 24.76 ? 2153 HOH A O   1 
HETATM 1476 O  O   . HOH J 7 .   ? 6.251   -7.466  12.536  1.00 27.61 ? 2154 HOH A O   1 
HETATM 1477 O  O   . HOH J 7 .   ? -6.025  5.587   21.113  1.00 36.73 ? 2155 HOH A O   1 
HETATM 1478 O  O   . HOH J 7 .   ? -3.247  6.267   24.157  1.00 17.55 ? 2156 HOH A O   1 
HETATM 1479 O  O   . HOH J 7 .   ? -6.589  -0.861  -21.381 1.00 33.72 ? 2157 HOH A O   1 
HETATM 1480 O  O   . HOH J 7 .   ? -9.385  -6.249  -22.783 1.00 21.93 ? 2158 HOH A O   1 
HETATM 1481 O  O   . HOH J 7 .   ? -6.171  15.949  4.633   1.00 29.13 ? 2159 HOH A O   1 
HETATM 1482 O  O   . HOH J 7 .   ? -7.792  13.968  12.250  1.00 29.47 ? 2160 HOH A O   1 
HETATM 1483 O  O   . HOH J 7 .   ? -7.180  4.134   8.293   1.00 30.62 ? 2161 HOH A O   1 
# 
loop_
_pdbx_poly_seq_scheme.asym_id 
_pdbx_poly_seq_scheme.entity_id 
_pdbx_poly_seq_scheme.seq_id 
_pdbx_poly_seq_scheme.mon_id 
_pdbx_poly_seq_scheme.ndb_seq_num 
_pdbx_poly_seq_scheme.pdb_seq_num 
_pdbx_poly_seq_scheme.auth_seq_num 
_pdbx_poly_seq_scheme.pdb_mon_id 
_pdbx_poly_seq_scheme.auth_mon_id 
_pdbx_poly_seq_scheme.pdb_strand_id 
_pdbx_poly_seq_scheme.pdb_ins_code 
_pdbx_poly_seq_scheme.hetero 
A 1 1   GLY 1   1   1   GLY GLY A . n 
A 1 2   LEU 2   2   2   LEU LEU A . n 
A 1 3   SER 3   3   3   SER SER A . n 
A 1 4   ASP 4   4   4   ASP ASP A . n 
A 1 5   GLY 5   5   5   GLY GLY A . n 
A 1 6   GLU 6   6   6   GLU GLU A . n 
A 1 7   TRP 7   7   7   TRP TRP A . n 
A 1 8   GLN 8   8   8   GLN GLN A . n 
A 1 9   GLN 9   9   9   GLN GLN A . n 
A 1 10  VAL 10  10  10  VAL VAL A . n 
A 1 11  LEU 11  11  11  LEU LEU A . n 
A 1 12  ASN 12  12  12  ASN ASN A . n 
A 1 13  VAL 13  13  13  VAL VAL A . n 
A 1 14  TRP 14  14  14  TRP TRP A . n 
A 1 15  GLY 15  15  15  GLY GLY A . n 
A 1 16  LYS 16  16  16  LYS LYS A . n 
A 1 17  VAL 17  17  17  VAL VAL A . n 
A 1 18  GLU 18  18  18  GLU GLU A . n 
A 1 19  ALA 19  19  19  ALA ALA A . n 
A 1 20  ASP 20  20  20  ASP ASP A . n 
A 1 21  ILE 21  21  21  ILE ILE A . n 
A 1 22  ALA 22  22  22  ALA ALA A . n 
A 1 23  GLY 23  23  23  GLY GLY A . n 
A 1 24  HIS 24  24  24  HIS HIS A . n 
A 1 25  GLY 25  25  25  GLY GLY A . n 
A 1 26  GLN 26  26  26  GLN GLN A . n 
A 1 27  GLU 27  27  27  GLU GLU A . n 
A 1 28  VAL 28  28  28  VAL VAL A . n 
A 1 29  LEU 29  29  29  LEU LEU A . n 
A 1 30  ILE 30  30  30  ILE ILE A . n 
A 1 31  ARG 31  31  31  ARG ARG A . n 
A 1 32  LEU 32  32  32  LEU LEU A . n 
A 1 33  PHE 33  33  33  PHE PHE A . n 
A 1 34  THR 34  34  34  THR THR A . n 
A 1 35  GLY 35  35  35  GLY GLY A . n 
A 1 36  HIS 36  36  36  HIS HIS A . n 
A 1 37  PRO 37  37  37  PRO PRO A . n 
A 1 38  GLU 38  38  38  GLU GLU A . n 
A 1 39  THR 39  39  39  THR THR A . n 
A 1 40  LEU 40  40  40  LEU LEU A . n 
A 1 41  GLU 41  41  41  GLU GLU A . n 
A 1 42  LYS 42  42  42  LYS LYS A . n 
A 1 43  PHE 43  43  43  PHE PHE A . n 
A 1 44  ASP 44  44  44  ASP ASP A . n 
A 1 45  LYS 45  45  45  LYS LYS A . n 
A 1 46  PHE 46  46  46  PHE PHE A . n 
A 1 47  LYS 47  47  47  LYS LYS A . n 
A 1 48  HIS 48  48  48  HIS HIS A . n 
A 1 49  LEU 49  49  49  LEU LEU A . n 
A 1 50  LYS 50  50  50  LYS LYS A . n 
A 1 51  THR 51  51  51  THR THR A . n 
A 1 52  GLU 52  52  52  GLU GLU A . n 
A 1 53  ALA 53  53  53  ALA ALA A . n 
A 1 54  GLU 54  54  54  GLU GLU A . n 
A 1 55  MET 55  55  55  MET MET A . n 
A 1 56  LYS 56  56  56  LYS LYS A . n 
A 1 57  ALA 57  57  57  ALA ALA A . n 
A 1 58  SER 58  58  58  SER SER A . n 
A 1 59  GLU 59  59  59  GLU GLU A . n 
A 1 60  ASP 60  60  60  ASP ASP A . n 
A 1 61  LEU 61  61  61  LEU LEU A . n 
A 1 62  LYS 62  62  62  LYS LYS A . n 
A 1 63  LYS 63  63  63  LYS LYS A . n 
A 1 64  HIS 64  64  64  HIS HIS A . n 
A 1 65  GLY 65  65  65  GLY GLY A . n 
A 1 66  THR 66  66  66  THR THR A . n 
A 1 67  VAL 67  67  67  VAL VAL A . n 
A 1 68  VAL 68  68  68  VAL VAL A . n 
A 1 69  LEU 69  69  69  LEU LEU A . n 
A 1 70  THR 70  70  70  THR THR A . n 
A 1 71  ALA 71  71  71  ALA ALA A . n 
A 1 72  LEU 72  72  72  LEU LEU A . n 
A 1 73  GLY 73  73  73  GLY GLY A . n 
A 1 74  GLY 74  74  74  GLY GLY A . n 
A 1 75  ILE 75  75  75  ILE ILE A . n 
A 1 76  LEU 76  76  76  LEU LEU A . n 
A 1 77  LYS 77  77  77  LYS LYS A . n 
A 1 78  LYS 78  78  78  LYS LYS A . n 
A 1 79  LYS 79  79  79  LYS LYS A . n 
A 1 80  GLY 80  80  80  GLY GLY A . n 
A 1 81  HIS 81  81  81  HIS HIS A . n 
A 1 82  HIS 82  82  82  HIS HIS A . n 
A 1 83  GLU 83  83  83  GLU GLU A . n 
A 1 84  ALA 84  84  84  ALA ALA A . n 
A 1 85  GLU 85  85  85  GLU GLU A . n 
A 1 86  LEU 86  86  86  LEU LEU A . n 
A 1 87  LYS 87  87  87  LYS LYS A . n 
A 1 88  PRO 88  88  88  PRO PRO A . n 
A 1 89  LEU 89  89  89  LEU LEU A . n 
A 1 90  ALA 90  90  90  ALA ALA A . n 
A 1 91  GLN 91  91  91  GLN GLN A . n 
A 1 92  SER 92  92  92  SER SER A . n 
A 1 93  HIS 93  93  93  HIS HIS A . n 
A 1 94  ALA 94  94  94  ALA ALA A . n 
A 1 95  THR 95  95  95  THR THR A . n 
A 1 96  LYS 96  96  96  LYS LYS A . n 
A 1 97  HIS 97  97  97  HIS HIS A . n 
A 1 98  LYS 98  98  98  LYS LYS A . n 
A 1 99  ILE 99  99  99  ILE ILE A . n 
A 1 100 PRO 100 100 100 PRO PRO A . n 
A 1 101 ILE 101 101 101 ILE ILE A . n 
A 1 102 LYS 102 102 102 LYS LYS A . n 
A 1 103 TYR 103 103 103 TYR TYR A . n 
A 1 104 LEU 104 104 104 LEU LEU A . n 
A 1 105 GLU 105 105 105 GLU GLU A . n 
A 1 106 PHE 106 106 106 PHE PHE A . n 
A 1 107 ILE 107 107 107 ILE ILE A . n 
A 1 108 SER 108 108 108 SER SER A . n 
A 1 109 ASP 109 109 109 ASP ASP A . n 
A 1 110 ALA 110 110 110 ALA ALA A . n 
A 1 111 ILE 111 111 111 ILE ILE A . n 
A 1 112 ILE 112 112 112 ILE ILE A . n 
A 1 113 HIS 113 113 113 HIS HIS A . n 
A 1 114 VAL 114 114 114 VAL VAL A . n 
A 1 115 LEU 115 115 115 LEU LEU A . n 
A 1 116 HIS 116 116 116 HIS HIS A . n 
A 1 117 SER 117 117 117 SER SER A . n 
A 1 118 LYS 118 118 118 LYS LYS A . n 
A 1 119 HIS 119 119 119 HIS HIS A . n 
A 1 120 PRO 120 120 120 PRO PRO A . n 
A 1 121 GLY 121 121 121 GLY GLY A . n 
A 1 122 ASP 122 122 122 ASP ASP A . n 
A 1 123 PHE 123 123 123 PHE PHE A . n 
A 1 124 GLY 124 124 124 GLY GLY A . n 
A 1 125 ALA 125 125 125 ALA ALA A . n 
A 1 126 ASP 126 126 126 ASP ASP A . n 
A 1 127 ALA 127 127 127 ALA ALA A . n 
A 1 128 GLN 128 128 128 GLN GLN A . n 
A 1 129 GLY 129 129 129 GLY GLY A . n 
A 1 130 ALA 130 130 130 ALA ALA A . n 
A 1 131 MET 131 131 131 MET MET A . n 
A 1 132 THR 132 132 132 THR THR A . n 
A 1 133 LYS 133 133 133 LYS LYS A . n 
A 1 134 ALA 134 134 134 ALA ALA A . n 
A 1 135 LEU 135 135 135 LEU LEU A . n 
A 1 136 GLU 136 136 136 GLU GLU A . n 
A 1 137 LEU 137 137 137 LEU LEU A . n 
A 1 138 PHE 138 138 138 PHE PHE A . n 
A 1 139 ARG 139 139 139 ARG ARG A . n 
A 1 140 ASN 140 140 140 ASN ASN A . n 
A 1 141 ASP 141 141 141 ASP ASP A . n 
A 1 142 ILE 142 142 142 ILE ILE A . n 
A 1 143 ALA 143 143 143 ALA ALA A . n 
A 1 144 ALA 144 144 144 ALA ALA A . n 
A 1 145 LYS 145 145 145 LYS LYS A . n 
A 1 146 TYR 146 146 146 TYR TYR A . n 
A 1 147 LYS 147 147 147 LYS LYS A . n 
A 1 148 GLU 148 148 148 GLU GLU A . n 
A 1 149 LEU 149 149 149 LEU LEU A . n 
A 1 150 GLY 150 150 150 GLY GLY A . n 
A 1 151 PHE 151 151 151 PHE PHE A . n 
A 1 152 GLN 152 152 152 GLN GLN A . n 
A 1 153 GLY 153 153 153 GLY GLY A . n 
# 
loop_
_pdbx_nonpoly_scheme.asym_id 
_pdbx_nonpoly_scheme.entity_id 
_pdbx_nonpoly_scheme.mon_id 
_pdbx_nonpoly_scheme.ndb_seq_num 
_pdbx_nonpoly_scheme.pdb_seq_num 
_pdbx_nonpoly_scheme.auth_seq_num 
_pdbx_nonpoly_scheme.pdb_mon_id 
_pdbx_nonpoly_scheme.auth_mon_id 
_pdbx_nonpoly_scheme.pdb_strand_id 
_pdbx_nonpoly_scheme.pdb_ins_code 
B 2 HEM 1   1154 1154 HEM HEM A . 
C 3 OXY 1   1155 1155 OXY OXY A . 
D 4 SO4 1   1156 1156 SO4 SO4 A . 
E 4 SO4 1   1157 1157 SO4 SO4 A . 
F 5 GOL 1   1158 1158 GOL GOL A . 
G 5 GOL 1   1159 1159 GOL GOL A . 
H 6 PEO 1   1160 1160 PEO PEO A . 
I 6 PEO 1   1161 1161 PEO PEO A . 
J 7 HOH 1   2001 2001 HOH HOH A . 
J 7 HOH 2   2002 2002 HOH HOH A . 
J 7 HOH 3   2003 2003 HOH HOH A . 
J 7 HOH 4   2004 2004 HOH HOH A . 
J 7 HOH 5   2005 2005 HOH HOH A . 
J 7 HOH 6   2006 2006 HOH HOH A . 
J 7 HOH 7   2007 2007 HOH HOH A . 
J 7 HOH 8   2008 2008 HOH HOH A . 
J 7 HOH 9   2009 2009 HOH HOH A . 
J 7 HOH 10  2010 2010 HOH HOH A . 
J 7 HOH 11  2011 2011 HOH HOH A . 
J 7 HOH 12  2012 2012 HOH HOH A . 
J 7 HOH 13  2013 2013 HOH HOH A . 
J 7 HOH 14  2014 2014 HOH HOH A . 
J 7 HOH 15  2015 2015 HOH HOH A . 
J 7 HOH 16  2016 2016 HOH HOH A . 
J 7 HOH 17  2017 2017 HOH HOH A . 
J 7 HOH 18  2018 2018 HOH HOH A . 
J 7 HOH 19  2019 2019 HOH HOH A . 
J 7 HOH 20  2020 2020 HOH HOH A . 
J 7 HOH 21  2021 2021 HOH HOH A . 
J 7 HOH 22  2022 2022 HOH HOH A . 
J 7 HOH 23  2023 2023 HOH HOH A . 
J 7 HOH 24  2024 2024 HOH HOH A . 
J 7 HOH 25  2025 2025 HOH HOH A . 
J 7 HOH 26  2026 2026 HOH HOH A . 
J 7 HOH 27  2027 2027 HOH HOH A . 
J 7 HOH 28  2028 2028 HOH HOH A . 
J 7 HOH 29  2029 2029 HOH HOH A . 
J 7 HOH 30  2030 2030 HOH HOH A . 
J 7 HOH 31  2031 2031 HOH HOH A . 
J 7 HOH 32  2032 2032 HOH HOH A . 
J 7 HOH 33  2033 2033 HOH HOH A . 
J 7 HOH 34  2034 2034 HOH HOH A . 
J 7 HOH 35  2035 2035 HOH HOH A . 
J 7 HOH 36  2036 2036 HOH HOH A . 
J 7 HOH 37  2037 2037 HOH HOH A . 
J 7 HOH 38  2038 2038 HOH HOH A . 
J 7 HOH 39  2039 2039 HOH HOH A . 
J 7 HOH 40  2040 2040 HOH HOH A . 
J 7 HOH 41  2041 2041 HOH HOH A . 
J 7 HOH 42  2042 2042 HOH HOH A . 
J 7 HOH 43  2043 2043 HOH HOH A . 
J 7 HOH 44  2044 2044 HOH HOH A . 
J 7 HOH 45  2045 2045 HOH HOH A . 
J 7 HOH 46  2046 2046 HOH HOH A . 
J 7 HOH 47  2047 2047 HOH HOH A . 
J 7 HOH 48  2048 2048 HOH HOH A . 
J 7 HOH 49  2049 2049 HOH HOH A . 
J 7 HOH 50  2050 2050 HOH HOH A . 
J 7 HOH 51  2051 2051 HOH HOH A . 
J 7 HOH 52  2052 2052 HOH HOH A . 
J 7 HOH 53  2053 2053 HOH HOH A . 
J 7 HOH 54  2054 2054 HOH HOH A . 
J 7 HOH 55  2055 2055 HOH HOH A . 
J 7 HOH 56  2056 2056 HOH HOH A . 
J 7 HOH 57  2057 2057 HOH HOH A . 
J 7 HOH 58  2058 2058 HOH HOH A . 
J 7 HOH 59  2059 2059 HOH HOH A . 
J 7 HOH 60  2060 2060 HOH HOH A . 
J 7 HOH 61  2061 2061 HOH HOH A . 
J 7 HOH 62  2062 2062 HOH HOH A . 
J 7 HOH 63  2063 2063 HOH HOH A . 
J 7 HOH 64  2064 2064 HOH HOH A . 
J 7 HOH 65  2065 2065 HOH HOH A . 
J 7 HOH 66  2066 2066 HOH HOH A . 
J 7 HOH 67  2067 2067 HOH HOH A . 
J 7 HOH 68  2068 2068 HOH HOH A . 
J 7 HOH 69  2069 2069 HOH HOH A . 
J 7 HOH 70  2070 2070 HOH HOH A . 
J 7 HOH 71  2071 2071 HOH HOH A . 
J 7 HOH 72  2072 2072 HOH HOH A . 
J 7 HOH 73  2073 2073 HOH HOH A . 
J 7 HOH 74  2074 2074 HOH HOH A . 
J 7 HOH 75  2075 2075 HOH HOH A . 
J 7 HOH 76  2076 2076 HOH HOH A . 
J 7 HOH 77  2077 2077 HOH HOH A . 
J 7 HOH 78  2078 2078 HOH HOH A . 
J 7 HOH 79  2079 2079 HOH HOH A . 
J 7 HOH 80  2080 2080 HOH HOH A . 
J 7 HOH 81  2081 2081 HOH HOH A . 
J 7 HOH 82  2082 2082 HOH HOH A . 
J 7 HOH 83  2083 2083 HOH HOH A . 
J 7 HOH 84  2084 2084 HOH HOH A . 
J 7 HOH 85  2085 2085 HOH HOH A . 
J 7 HOH 86  2086 2086 HOH HOH A . 
J 7 HOH 87  2087 2087 HOH HOH A . 
J 7 HOH 88  2088 2088 HOH HOH A . 
J 7 HOH 89  2089 2089 HOH HOH A . 
J 7 HOH 90  2090 2090 HOH HOH A . 
J 7 HOH 91  2091 2091 HOH HOH A . 
J 7 HOH 92  2092 2092 HOH HOH A . 
J 7 HOH 93  2093 2093 HOH HOH A . 
J 7 HOH 94  2094 2094 HOH HOH A . 
J 7 HOH 95  2095 2095 HOH HOH A . 
J 7 HOH 96  2096 2096 HOH HOH A . 
J 7 HOH 97  2097 2097 HOH HOH A . 
J 7 HOH 98  2098 2098 HOH HOH A . 
J 7 HOH 99  2099 2099 HOH HOH A . 
J 7 HOH 100 2100 2100 HOH HOH A . 
J 7 HOH 101 2101 2101 HOH HOH A . 
J 7 HOH 102 2102 2102 HOH HOH A . 
J 7 HOH 103 2103 2103 HOH HOH A . 
J 7 HOH 104 2104 2104 HOH HOH A . 
J 7 HOH 105 2105 2105 HOH HOH A . 
J 7 HOH 106 2106 2106 HOH HOH A . 
J 7 HOH 107 2107 2107 HOH HOH A . 
J 7 HOH 108 2108 2108 HOH HOH A . 
J 7 HOH 109 2109 2109 HOH HOH A . 
J 7 HOH 110 2110 2110 HOH HOH A . 
J 7 HOH 111 2111 2111 HOH HOH A . 
J 7 HOH 112 2112 2112 HOH HOH A . 
J 7 HOH 113 2113 2113 HOH HOH A . 
J 7 HOH 114 2114 2114 HOH HOH A . 
J 7 HOH 115 2115 2115 HOH HOH A . 
J 7 HOH 116 2116 2116 HOH HOH A . 
J 7 HOH 117 2117 2117 HOH HOH A . 
J 7 HOH 118 2118 2118 HOH HOH A . 
J 7 HOH 119 2119 2119 HOH HOH A . 
J 7 HOH 120 2120 2120 HOH HOH A . 
J 7 HOH 121 2121 2121 HOH HOH A . 
J 7 HOH 122 2122 2122 HOH HOH A . 
J 7 HOH 123 2123 2123 HOH HOH A . 
J 7 HOH 124 2124 2124 HOH HOH A . 
J 7 HOH 125 2125 2125 HOH HOH A . 
J 7 HOH 126 2126 2126 HOH HOH A . 
J 7 HOH 127 2127 2127 HOH HOH A . 
J 7 HOH 128 2128 2128 HOH HOH A . 
J 7 HOH 129 2129 2129 HOH HOH A . 
J 7 HOH 130 2130 2130 HOH HOH A . 
J 7 HOH 131 2131 2131 HOH HOH A . 
J 7 HOH 132 2132 2132 HOH HOH A . 
J 7 HOH 133 2133 2133 HOH HOH A . 
J 7 HOH 134 2134 2134 HOH HOH A . 
J 7 HOH 135 2135 2135 HOH HOH A . 
J 7 HOH 136 2136 2136 HOH HOH A . 
J 7 HOH 137 2137 2137 HOH HOH A . 
J 7 HOH 138 2138 2138 HOH HOH A . 
J 7 HOH 139 2139 2139 HOH HOH A . 
J 7 HOH 140 2140 2140 HOH HOH A . 
J 7 HOH 141 2141 2141 HOH HOH A . 
J 7 HOH 142 2142 2142 HOH HOH A . 
J 7 HOH 143 2143 2143 HOH HOH A . 
J 7 HOH 144 2144 2144 HOH HOH A . 
J 7 HOH 145 2145 2145 HOH HOH A . 
J 7 HOH 146 2146 2146 HOH HOH A . 
J 7 HOH 147 2147 2147 HOH HOH A . 
J 7 HOH 148 2148 2148 HOH HOH A . 
J 7 HOH 149 2149 2149 HOH HOH A . 
J 7 HOH 150 2150 2150 HOH HOH A . 
J 7 HOH 151 2151 2151 HOH HOH A . 
J 7 HOH 152 2152 2152 HOH HOH A . 
J 7 HOH 153 2153 2153 HOH HOH A . 
J 7 HOH 154 2154 2154 HOH HOH A . 
J 7 HOH 155 2155 2155 HOH HOH A . 
J 7 HOH 156 2156 2156 HOH HOH A . 
J 7 HOH 157 2157 2157 HOH HOH A . 
J 7 HOH 158 2158 2158 HOH HOH A . 
J 7 HOH 159 2159 2159 HOH HOH A . 
J 7 HOH 160 2160 2160 HOH HOH A . 
J 7 HOH 161 2161 2161 HOH HOH A . 
# 
_pdbx_struct_assembly.id                   1 
_pdbx_struct_assembly.details              author_and_software_defined_assembly 
_pdbx_struct_assembly.method_details       PISA 
_pdbx_struct_assembly.oligomeric_details   monomeric 
_pdbx_struct_assembly.oligomeric_count     1 
# 
_pdbx_struct_assembly_gen.assembly_id       1 
_pdbx_struct_assembly_gen.oper_expression   1 
_pdbx_struct_assembly_gen.asym_id_list      A,B,C,D,E,F,G,H,I,J 
# 
_pdbx_struct_oper_list.id                   1 
_pdbx_struct_oper_list.type                 'identity operation' 
_pdbx_struct_oper_list.name                 1_555 
_pdbx_struct_oper_list.symmetry_operation   x,y,z 
_pdbx_struct_oper_list.matrix[1][1]         1.0000000000 
_pdbx_struct_oper_list.matrix[1][2]         0.0000000000 
_pdbx_struct_oper_list.matrix[1][3]         0.0000000000 
_pdbx_struct_oper_list.vector[1]            0.0000000000 
_pdbx_struct_oper_list.matrix[2][1]         0.0000000000 
_pdbx_struct_oper_list.matrix[2][2]         1.0000000000 
_pdbx_struct_oper_list.matrix[2][3]         0.0000000000 
_pdbx_struct_oper_list.vector[2]            0.0000000000 
_pdbx_struct_oper_list.matrix[3][1]         0.0000000000 
_pdbx_struct_oper_list.matrix[3][2]         0.0000000000 
_pdbx_struct_oper_list.matrix[3][3]         1.0000000000 
_pdbx_struct_oper_list.vector[3]            0.0000000000 
# 
loop_
_pdbx_struct_conn_angle.id 
_pdbx_struct_conn_angle.ptnr1_label_atom_id 
_pdbx_struct_conn_angle.ptnr1_label_alt_id 
_pdbx_struct_conn_angle.ptnr1_label_asym_id 
_pdbx_struct_conn_angle.ptnr1_label_comp_id 
_pdbx_struct_conn_angle.ptnr1_label_seq_id 
_pdbx_struct_conn_angle.ptnr1_auth_atom_id 
_pdbx_struct_conn_angle.ptnr1_auth_asym_id 
_pdbx_struct_conn_angle.ptnr1_auth_comp_id 
_pdbx_struct_conn_angle.ptnr1_auth_seq_id 
_pdbx_struct_conn_angle.ptnr1_PDB_ins_code 
_pdbx_struct_conn_angle.ptnr1_symmetry 
_pdbx_struct_conn_angle.ptnr2_label_atom_id 
_pdbx_struct_conn_angle.ptnr2_label_alt_id 
_pdbx_struct_conn_angle.ptnr2_label_asym_id 
_pdbx_struct_conn_angle.ptnr2_label_comp_id 
_pdbx_struct_conn_angle.ptnr2_label_seq_id 
_pdbx_struct_conn_angle.ptnr2_auth_atom_id 
_pdbx_struct_conn_angle.ptnr2_auth_asym_id 
_pdbx_struct_conn_angle.ptnr2_auth_comp_id 
_pdbx_struct_conn_angle.ptnr2_auth_seq_id 
_pdbx_struct_conn_angle.ptnr2_PDB_ins_code 
_pdbx_struct_conn_angle.ptnr2_symmetry 
_pdbx_struct_conn_angle.ptnr3_label_atom_id 
_pdbx_struct_conn_angle.ptnr3_label_alt_id 
_pdbx_struct_conn_angle.ptnr3_label_asym_id 
_pdbx_struct_conn_angle.ptnr3_label_comp_id 
_pdbx_struct_conn_angle.ptnr3_label_seq_id 
_pdbx_struct_conn_angle.ptnr3_auth_atom_id 
_pdbx_struct_conn_angle.ptnr3_auth_asym_id 
_pdbx_struct_conn_angle.ptnr3_auth_comp_id 
_pdbx_struct_conn_angle.ptnr3_auth_seq_id 
_pdbx_struct_conn_angle.ptnr3_PDB_ins_code 
_pdbx_struct_conn_angle.ptnr3_symmetry 
_pdbx_struct_conn_angle.value 
_pdbx_struct_conn_angle.value_esd 
1  NE2 ? A HIS 93 ? A HIS 93   ? 1_555 FE ? B HEM . ? A HEM 1154 ? 1_555 NA ? B HEM . ? A HEM 1154 ? 1_555 91.8  ? 
2  NE2 ? A HIS 93 ? A HIS 93   ? 1_555 FE ? B HEM . ? A HEM 1154 ? 1_555 NB ? B HEM . ? A HEM 1154 ? 1_555 88.4  ? 
3  NA  ? B HEM .  ? A HEM 1154 ? 1_555 FE ? B HEM . ? A HEM 1154 ? 1_555 NB ? B HEM . ? A HEM 1154 ? 1_555 89.7  ? 
4  NE2 ? A HIS 93 ? A HIS 93   ? 1_555 FE ? B HEM . ? A HEM 1154 ? 1_555 NC ? B HEM . ? A HEM 1154 ? 1_555 90.5  ? 
5  NA  ? B HEM .  ? A HEM 1154 ? 1_555 FE ? B HEM . ? A HEM 1154 ? 1_555 NC ? B HEM . ? A HEM 1154 ? 1_555 177.0 ? 
6  NB  ? B HEM .  ? A HEM 1154 ? 1_555 FE ? B HEM . ? A HEM 1154 ? 1_555 NC ? B HEM . ? A HEM 1154 ? 1_555 88.3  ? 
7  NE2 ? A HIS 93 ? A HIS 93   ? 1_555 FE ? B HEM . ? A HEM 1154 ? 1_555 ND ? B HEM . ? A HEM 1154 ? 1_555 91.1  ? 
8  NA  ? B HEM .  ? A HEM 1154 ? 1_555 FE ? B HEM . ? A HEM 1154 ? 1_555 ND ? B HEM . ? A HEM 1154 ? 1_555 91.3  ? 
9  NB  ? B HEM .  ? A HEM 1154 ? 1_555 FE ? B HEM . ? A HEM 1154 ? 1_555 ND ? B HEM . ? A HEM 1154 ? 1_555 178.8 ? 
10 NC  ? B HEM .  ? A HEM 1154 ? 1_555 FE ? B HEM . ? A HEM 1154 ? 1_555 ND ? B HEM . ? A HEM 1154 ? 1_555 90.7  ? 
11 NE2 ? A HIS 93 ? A HIS 93   ? 1_555 FE ? B HEM . ? A HEM 1154 ? 1_555 O1 ? C OXY . ? A OXY 1155 ? 1_555 158.2 ? 
12 NA  ? B HEM .  ? A HEM 1154 ? 1_555 FE ? B HEM . ? A HEM 1154 ? 1_555 O1 ? C OXY . ? A OXY 1155 ? 1_555 109.2 ? 
13 NB  ? B HEM .  ? A HEM 1154 ? 1_555 FE ? B HEM . ? A HEM 1154 ? 1_555 O1 ? C OXY . ? A OXY 1155 ? 1_555 97.4  ? 
14 NC  ? B HEM .  ? A HEM 1154 ? 1_555 FE ? B HEM . ? A HEM 1154 ? 1_555 O1 ? C OXY . ? A OXY 1155 ? 1_555 68.8  ? 
15 ND  ? B HEM .  ? A HEM 1154 ? 1_555 FE ? B HEM . ? A HEM 1154 ? 1_555 O1 ? C OXY . ? A OXY 1155 ? 1_555 82.7  ? 
16 NE2 ? A HIS 93 ? A HIS 93   ? 1_555 FE ? B HEM . ? A HEM 1154 ? 1_555 O2 ? C OXY . ? A OXY 1155 ? 1_555 177.4 ? 
17 NA  ? B HEM .  ? A HEM 1154 ? 1_555 FE ? B HEM . ? A HEM 1154 ? 1_555 O2 ? C OXY . ? A OXY 1155 ? 1_555 88.0  ? 
18 NB  ? B HEM .  ? A HEM 1154 ? 1_555 FE ? B HEM . ? A HEM 1154 ? 1_555 O2 ? C OXY . ? A OXY 1155 ? 1_555 89.0  ? 
19 NC  ? B HEM .  ? A HEM 1154 ? 1_555 FE ? B HEM . ? A HEM 1154 ? 1_555 O2 ? C OXY . ? A OXY 1155 ? 1_555 89.7  ? 
20 ND  ? B HEM .  ? A HEM 1154 ? 1_555 FE ? B HEM . ? A HEM 1154 ? 1_555 O2 ? C OXY . ? A OXY 1155 ? 1_555 91.6  ? 
21 O1  ? C OXY .  ? A OXY 1155 ? 1_555 FE ? B HEM . ? A HEM 1154 ? 1_555 O2 ? C OXY . ? A OXY 1155 ? 1_555 22.9  ? 
# 
loop_
_pdbx_audit_revision_history.ordinal 
_pdbx_audit_revision_history.data_content_type 
_pdbx_audit_revision_history.major_revision 
_pdbx_audit_revision_history.minor_revision 
_pdbx_audit_revision_history.revision_date 
1 'Structure model' 1 0 2008-01-29 
2 'Structure model' 1 1 2011-06-02 
3 'Structure model' 1 2 2011-07-13 
4 'Structure model' 1 3 2023-12-13 
# 
_pdbx_audit_revision_details.ordinal             1 
_pdbx_audit_revision_details.revision_ordinal    1 
_pdbx_audit_revision_details.data_content_type   'Structure model' 
_pdbx_audit_revision_details.provider            repository 
_pdbx_audit_revision_details.type                'Initial release' 
_pdbx_audit_revision_details.description         ? 
_pdbx_audit_revision_details.details             ? 
# 
loop_
_pdbx_audit_revision_group.ordinal 
_pdbx_audit_revision_group.revision_ordinal 
_pdbx_audit_revision_group.data_content_type 
_pdbx_audit_revision_group.group 
1 2 'Structure model' 'Version format compliance' 
2 3 'Structure model' 'Version format compliance' 
3 4 'Structure model' 'Data collection'           
4 4 'Structure model' 'Database references'       
5 4 'Structure model' 'Derived calculations'      
6 4 'Structure model' Other                       
7 4 'Structure model' 'Refinement description'    
# 
loop_
_pdbx_audit_revision_category.ordinal 
_pdbx_audit_revision_category.revision_ordinal 
_pdbx_audit_revision_category.data_content_type 
_pdbx_audit_revision_category.category 
1 4 'Structure model' chem_comp_atom                
2 4 'Structure model' chem_comp_bond                
3 4 'Structure model' database_2                    
4 4 'Structure model' pdbx_database_status          
5 4 'Structure model' pdbx_initial_refinement_model 
6 4 'Structure model' pdbx_struct_conn_angle        
7 4 'Structure model' struct_conn                   
8 4 'Structure model' struct_site                   
# 
loop_
_pdbx_audit_revision_item.ordinal 
_pdbx_audit_revision_item.revision_ordinal 
_pdbx_audit_revision_item.data_content_type 
_pdbx_audit_revision_item.item 
1  4 'Structure model' '_database_2.pdbx_DOI'                        
2  4 'Structure model' '_database_2.pdbx_database_accession'         
3  4 'Structure model' '_pdbx_database_status.status_code_sf'        
4  4 'Structure model' '_pdbx_struct_conn_angle.ptnr1_auth_comp_id'  
5  4 'Structure model' '_pdbx_struct_conn_angle.ptnr1_auth_seq_id'   
6  4 'Structure model' '_pdbx_struct_conn_angle.ptnr1_label_asym_id' 
7  4 'Structure model' '_pdbx_struct_conn_angle.ptnr1_label_atom_id' 
8  4 'Structure model' '_pdbx_struct_conn_angle.ptnr1_label_comp_id' 
9  4 'Structure model' '_pdbx_struct_conn_angle.ptnr1_label_seq_id'  
10 4 'Structure model' '_pdbx_struct_conn_angle.ptnr3_auth_comp_id'  
11 4 'Structure model' '_pdbx_struct_conn_angle.ptnr3_auth_seq_id'   
12 4 'Structure model' '_pdbx_struct_conn_angle.ptnr3_label_asym_id' 
13 4 'Structure model' '_pdbx_struct_conn_angle.ptnr3_label_atom_id' 
14 4 'Structure model' '_pdbx_struct_conn_angle.ptnr3_label_comp_id' 
15 4 'Structure model' '_pdbx_struct_conn_angle.ptnr3_label_seq_id'  
16 4 'Structure model' '_pdbx_struct_conn_angle.value'               
17 4 'Structure model' '_struct_conn.pdbx_dist_value'                
18 4 'Structure model' '_struct_conn.ptnr1_auth_comp_id'             
19 4 'Structure model' '_struct_conn.ptnr1_auth_seq_id'              
20 4 'Structure model' '_struct_conn.ptnr1_label_asym_id'            
21 4 'Structure model' '_struct_conn.ptnr1_label_atom_id'            
22 4 'Structure model' '_struct_conn.ptnr1_label_comp_id'            
23 4 'Structure model' '_struct_conn.ptnr1_label_seq_id'             
24 4 'Structure model' '_struct_conn.ptnr2_auth_comp_id'             
25 4 'Structure model' '_struct_conn.ptnr2_auth_seq_id'              
26 4 'Structure model' '_struct_conn.ptnr2_label_asym_id'            
27 4 'Structure model' '_struct_conn.ptnr2_label_atom_id'            
28 4 'Structure model' '_struct_conn.ptnr2_label_comp_id'            
29 4 'Structure model' '_struct_conn.ptnr2_label_seq_id'             
30 4 'Structure model' '_struct_site.pdbx_auth_asym_id'              
31 4 'Structure model' '_struct_site.pdbx_auth_comp_id'              
32 4 'Structure model' '_struct_site.pdbx_auth_seq_id'               
# 
loop_
_software.name 
_software.classification 
_software.version 
_software.citation_id 
_software.pdbx_ordinal 
REFMAC refinement       5.2.0019 ? 1 
MOSFLM 'data reduction' .        ? 2 
SCALA  'data scaling'   .        ? 3 
CNS    phasing          .        ? 4 
# 
_pdbx_validate_close_contact.id               1 
_pdbx_validate_close_contact.PDB_model_num    1 
_pdbx_validate_close_contact.auth_atom_id_1   O2 
_pdbx_validate_close_contact.auth_asym_id_1   A 
_pdbx_validate_close_contact.auth_comp_id_1   GOL 
_pdbx_validate_close_contact.auth_seq_id_1    1159 
_pdbx_validate_close_contact.PDB_ins_code_1   ? 
_pdbx_validate_close_contact.label_alt_id_1   B 
_pdbx_validate_close_contact.auth_atom_id_2   O 
_pdbx_validate_close_contact.auth_asym_id_2   A 
_pdbx_validate_close_contact.auth_comp_id_2   HOH 
_pdbx_validate_close_contact.auth_seq_id_2    2161 
_pdbx_validate_close_contact.PDB_ins_code_2   ? 
_pdbx_validate_close_contact.label_alt_id_2   ? 
_pdbx_validate_close_contact.dist             2.12 
# 
_pdbx_validate_symm_contact.id                1 
_pdbx_validate_symm_contact.PDB_model_num     1 
_pdbx_validate_symm_contact.auth_atom_id_1    O 
_pdbx_validate_symm_contact.auth_asym_id_1    A 
_pdbx_validate_symm_contact.auth_comp_id_1    HOH 
_pdbx_validate_symm_contact.auth_seq_id_1     2026 
_pdbx_validate_symm_contact.PDB_ins_code_1    ? 
_pdbx_validate_symm_contact.label_alt_id_1    ? 
_pdbx_validate_symm_contact.site_symmetry_1   1_555 
_pdbx_validate_symm_contact.auth_atom_id_2    O 
_pdbx_validate_symm_contact.auth_asym_id_2    A 
_pdbx_validate_symm_contact.auth_comp_id_2    HOH 
_pdbx_validate_symm_contact.auth_seq_id_2     2070 
_pdbx_validate_symm_contact.PDB_ins_code_2    ? 
_pdbx_validate_symm_contact.label_alt_id_2    ? 
_pdbx_validate_symm_contact.site_symmetry_2   2_555 
_pdbx_validate_symm_contact.dist              2.04 
# 
loop_
_pdbx_validate_torsion.id 
_pdbx_validate_torsion.PDB_model_num 
_pdbx_validate_torsion.auth_comp_id 
_pdbx_validate_torsion.auth_asym_id 
_pdbx_validate_torsion.auth_seq_id 
_pdbx_validate_torsion.PDB_ins_code 
_pdbx_validate_torsion.label_alt_id 
_pdbx_validate_torsion.phi 
_pdbx_validate_torsion.psi 
1 1 ASP A 20 ? ? -153.08 76.10 
2 1 ASP A 20 ? ? -153.08 76.94 
# 
loop_
_chem_comp_atom.comp_id 
_chem_comp_atom.atom_id 
_chem_comp_atom.type_symbol 
_chem_comp_atom.pdbx_aromatic_flag 
_chem_comp_atom.pdbx_stereo_config 
_chem_comp_atom.pdbx_ordinal 
ALA N    N  N N 1   
ALA CA   C  N S 2   
ALA C    C  N N 3   
ALA O    O  N N 4   
ALA CB   C  N N 5   
ALA OXT  O  N N 6   
ALA H    H  N N 7   
ALA H2   H  N N 8   
ALA HA   H  N N 9   
ALA HB1  H  N N 10  
ALA HB2  H  N N 11  
ALA HB3  H  N N 12  
ALA HXT  H  N N 13  
ARG N    N  N N 14  
ARG CA   C  N S 15  
ARG C    C  N N 16  
ARG O    O  N N 17  
ARG CB   C  N N 18  
ARG CG   C  N N 19  
ARG CD   C  N N 20  
ARG NE   N  N N 21  
ARG CZ   C  N N 22  
ARG NH1  N  N N 23  
ARG NH2  N  N N 24  
ARG OXT  O  N N 25  
ARG H    H  N N 26  
ARG H2   H  N N 27  
ARG HA   H  N N 28  
ARG HB2  H  N N 29  
ARG HB3  H  N N 30  
ARG HG2  H  N N 31  
ARG HG3  H  N N 32  
ARG HD2  H  N N 33  
ARG HD3  H  N N 34  
ARG HE   H  N N 35  
ARG HH11 H  N N 36  
ARG HH12 H  N N 37  
ARG HH21 H  N N 38  
ARG HH22 H  N N 39  
ARG HXT  H  N N 40  
ASN N    N  N N 41  
ASN CA   C  N S 42  
ASN C    C  N N 43  
ASN O    O  N N 44  
ASN CB   C  N N 45  
ASN CG   C  N N 46  
ASN OD1  O  N N 47  
ASN ND2  N  N N 48  
ASN OXT  O  N N 49  
ASN H    H  N N 50  
ASN H2   H  N N 51  
ASN HA   H  N N 52  
ASN HB2  H  N N 53  
ASN HB3  H  N N 54  
ASN HD21 H  N N 55  
ASN HD22 H  N N 56  
ASN HXT  H  N N 57  
ASP N    N  N N 58  
ASP CA   C  N S 59  
ASP C    C  N N 60  
ASP O    O  N N 61  
ASP CB   C  N N 62  
ASP CG   C  N N 63  
ASP OD1  O  N N 64  
ASP OD2  O  N N 65  
ASP OXT  O  N N 66  
ASP H    H  N N 67  
ASP H2   H  N N 68  
ASP HA   H  N N 69  
ASP HB2  H  N N 70  
ASP HB3  H  N N 71  
ASP HD2  H  N N 72  
ASP HXT  H  N N 73  
GLN N    N  N N 74  
GLN CA   C  N S 75  
GLN C    C  N N 76  
GLN O    O  N N 77  
GLN CB   C  N N 78  
GLN CG   C  N N 79  
GLN CD   C  N N 80  
GLN OE1  O  N N 81  
GLN NE2  N  N N 82  
GLN OXT  O  N N 83  
GLN H    H  N N 84  
GLN H2   H  N N 85  
GLN HA   H  N N 86  
GLN HB2  H  N N 87  
GLN HB3  H  N N 88  
GLN HG2  H  N N 89  
GLN HG3  H  N N 90  
GLN HE21 H  N N 91  
GLN HE22 H  N N 92  
GLN HXT  H  N N 93  
GLU N    N  N N 94  
GLU CA   C  N S 95  
GLU C    C  N N 96  
GLU O    O  N N 97  
GLU CB   C  N N 98  
GLU CG   C  N N 99  
GLU CD   C  N N 100 
GLU OE1  O  N N 101 
GLU OE2  O  N N 102 
GLU OXT  O  N N 103 
GLU H    H  N N 104 
GLU H2   H  N N 105 
GLU HA   H  N N 106 
GLU HB2  H  N N 107 
GLU HB3  H  N N 108 
GLU HG2  H  N N 109 
GLU HG3  H  N N 110 
GLU HE2  H  N N 111 
GLU HXT  H  N N 112 
GLY N    N  N N 113 
GLY CA   C  N N 114 
GLY C    C  N N 115 
GLY O    O  N N 116 
GLY OXT  O  N N 117 
GLY H    H  N N 118 
GLY H2   H  N N 119 
GLY HA2  H  N N 120 
GLY HA3  H  N N 121 
GLY HXT  H  N N 122 
GOL C1   C  N N 123 
GOL O1   O  N N 124 
GOL C2   C  N N 125 
GOL O2   O  N N 126 
GOL C3   C  N N 127 
GOL O3   O  N N 128 
GOL H11  H  N N 129 
GOL H12  H  N N 130 
GOL HO1  H  N N 131 
GOL H2   H  N N 132 
GOL HO2  H  N N 133 
GOL H31  H  N N 134 
GOL H32  H  N N 135 
GOL HO3  H  N N 136 
HEM CHA  C  N N 137 
HEM CHB  C  N N 138 
HEM CHC  C  N N 139 
HEM CHD  C  N N 140 
HEM C1A  C  Y N 141 
HEM C2A  C  Y N 142 
HEM C3A  C  Y N 143 
HEM C4A  C  Y N 144 
HEM CMA  C  N N 145 
HEM CAA  C  N N 146 
HEM CBA  C  N N 147 
HEM CGA  C  N N 148 
HEM O1A  O  N N 149 
HEM O2A  O  N N 150 
HEM C1B  C  N N 151 
HEM C2B  C  N N 152 
HEM C3B  C  N N 153 
HEM C4B  C  N N 154 
HEM CMB  C  N N 155 
HEM CAB  C  N N 156 
HEM CBB  C  N N 157 
HEM C1C  C  Y N 158 
HEM C2C  C  Y N 159 
HEM C3C  C  Y N 160 
HEM C4C  C  Y N 161 
HEM CMC  C  N N 162 
HEM CAC  C  N N 163 
HEM CBC  C  N N 164 
HEM C1D  C  N N 165 
HEM C2D  C  N N 166 
HEM C3D  C  N N 167 
HEM C4D  C  N N 168 
HEM CMD  C  N N 169 
HEM CAD  C  N N 170 
HEM CBD  C  N N 171 
HEM CGD  C  N N 172 
HEM O1D  O  N N 173 
HEM O2D  O  N N 174 
HEM NA   N  Y N 175 
HEM NB   N  N N 176 
HEM NC   N  Y N 177 
HEM ND   N  N N 178 
HEM FE   FE N N 179 
HEM HHB  H  N N 180 
HEM HHC  H  N N 181 
HEM HHD  H  N N 182 
HEM HMA  H  N N 183 
HEM HMAA H  N N 184 
HEM HMAB H  N N 185 
HEM HAA  H  N N 186 
HEM HAAA H  N N 187 
HEM HBA  H  N N 188 
HEM HBAA H  N N 189 
HEM HMB  H  N N 190 
HEM HMBA H  N N 191 
HEM HMBB H  N N 192 
HEM HAB  H  N N 193 
HEM HBB  H  N N 194 
HEM HBBA H  N N 195 
HEM HMC  H  N N 196 
HEM HMCA H  N N 197 
HEM HMCB H  N N 198 
HEM HAC  H  N N 199 
HEM HBC  H  N N 200 
HEM HBCA H  N N 201 
HEM HMD  H  N N 202 
HEM HMDA H  N N 203 
HEM HMDB H  N N 204 
HEM HAD  H  N N 205 
HEM HADA H  N N 206 
HEM HBD  H  N N 207 
HEM HBDA H  N N 208 
HEM H2A  H  N N 209 
HEM H2D  H  N N 210 
HEM HHA  H  N N 211 
HIS N    N  N N 212 
HIS CA   C  N S 213 
HIS C    C  N N 214 
HIS O    O  N N 215 
HIS CB   C  N N 216 
HIS CG   C  Y N 217 
HIS ND1  N  Y N 218 
HIS CD2  C  Y N 219 
HIS CE1  C  Y N 220 
HIS NE2  N  Y N 221 
HIS OXT  O  N N 222 
HIS H    H  N N 223 
HIS H2   H  N N 224 
HIS HA   H  N N 225 
HIS HB2  H  N N 226 
HIS HB3  H  N N 227 
HIS HD1  H  N N 228 
HIS HD2  H  N N 229 
HIS HE1  H  N N 230 
HIS HE2  H  N N 231 
HIS HXT  H  N N 232 
HOH O    O  N N 233 
HOH H1   H  N N 234 
HOH H2   H  N N 235 
ILE N    N  N N 236 
ILE CA   C  N S 237 
ILE C    C  N N 238 
ILE O    O  N N 239 
ILE CB   C  N S 240 
ILE CG1  C  N N 241 
ILE CG2  C  N N 242 
ILE CD1  C  N N 243 
ILE OXT  O  N N 244 
ILE H    H  N N 245 
ILE H2   H  N N 246 
ILE HA   H  N N 247 
ILE HB   H  N N 248 
ILE HG12 H  N N 249 
ILE HG13 H  N N 250 
ILE HG21 H  N N 251 
ILE HG22 H  N N 252 
ILE HG23 H  N N 253 
ILE HD11 H  N N 254 
ILE HD12 H  N N 255 
ILE HD13 H  N N 256 
ILE HXT  H  N N 257 
LEU N    N  N N 258 
LEU CA   C  N S 259 
LEU C    C  N N 260 
LEU O    O  N N 261 
LEU CB   C  N N 262 
LEU CG   C  N N 263 
LEU CD1  C  N N 264 
LEU CD2  C  N N 265 
LEU OXT  O  N N 266 
LEU H    H  N N 267 
LEU H2   H  N N 268 
LEU HA   H  N N 269 
LEU HB2  H  N N 270 
LEU HB3  H  N N 271 
LEU HG   H  N N 272 
LEU HD11 H  N N 273 
LEU HD12 H  N N 274 
LEU HD13 H  N N 275 
LEU HD21 H  N N 276 
LEU HD22 H  N N 277 
LEU HD23 H  N N 278 
LEU HXT  H  N N 279 
LYS N    N  N N 280 
LYS CA   C  N S 281 
LYS C    C  N N 282 
LYS O    O  N N 283 
LYS CB   C  N N 284 
LYS CG   C  N N 285 
LYS CD   C  N N 286 
LYS CE   C  N N 287 
LYS NZ   N  N N 288 
LYS OXT  O  N N 289 
LYS H    H  N N 290 
LYS H2   H  N N 291 
LYS HA   H  N N 292 
LYS HB2  H  N N 293 
LYS HB3  H  N N 294 
LYS HG2  H  N N 295 
LYS HG3  H  N N 296 
LYS HD2  H  N N 297 
LYS HD3  H  N N 298 
LYS HE2  H  N N 299 
LYS HE3  H  N N 300 
LYS HZ1  H  N N 301 
LYS HZ2  H  N N 302 
LYS HZ3  H  N N 303 
LYS HXT  H  N N 304 
MET N    N  N N 305 
MET CA   C  N S 306 
MET C    C  N N 307 
MET O    O  N N 308 
MET CB   C  N N 309 
MET CG   C  N N 310 
MET SD   S  N N 311 
MET CE   C  N N 312 
MET OXT  O  N N 313 
MET H    H  N N 314 
MET H2   H  N N 315 
MET HA   H  N N 316 
MET HB2  H  N N 317 
MET HB3  H  N N 318 
MET HG2  H  N N 319 
MET HG3  H  N N 320 
MET HE1  H  N N 321 
MET HE2  H  N N 322 
MET HE3  H  N N 323 
MET HXT  H  N N 324 
OXY O1   O  N N 325 
OXY O2   O  N N 326 
PEO O1   O  N N 327 
PEO O2   O  N N 328 
PEO HO1  H  N N 329 
PEO HO2  H  N N 330 
PHE N    N  N N 331 
PHE CA   C  N S 332 
PHE C    C  N N 333 
PHE O    O  N N 334 
PHE CB   C  N N 335 
PHE CG   C  Y N 336 
PHE CD1  C  Y N 337 
PHE CD2  C  Y N 338 
PHE CE1  C  Y N 339 
PHE CE2  C  Y N 340 
PHE CZ   C  Y N 341 
PHE OXT  O  N N 342 
PHE H    H  N N 343 
PHE H2   H  N N 344 
PHE HA   H  N N 345 
PHE HB2  H  N N 346 
PHE HB3  H  N N 347 
PHE HD1  H  N N 348 
PHE HD2  H  N N 349 
PHE HE1  H  N N 350 
PHE HE2  H  N N 351 
PHE HZ   H  N N 352 
PHE HXT  H  N N 353 
PRO N    N  N N 354 
PRO CA   C  N S 355 
PRO C    C  N N 356 
PRO O    O  N N 357 
PRO CB   C  N N 358 
PRO CG   C  N N 359 
PRO CD   C  N N 360 
PRO OXT  O  N N 361 
PRO H    H  N N 362 
PRO HA   H  N N 363 
PRO HB2  H  N N 364 
PRO HB3  H  N N 365 
PRO HG2  H  N N 366 
PRO HG3  H  N N 367 
PRO HD2  H  N N 368 
PRO HD3  H  N N 369 
PRO HXT  H  N N 370 
SER N    N  N N 371 
SER CA   C  N S 372 
SER C    C  N N 373 
SER O    O  N N 374 
SER CB   C  N N 375 
SER OG   O  N N 376 
SER OXT  O  N N 377 
SER H    H  N N 378 
SER H2   H  N N 379 
SER HA   H  N N 380 
SER HB2  H  N N 381 
SER HB3  H  N N 382 
SER HG   H  N N 383 
SER HXT  H  N N 384 
SO4 S    S  N N 385 
SO4 O1   O  N N 386 
SO4 O2   O  N N 387 
SO4 O3   O  N N 388 
SO4 O4   O  N N 389 
THR N    N  N N 390 
THR CA   C  N S 391 
THR C    C  N N 392 
THR O    O  N N 393 
THR CB   C  N R 394 
THR OG1  O  N N 395 
THR CG2  C  N N 396 
THR OXT  O  N N 397 
THR H    H  N N 398 
THR H2   H  N N 399 
THR HA   H  N N 400 
THR HB   H  N N 401 
THR HG1  H  N N 402 
THR HG21 H  N N 403 
THR HG22 H  N N 404 
THR HG23 H  N N 405 
THR HXT  H  N N 406 
TRP N    N  N N 407 
TRP CA   C  N S 408 
TRP C    C  N N 409 
TRP O    O  N N 410 
TRP CB   C  N N 411 
TRP CG   C  Y N 412 
TRP CD1  C  Y N 413 
TRP CD2  C  Y N 414 
TRP NE1  N  Y N 415 
TRP CE2  C  Y N 416 
TRP CE3  C  Y N 417 
TRP CZ2  C  Y N 418 
TRP CZ3  C  Y N 419 
TRP CH2  C  Y N 420 
TRP OXT  O  N N 421 
TRP H    H  N N 422 
TRP H2   H  N N 423 
TRP HA   H  N N 424 
TRP HB2  H  N N 425 
TRP HB3  H  N N 426 
TRP HD1  H  N N 427 
TRP HE1  H  N N 428 
TRP HE3  H  N N 429 
TRP HZ2  H  N N 430 
TRP HZ3  H  N N 431 
TRP HH2  H  N N 432 
TRP HXT  H  N N 433 
TYR N    N  N N 434 
TYR CA   C  N S 435 
TYR C    C  N N 436 
TYR O    O  N N 437 
TYR CB   C  N N 438 
TYR CG   C  Y N 439 
TYR CD1  C  Y N 440 
TYR CD2  C  Y N 441 
TYR CE1  C  Y N 442 
TYR CE2  C  Y N 443 
TYR CZ   C  Y N 444 
TYR OH   O  N N 445 
TYR OXT  O  N N 446 
TYR H    H  N N 447 
TYR H2   H  N N 448 
TYR HA   H  N N 449 
TYR HB2  H  N N 450 
TYR HB3  H  N N 451 
TYR HD1  H  N N 452 
TYR HD2  H  N N 453 
TYR HE1  H  N N 454 
TYR HE2  H  N N 455 
TYR HH   H  N N 456 
TYR HXT  H  N N 457 
VAL N    N  N N 458 
VAL CA   C  N S 459 
VAL C    C  N N 460 
VAL O    O  N N 461 
VAL CB   C  N N 462 
VAL CG1  C  N N 463 
VAL CG2  C  N N 464 
VAL OXT  O  N N 465 
VAL H    H  N N 466 
VAL H2   H  N N 467 
VAL HA   H  N N 468 
VAL HB   H  N N 469 
VAL HG11 H  N N 470 
VAL HG12 H  N N 471 
VAL HG13 H  N N 472 
VAL HG21 H  N N 473 
VAL HG22 H  N N 474 
VAL HG23 H  N N 475 
VAL HXT  H  N N 476 
# 
loop_
_chem_comp_bond.comp_id 
_chem_comp_bond.atom_id_1 
_chem_comp_bond.atom_id_2 
_chem_comp_bond.value_order 
_chem_comp_bond.pdbx_aromatic_flag 
_chem_comp_bond.pdbx_stereo_config 
_chem_comp_bond.pdbx_ordinal 
ALA N   CA   sing N N 1   
ALA N   H    sing N N 2   
ALA N   H2   sing N N 3   
ALA CA  C    sing N N 4   
ALA CA  CB   sing N N 5   
ALA CA  HA   sing N N 6   
ALA C   O    doub N N 7   
ALA C   OXT  sing N N 8   
ALA CB  HB1  sing N N 9   
ALA CB  HB2  sing N N 10  
ALA CB  HB3  sing N N 11  
ALA OXT HXT  sing N N 12  
ARG N   CA   sing N N 13  
ARG N   H    sing N N 14  
ARG N   H2   sing N N 15  
ARG CA  C    sing N N 16  
ARG CA  CB   sing N N 17  
ARG CA  HA   sing N N 18  
ARG C   O    doub N N 19  
ARG C   OXT  sing N N 20  
ARG CB  CG   sing N N 21  
ARG CB  HB2  sing N N 22  
ARG CB  HB3  sing N N 23  
ARG CG  CD   sing N N 24  
ARG CG  HG2  sing N N 25  
ARG CG  HG3  sing N N 26  
ARG CD  NE   sing N N 27  
ARG CD  HD2  sing N N 28  
ARG CD  HD3  sing N N 29  
ARG NE  CZ   sing N N 30  
ARG NE  HE   sing N N 31  
ARG CZ  NH1  sing N N 32  
ARG CZ  NH2  doub N N 33  
ARG NH1 HH11 sing N N 34  
ARG NH1 HH12 sing N N 35  
ARG NH2 HH21 sing N N 36  
ARG NH2 HH22 sing N N 37  
ARG OXT HXT  sing N N 38  
ASN N   CA   sing N N 39  
ASN N   H    sing N N 40  
ASN N   H2   sing N N 41  
ASN CA  C    sing N N 42  
ASN CA  CB   sing N N 43  
ASN CA  HA   sing N N 44  
ASN C   O    doub N N 45  
ASN C   OXT  sing N N 46  
ASN CB  CG   sing N N 47  
ASN CB  HB2  sing N N 48  
ASN CB  HB3  sing N N 49  
ASN CG  OD1  doub N N 50  
ASN CG  ND2  sing N N 51  
ASN ND2 HD21 sing N N 52  
ASN ND2 HD22 sing N N 53  
ASN OXT HXT  sing N N 54  
ASP N   CA   sing N N 55  
ASP N   H    sing N N 56  
ASP N   H2   sing N N 57  
ASP CA  C    sing N N 58  
ASP CA  CB   sing N N 59  
ASP CA  HA   sing N N 60  
ASP C   O    doub N N 61  
ASP C   OXT  sing N N 62  
ASP CB  CG   sing N N 63  
ASP CB  HB2  sing N N 64  
ASP CB  HB3  sing N N 65  
ASP CG  OD1  doub N N 66  
ASP CG  OD2  sing N N 67  
ASP OD2 HD2  sing N N 68  
ASP OXT HXT  sing N N 69  
GLN N   CA   sing N N 70  
GLN N   H    sing N N 71  
GLN N   H2   sing N N 72  
GLN CA  C    sing N N 73  
GLN CA  CB   sing N N 74  
GLN CA  HA   sing N N 75  
GLN C   O    doub N N 76  
GLN C   OXT  sing N N 77  
GLN CB  CG   sing N N 78  
GLN CB  HB2  sing N N 79  
GLN CB  HB3  sing N N 80  
GLN CG  CD   sing N N 81  
GLN CG  HG2  sing N N 82  
GLN CG  HG3  sing N N 83  
GLN CD  OE1  doub N N 84  
GLN CD  NE2  sing N N 85  
GLN NE2 HE21 sing N N 86  
GLN NE2 HE22 sing N N 87  
GLN OXT HXT  sing N N 88  
GLU N   CA   sing N N 89  
GLU N   H    sing N N 90  
GLU N   H2   sing N N 91  
GLU CA  C    sing N N 92  
GLU CA  CB   sing N N 93  
GLU CA  HA   sing N N 94  
GLU C   O    doub N N 95  
GLU C   OXT  sing N N 96  
GLU CB  CG   sing N N 97  
GLU CB  HB2  sing N N 98  
GLU CB  HB3  sing N N 99  
GLU CG  CD   sing N N 100 
GLU CG  HG2  sing N N 101 
GLU CG  HG3  sing N N 102 
GLU CD  OE1  doub N N 103 
GLU CD  OE2  sing N N 104 
GLU OE2 HE2  sing N N 105 
GLU OXT HXT  sing N N 106 
GLY N   CA   sing N N 107 
GLY N   H    sing N N 108 
GLY N   H2   sing N N 109 
GLY CA  C    sing N N 110 
GLY CA  HA2  sing N N 111 
GLY CA  HA3  sing N N 112 
GLY C   O    doub N N 113 
GLY C   OXT  sing N N 114 
GLY OXT HXT  sing N N 115 
GOL C1  O1   sing N N 116 
GOL C1  C2   sing N N 117 
GOL C1  H11  sing N N 118 
GOL C1  H12  sing N N 119 
GOL O1  HO1  sing N N 120 
GOL C2  O2   sing N N 121 
GOL C2  C3   sing N N 122 
GOL C2  H2   sing N N 123 
GOL O2  HO2  sing N N 124 
GOL C3  O3   sing N N 125 
GOL C3  H31  sing N N 126 
GOL C3  H32  sing N N 127 
GOL O3  HO3  sing N N 128 
HEM CHA C1A  sing N N 129 
HEM CHA C4D  doub N N 130 
HEM CHA HHA  sing N N 131 
HEM CHB C4A  sing N N 132 
HEM CHB C1B  doub N N 133 
HEM CHB HHB  sing N N 134 
HEM CHC C4B  sing N N 135 
HEM CHC C1C  doub N N 136 
HEM CHC HHC  sing N N 137 
HEM CHD C4C  doub N N 138 
HEM CHD C1D  sing N N 139 
HEM CHD HHD  sing N N 140 
HEM C1A C2A  doub Y N 141 
HEM C1A NA   sing Y N 142 
HEM C2A C3A  sing Y N 143 
HEM C2A CAA  sing N N 144 
HEM C3A C4A  doub Y N 145 
HEM C3A CMA  sing N N 146 
HEM C4A NA   sing Y N 147 
HEM CMA HMA  sing N N 148 
HEM CMA HMAA sing N N 149 
HEM CMA HMAB sing N N 150 
HEM CAA CBA  sing N N 151 
HEM CAA HAA  sing N N 152 
HEM CAA HAAA sing N N 153 
HEM CBA CGA  sing N N 154 
HEM CBA HBA  sing N N 155 
HEM CBA HBAA sing N N 156 
HEM CGA O1A  doub N N 157 
HEM CGA O2A  sing N N 158 
HEM C1B C2B  sing N N 159 
HEM C1B NB   sing N N 160 
HEM C2B C3B  doub N N 161 
HEM C2B CMB  sing N N 162 
HEM C3B C4B  sing N N 163 
HEM C3B CAB  sing N N 164 
HEM C4B NB   doub N N 165 
HEM CMB HMB  sing N N 166 
HEM CMB HMBA sing N N 167 
HEM CMB HMBB sing N N 168 
HEM CAB CBB  doub N N 169 
HEM CAB HAB  sing N N 170 
HEM CBB HBB  sing N N 171 
HEM CBB HBBA sing N N 172 
HEM C1C C2C  sing Y N 173 
HEM C1C NC   sing Y N 174 
HEM C2C C3C  doub Y N 175 
HEM C2C CMC  sing N N 176 
HEM C3C C4C  sing Y N 177 
HEM C3C CAC  sing N N 178 
HEM C4C NC   sing Y N 179 
HEM CMC HMC  sing N N 180 
HEM CMC HMCA sing N N 181 
HEM CMC HMCB sing N N 182 
HEM CAC CBC  doub N N 183 
HEM CAC HAC  sing N N 184 
HEM CBC HBC  sing N N 185 
HEM CBC HBCA sing N N 186 
HEM C1D C2D  sing N N 187 
HEM C1D ND   doub N N 188 
HEM C2D C3D  doub N N 189 
HEM C2D CMD  sing N N 190 
HEM C3D C4D  sing N N 191 
HEM C3D CAD  sing N N 192 
HEM C4D ND   sing N N 193 
HEM CMD HMD  sing N N 194 
HEM CMD HMDA sing N N 195 
HEM CMD HMDB sing N N 196 
HEM CAD CBD  sing N N 197 
HEM CAD HAD  sing N N 198 
HEM CAD HADA sing N N 199 
HEM CBD CGD  sing N N 200 
HEM CBD HBD  sing N N 201 
HEM CBD HBDA sing N N 202 
HEM CGD O1D  doub N N 203 
HEM CGD O2D  sing N N 204 
HEM O2A H2A  sing N N 205 
HEM O2D H2D  sing N N 206 
HEM FE  NA   sing N N 207 
HEM FE  NB   sing N N 208 
HEM FE  NC   sing N N 209 
HEM FE  ND   sing N N 210 
HIS N   CA   sing N N 211 
HIS N   H    sing N N 212 
HIS N   H2   sing N N 213 
HIS CA  C    sing N N 214 
HIS CA  CB   sing N N 215 
HIS CA  HA   sing N N 216 
HIS C   O    doub N N 217 
HIS C   OXT  sing N N 218 
HIS CB  CG   sing N N 219 
HIS CB  HB2  sing N N 220 
HIS CB  HB3  sing N N 221 
HIS CG  ND1  sing Y N 222 
HIS CG  CD2  doub Y N 223 
HIS ND1 CE1  doub Y N 224 
HIS ND1 HD1  sing N N 225 
HIS CD2 NE2  sing Y N 226 
HIS CD2 HD2  sing N N 227 
HIS CE1 NE2  sing Y N 228 
HIS CE1 HE1  sing N N 229 
HIS NE2 HE2  sing N N 230 
HIS OXT HXT  sing N N 231 
HOH O   H1   sing N N 232 
HOH O   H2   sing N N 233 
ILE N   CA   sing N N 234 
ILE N   H    sing N N 235 
ILE N   H2   sing N N 236 
ILE CA  C    sing N N 237 
ILE CA  CB   sing N N 238 
ILE CA  HA   sing N N 239 
ILE C   O    doub N N 240 
ILE C   OXT  sing N N 241 
ILE CB  CG1  sing N N 242 
ILE CB  CG2  sing N N 243 
ILE CB  HB   sing N N 244 
ILE CG1 CD1  sing N N 245 
ILE CG1 HG12 sing N N 246 
ILE CG1 HG13 sing N N 247 
ILE CG2 HG21 sing N N 248 
ILE CG2 HG22 sing N N 249 
ILE CG2 HG23 sing N N 250 
ILE CD1 HD11 sing N N 251 
ILE CD1 HD12 sing N N 252 
ILE CD1 HD13 sing N N 253 
ILE OXT HXT  sing N N 254 
LEU N   CA   sing N N 255 
LEU N   H    sing N N 256 
LEU N   H2   sing N N 257 
LEU CA  C    sing N N 258 
LEU CA  CB   sing N N 259 
LEU CA  HA   sing N N 260 
LEU C   O    doub N N 261 
LEU C   OXT  sing N N 262 
LEU CB  CG   sing N N 263 
LEU CB  HB2  sing N N 264 
LEU CB  HB3  sing N N 265 
LEU CG  CD1  sing N N 266 
LEU CG  CD2  sing N N 267 
LEU CG  HG   sing N N 268 
LEU CD1 HD11 sing N N 269 
LEU CD1 HD12 sing N N 270 
LEU CD1 HD13 sing N N 271 
LEU CD2 HD21 sing N N 272 
LEU CD2 HD22 sing N N 273 
LEU CD2 HD23 sing N N 274 
LEU OXT HXT  sing N N 275 
LYS N   CA   sing N N 276 
LYS N   H    sing N N 277 
LYS N   H2   sing N N 278 
LYS CA  C    sing N N 279 
LYS CA  CB   sing N N 280 
LYS CA  HA   sing N N 281 
LYS C   O    doub N N 282 
LYS C   OXT  sing N N 283 
LYS CB  CG   sing N N 284 
LYS CB  HB2  sing N N 285 
LYS CB  HB3  sing N N 286 
LYS CG  CD   sing N N 287 
LYS CG  HG2  sing N N 288 
LYS CG  HG3  sing N N 289 
LYS CD  CE   sing N N 290 
LYS CD  HD2  sing N N 291 
LYS CD  HD3  sing N N 292 
LYS CE  NZ   sing N N 293 
LYS CE  HE2  sing N N 294 
LYS CE  HE3  sing N N 295 
LYS NZ  HZ1  sing N N 296 
LYS NZ  HZ2  sing N N 297 
LYS NZ  HZ3  sing N N 298 
LYS OXT HXT  sing N N 299 
MET N   CA   sing N N 300 
MET N   H    sing N N 301 
MET N   H2   sing N N 302 
MET CA  C    sing N N 303 
MET CA  CB   sing N N 304 
MET CA  HA   sing N N 305 
MET C   O    doub N N 306 
MET C   OXT  sing N N 307 
MET CB  CG   sing N N 308 
MET CB  HB2  sing N N 309 
MET CB  HB3  sing N N 310 
MET CG  SD   sing N N 311 
MET CG  HG2  sing N N 312 
MET CG  HG3  sing N N 313 
MET SD  CE   sing N N 314 
MET CE  HE1  sing N N 315 
MET CE  HE2  sing N N 316 
MET CE  HE3  sing N N 317 
MET OXT HXT  sing N N 318 
OXY O1  O2   doub N N 319 
PEO O1  O2   sing N N 320 
PEO O1  HO1  sing N N 321 
PEO O2  HO2  sing N N 322 
PHE N   CA   sing N N 323 
PHE N   H    sing N N 324 
PHE N   H2   sing N N 325 
PHE CA  C    sing N N 326 
PHE CA  CB   sing N N 327 
PHE CA  HA   sing N N 328 
PHE C   O    doub N N 329 
PHE C   OXT  sing N N 330 
PHE CB  CG   sing N N 331 
PHE CB  HB2  sing N N 332 
PHE CB  HB3  sing N N 333 
PHE CG  CD1  doub Y N 334 
PHE CG  CD2  sing Y N 335 
PHE CD1 CE1  sing Y N 336 
PHE CD1 HD1  sing N N 337 
PHE CD2 CE2  doub Y N 338 
PHE CD2 HD2  sing N N 339 
PHE CE1 CZ   doub Y N 340 
PHE CE1 HE1  sing N N 341 
PHE CE2 CZ   sing Y N 342 
PHE CE2 HE2  sing N N 343 
PHE CZ  HZ   sing N N 344 
PHE OXT HXT  sing N N 345 
PRO N   CA   sing N N 346 
PRO N   CD   sing N N 347 
PRO N   H    sing N N 348 
PRO CA  C    sing N N 349 
PRO CA  CB   sing N N 350 
PRO CA  HA   sing N N 351 
PRO C   O    doub N N 352 
PRO C   OXT  sing N N 353 
PRO CB  CG   sing N N 354 
PRO CB  HB2  sing N N 355 
PRO CB  HB3  sing N N 356 
PRO CG  CD   sing N N 357 
PRO CG  HG2  sing N N 358 
PRO CG  HG3  sing N N 359 
PRO CD  HD2  sing N N 360 
PRO CD  HD3  sing N N 361 
PRO OXT HXT  sing N N 362 
SER N   CA   sing N N 363 
SER N   H    sing N N 364 
SER N   H2   sing N N 365 
SER CA  C    sing N N 366 
SER CA  CB   sing N N 367 
SER CA  HA   sing N N 368 
SER C   O    doub N N 369 
SER C   OXT  sing N N 370 
SER CB  OG   sing N N 371 
SER CB  HB2  sing N N 372 
SER CB  HB3  sing N N 373 
SER OG  HG   sing N N 374 
SER OXT HXT  sing N N 375 
SO4 S   O1   doub N N 376 
SO4 S   O2   doub N N 377 
SO4 S   O3   sing N N 378 
SO4 S   O4   sing N N 379 
THR N   CA   sing N N 380 
THR N   H    sing N N 381 
THR N   H2   sing N N 382 
THR CA  C    sing N N 383 
THR CA  CB   sing N N 384 
THR CA  HA   sing N N 385 
THR C   O    doub N N 386 
THR C   OXT  sing N N 387 
THR CB  OG1  sing N N 388 
THR CB  CG2  sing N N 389 
THR CB  HB   sing N N 390 
THR OG1 HG1  sing N N 391 
THR CG2 HG21 sing N N 392 
THR CG2 HG22 sing N N 393 
THR CG2 HG23 sing N N 394 
THR OXT HXT  sing N N 395 
TRP N   CA   sing N N 396 
TRP N   H    sing N N 397 
TRP N   H2   sing N N 398 
TRP CA  C    sing N N 399 
TRP CA  CB   sing N N 400 
TRP CA  HA   sing N N 401 
TRP C   O    doub N N 402 
TRP C   OXT  sing N N 403 
TRP CB  CG   sing N N 404 
TRP CB  HB2  sing N N 405 
TRP CB  HB3  sing N N 406 
TRP CG  CD1  doub Y N 407 
TRP CG  CD2  sing Y N 408 
TRP CD1 NE1  sing Y N 409 
TRP CD1 HD1  sing N N 410 
TRP CD2 CE2  doub Y N 411 
TRP CD2 CE3  sing Y N 412 
TRP NE1 CE2  sing Y N 413 
TRP NE1 HE1  sing N N 414 
TRP CE2 CZ2  sing Y N 415 
TRP CE3 CZ3  doub Y N 416 
TRP CE3 HE3  sing N N 417 
TRP CZ2 CH2  doub Y N 418 
TRP CZ2 HZ2  sing N N 419 
TRP CZ3 CH2  sing Y N 420 
TRP CZ3 HZ3  sing N N 421 
TRP CH2 HH2  sing N N 422 
TRP OXT HXT  sing N N 423 
TYR N   CA   sing N N 424 
TYR N   H    sing N N 425 
TYR N   H2   sing N N 426 
TYR CA  C    sing N N 427 
TYR CA  CB   sing N N 428 
TYR CA  HA   sing N N 429 
TYR C   O    doub N N 430 
TYR C   OXT  sing N N 431 
TYR CB  CG   sing N N 432 
TYR CB  HB2  sing N N 433 
TYR CB  HB3  sing N N 434 
TYR CG  CD1  doub Y N 435 
TYR CG  CD2  sing Y N 436 
TYR CD1 CE1  sing Y N 437 
TYR CD1 HD1  sing N N 438 
TYR CD2 CE2  doub Y N 439 
TYR CD2 HD2  sing N N 440 
TYR CE1 CZ   doub Y N 441 
TYR CE1 HE1  sing N N 442 
TYR CE2 CZ   sing Y N 443 
TYR CE2 HE2  sing N N 444 
TYR CZ  OH   sing N N 445 
TYR OH  HH   sing N N 446 
TYR OXT HXT  sing N N 447 
VAL N   CA   sing N N 448 
VAL N   H    sing N N 449 
VAL N   H2   sing N N 450 
VAL CA  C    sing N N 451 
VAL CA  CB   sing N N 452 
VAL CA  HA   sing N N 453 
VAL C   O    doub N N 454 
VAL C   OXT  sing N N 455 
VAL CB  CG1  sing N N 456 
VAL CB  CG2  sing N N 457 
VAL CB  HB   sing N N 458 
VAL CG1 HG11 sing N N 459 
VAL CG1 HG12 sing N N 460 
VAL CG1 HG13 sing N N 461 
VAL CG2 HG21 sing N N 462 
VAL CG2 HG22 sing N N 463 
VAL CG2 HG23 sing N N 464 
VAL OXT HXT  sing N N 465 
# 
loop_
_pdbx_entity_nonpoly.entity_id 
_pdbx_entity_nonpoly.name 
_pdbx_entity_nonpoly.comp_id 
2 'PROTOPORPHYRIN IX CONTAINING FE' HEM 
3 'OXYGEN MOLECULE'                 OXY 
4 'SULFATE ION'                     SO4 
5 GLYCEROL                          GOL 
6 'HYDROGEN PEROXIDE'               PEO 
7 water                             HOH 
# 
_pdbx_initial_refinement_model.id               1 
_pdbx_initial_refinement_model.entity_id_list   ? 
_pdbx_initial_refinement_model.type             'experimental model' 
_pdbx_initial_refinement_model.source_name      PDB 
_pdbx_initial_refinement_model.accession_code   1GJN 
_pdbx_initial_refinement_model.details          'PDB ENTRY 1GJN' 
# 
